data_4A6A
#
_entry.id   4A6A
#
_cell.length_a   56.590
_cell.length_b   179.510
_cell.length_c   99.810
_cell.angle_alpha   90.00
_cell.angle_beta   96.28
_cell.angle_gamma   90.00
#
_symmetry.space_group_name_H-M   'P 1 21 1'
#
loop_
_entity.id
_entity.type
_entity.pdbx_description
1 polymer 'DEOXYCYTIDINE TRIPHOSPHATE DEAMINASE'
2 non-polymer "THYMIDINE-5'-TRIPHOSPHATE"
3 non-polymer 'MAGNESIUM ION'
4 water water
#
_entity_poly.entity_id   1
_entity_poly.type   'polypeptide(L)'
_entity_poly.pdbx_seq_one_letter_code
;MLLSDRDLRAEISSGRLGIDPFDDTLVQPSSIDVRLDCLFRVFNNTRYTHIDPAKQQDELTSLVQPVDGEPFVLHPGEFV
LGSTLELFTLPDNLAGRLEGKSSLGRLGLLTHSTVGFIDPGFSGHITLELSNVANLPITLWPGMKIGQLCMLRLTSPSEH
PYGSSRAGSKYQGQRGPTPSRSYQNFIRST
;
_entity_poly.pdbx_strand_id   A,B,C,D,E,F,G,H,I,J,K,L
#
# COMPACT_ATOMS: atom_id res chain seq x y z
N MET A 1 84.13 -6.14 21.75
CA MET A 1 84.77 -7.49 21.63
C MET A 1 83.78 -8.58 21.95
N LEU A 2 83.59 -9.50 21.02
CA LEU A 2 82.49 -10.46 21.10
C LEU A 2 82.97 -11.87 21.44
N LEU A 3 82.45 -12.48 22.51
CA LEU A 3 82.93 -13.82 22.90
C LEU A 3 82.57 -14.91 21.88
N SER A 4 83.56 -15.71 21.56
CA SER A 4 83.39 -16.89 20.74
C SER A 4 82.97 -18.06 21.65
N ASP A 5 82.67 -19.20 21.01
CA ASP A 5 82.25 -20.44 21.68
C ASP A 5 83.21 -20.94 22.75
N ARG A 6 84.50 -20.88 22.42
CA ARG A 6 85.60 -21.21 23.32
C ARG A 6 85.58 -20.38 24.60
N ASP A 7 85.35 -19.08 24.46
CA ASP A 7 85.39 -18.16 25.59
C ASP A 7 84.07 -18.09 26.35
N LEU A 8 82.98 -18.47 25.70
CA LEU A 8 81.68 -18.59 26.34
C LEU A 8 81.67 -19.77 27.29
N ARG A 9 82.05 -20.95 26.81
CA ARG A 9 82.16 -22.15 27.66
C ARG A 9 83.04 -21.87 28.87
N ALA A 10 84.15 -21.17 28.62
CA ALA A 10 85.07 -20.81 29.68
C ALA A 10 84.42 -19.95 30.76
N GLU A 11 83.45 -19.12 30.37
CA GLU A 11 82.82 -18.22 31.33
C GLU A 11 81.79 -18.97 32.15
N ILE A 12 81.15 -19.92 31.50
CA ILE A 12 80.12 -20.71 32.10
C ILE A 12 80.65 -21.69 33.11
N SER A 13 81.67 -22.46 32.73
CA SER A 13 82.26 -23.44 33.63
C SER A 13 83.12 -22.82 34.76
N SER A 14 83.53 -21.55 34.60
CA SER A 14 84.19 -20.82 35.69
C SER A 14 83.18 -20.20 36.65
N GLY A 15 81.88 -20.34 36.34
CA GLY A 15 80.80 -19.81 37.18
C GLY A 15 80.56 -18.30 37.15
N ARG A 16 81.19 -17.58 36.22
CA ARG A 16 81.03 -16.12 36.14
C ARG A 16 79.83 -15.68 35.32
N LEU A 17 79.53 -16.44 34.27
CA LEU A 17 78.29 -16.31 33.55
C LEU A 17 77.40 -17.48 33.91
N GLY A 18 76.23 -17.19 34.46
CA GLY A 18 75.31 -18.26 34.85
C GLY A 18 74.28 -18.53 33.79
N ILE A 19 74.11 -19.80 33.46
CA ILE A 19 73.00 -20.29 32.67
C ILE A 19 72.44 -21.54 33.32
N ASP A 20 71.14 -21.53 33.61
CA ASP A 20 70.52 -22.60 34.35
C ASP A 20 69.09 -22.87 33.88
N PRO A 21 68.82 -24.09 33.37
CA PRO A 21 69.79 -25.18 33.16
C PRO A 21 70.67 -24.98 31.91
N PHE A 22 71.95 -25.31 32.04
CA PHE A 22 72.88 -25.22 30.93
C PHE A 22 72.96 -26.53 30.15
N ASP A 23 73.07 -26.40 28.84
CA ASP A 23 73.21 -27.55 27.94
C ASP A 23 74.26 -27.25 26.87
N ASP A 24 75.34 -28.03 26.86
CA ASP A 24 76.52 -27.73 26.02
C ASP A 24 76.26 -27.72 24.51
N THR A 25 75.28 -28.51 24.08
CA THR A 25 74.94 -28.63 22.66
C THR A 25 74.22 -27.39 22.10
N LEU A 26 73.91 -26.44 22.98
CA LEU A 26 73.24 -25.22 22.58
C LEU A 26 74.24 -24.12 22.25
N VAL A 27 75.52 -24.34 22.59
CA VAL A 27 76.57 -23.40 22.24
C VAL A 27 76.90 -23.40 20.77
N GLN A 28 76.75 -22.23 20.16
CA GLN A 28 76.94 -21.99 18.73
C GLN A 28 78.25 -21.27 18.53
N PRO A 29 78.72 -21.14 17.27
CA PRO A 29 79.99 -20.44 17.00
C PRO A 29 80.23 -19.10 17.72
N SER A 30 79.20 -18.30 17.90
CA SER A 30 79.41 -16.97 18.41
C SER A 30 78.43 -16.61 19.56
N SER A 31 77.50 -17.52 19.81
CA SER A 31 76.37 -17.28 20.70
C SER A 31 75.86 -18.58 21.37
N ILE A 32 74.82 -18.45 22.17
CA ILE A 32 74.19 -19.63 22.74
C ILE A 32 72.65 -19.62 22.56
N ASP A 33 72.12 -20.68 21.91
CA ASP A 33 70.70 -20.80 21.61
C ASP A 33 69.85 -20.91 22.91
N VAL A 34 68.72 -20.21 22.99
CA VAL A 34 67.90 -20.23 24.20
C VAL A 34 66.52 -20.74 23.91
N ARG A 35 65.86 -21.29 24.92
CA ARG A 35 64.61 -22.04 24.69
C ARG A 35 63.40 -21.39 25.29
N LEU A 36 62.24 -21.61 24.67
CA LEU A 36 60.96 -21.06 25.12
C LEU A 36 60.35 -21.75 26.34
N ASP A 37 59.91 -20.96 27.32
CA ASP A 37 59.24 -21.48 28.52
C ASP A 37 57.79 -21.92 28.22
N CYS A 38 57.01 -22.26 29.25
CA CYS A 38 55.63 -22.71 28.99
C CYS A 38 54.54 -21.77 29.50
N LEU A 39 54.91 -20.59 29.94
CA LEU A 39 53.94 -19.57 30.30
C LEU A 39 53.93 -18.37 29.36
N PHE A 40 52.73 -17.88 29.07
CA PHE A 40 52.58 -16.73 28.21
C PHE A 40 51.67 -15.68 28.84
N ARG A 41 51.74 -14.45 28.35
CA ARG A 41 50.76 -13.42 28.71
C ARG A 41 50.08 -12.85 27.48
N VAL A 42 48.74 -12.91 27.50
CA VAL A 42 47.89 -12.39 26.40
C VAL A 42 47.23 -11.08 26.79
N PHE A 43 47.03 -10.23 25.80
CA PHE A 43 46.39 -8.95 26.02
C PHE A 43 44.92 -9.05 25.71
N ASN A 44 44.14 -9.44 26.70
CA ASN A 44 42.76 -9.76 26.44
C ASN A 44 41.82 -9.05 27.42
N ASN A 45 42.32 -7.99 28.04
CA ASN A 45 41.46 -7.12 28.83
C ASN A 45 40.40 -6.41 27.97
N THR A 46 39.20 -6.25 28.52
CA THR A 46 38.14 -5.46 27.84
C THR A 46 37.62 -4.23 28.59
N ARG A 47 38.34 -3.78 29.63
CA ARG A 47 37.93 -2.64 30.44
C ARG A 47 38.69 -1.40 30.03
N TYR A 48 40.00 -1.51 29.88
CA TYR A 48 40.83 -0.37 29.50
C TYR A 48 40.51 0.13 28.11
N THR A 49 40.64 1.44 27.92
CA THR A 49 40.43 2.08 26.63
C THR A 49 41.75 2.42 25.96
N HIS A 50 42.84 2.47 26.71
CA HIS A 50 44.13 2.84 26.13
C HIS A 50 45.22 2.41 27.06
N ILE A 51 46.45 2.33 26.55
CA ILE A 51 47.65 2.04 27.35
C ILE A 51 48.39 3.33 27.67
N ASP A 52 48.59 3.58 28.95
CA ASP A 52 49.33 4.76 29.38
C ASP A 52 50.59 4.30 30.07
N PRO A 53 51.76 4.43 29.42
CA PRO A 53 53.00 4.00 30.06
C PRO A 53 53.26 4.65 31.42
N ALA A 54 52.54 5.73 31.74
CA ALA A 54 52.73 6.48 32.98
C ALA A 54 51.94 5.90 34.16
N LYS A 55 50.97 5.02 33.86
CA LYS A 55 50.15 4.38 34.87
C LYS A 55 50.40 2.89 34.89
N GLN A 56 50.33 2.29 36.07
CA GLN A 56 50.38 0.84 36.19
C GLN A 56 49.02 0.30 35.78
N GLN A 57 49.02 -0.67 34.88
CA GLN A 57 47.72 -1.19 34.46
C GLN A 57 47.67 -2.68 34.68
N ASP A 58 47.23 -3.00 35.89
CA ASP A 58 47.29 -4.32 36.44
C ASP A 58 46.74 -5.45 35.61
N GLU A 59 45.49 -5.31 35.18
CA GLU A 59 44.78 -6.40 34.57
C GLU A 59 44.85 -6.36 33.05
N LEU A 60 45.96 -5.81 32.54
CA LEU A 60 46.16 -5.64 31.11
C LEU A 60 46.48 -6.96 30.45
N THR A 61 47.03 -7.89 31.20
CA THR A 61 47.48 -9.17 30.67
C THR A 61 46.93 -10.37 31.49
N SER A 62 46.82 -11.52 30.85
CA SER A 62 46.39 -12.75 31.52
C SER A 62 47.45 -13.81 31.35
N LEU A 63 47.68 -14.61 32.39
CA LEU A 63 48.59 -15.73 32.31
C LEU A 63 47.92 -16.94 31.67
N VAL A 64 48.57 -17.52 30.68
CA VAL A 64 48.04 -18.66 29.94
C VAL A 64 49.12 -19.74 29.87
N GLN A 65 48.72 -21.00 29.98
CA GLN A 65 49.69 -22.08 29.86
C GLN A 65 49.15 -23.20 29.01
N PRO A 66 49.81 -23.51 27.89
CA PRO A 66 49.28 -24.60 27.09
C PRO A 66 49.12 -25.88 27.93
N VAL A 67 48.02 -26.61 27.68
CA VAL A 67 47.85 -28.00 28.14
C VAL A 67 49.09 -28.80 27.72
N ASP A 68 49.58 -29.68 28.59
CA ASP A 68 50.87 -30.33 28.35
C ASP A 68 50.93 -31.24 27.12
N GLY A 69 51.92 -30.97 26.27
CA GLY A 69 52.05 -31.64 24.96
C GLY A 69 51.45 -30.82 23.84
N GLU A 70 50.56 -29.89 24.20
CA GLU A 70 49.90 -29.02 23.22
C GLU A 70 50.71 -27.75 22.94
N PRO A 71 50.47 -27.11 21.79
CA PRO A 71 51.18 -25.90 21.49
C PRO A 71 50.38 -24.67 21.89
N PHE A 72 51.08 -23.56 22.02
CA PHE A 72 50.43 -22.27 22.07
C PHE A 72 50.27 -21.74 20.64
N VAL A 73 49.06 -21.34 20.27
CA VAL A 73 48.84 -20.80 18.93
C VAL A 73 48.87 -19.26 18.84
N LEU A 74 49.86 -18.77 18.12
CA LEU A 74 50.05 -17.35 17.93
C LEU A 74 49.33 -16.92 16.65
N HIS A 75 48.30 -16.09 16.78
CA HIS A 75 47.52 -15.68 15.62
C HIS A 75 48.16 -14.54 14.84
N PRO A 76 47.92 -14.45 13.51
CA PRO A 76 48.49 -13.37 12.70
C PRO A 76 48.18 -12.03 13.30
N GLY A 77 49.21 -11.22 13.54
CA GLY A 77 49.04 -9.87 14.06
C GLY A 77 48.77 -9.80 15.56
N GLU A 78 48.82 -10.95 16.24
CA GLU A 78 48.73 -10.99 17.69
C GLU A 78 50.12 -10.70 18.31
N PHE A 79 50.12 -10.28 19.58
CA PHE A 79 51.32 -9.93 20.31
C PHE A 79 51.17 -10.54 21.69
N VAL A 80 52.14 -11.36 22.10
CA VAL A 80 52.12 -11.99 23.41
C VAL A 80 53.46 -11.86 24.07
N LEU A 81 53.52 -12.15 25.37
CA LEU A 81 54.78 -12.16 26.12
C LEU A 81 55.11 -13.59 26.51
N GLY A 82 56.36 -13.97 26.33
CA GLY A 82 56.83 -15.27 26.73
C GLY A 82 58.10 -15.14 27.54
N SER A 83 58.66 -16.27 27.93
CA SER A 83 59.80 -16.26 28.85
C SER A 83 60.83 -17.27 28.36
N THR A 84 62.06 -17.14 28.85
CA THR A 84 63.07 -18.13 28.57
C THR A 84 62.99 -19.23 29.60
N LEU A 85 63.26 -20.46 29.18
CA LEU A 85 63.42 -21.59 30.08
C LEU A 85 64.57 -21.33 31.04
N GLU A 86 65.71 -20.87 30.49
CA GLU A 86 66.94 -20.63 31.27
C GLU A 86 66.91 -19.36 32.12
N LEU A 87 67.72 -19.37 33.19
CA LEU A 87 67.93 -18.20 34.04
C LEU A 87 69.34 -17.73 33.79
N PHE A 88 69.47 -16.44 33.50
CA PHE A 88 70.75 -15.83 33.15
C PHE A 88 71.29 -14.96 34.28
N THR A 89 72.56 -15.15 34.63
CA THR A 89 73.25 -14.26 35.54
C THR A 89 74.50 -13.72 34.85
N LEU A 90 74.51 -12.42 34.54
CA LEU A 90 75.66 -11.83 33.90
C LEU A 90 76.54 -11.21 34.98
N PRO A 91 77.87 -11.26 34.81
CA PRO A 91 78.80 -10.55 35.68
C PRO A 91 78.75 -9.06 35.38
N ASP A 92 79.54 -8.26 36.08
CA ASP A 92 79.51 -6.83 35.82
C ASP A 92 80.48 -6.33 34.77
N ASN A 93 81.12 -7.23 34.03
CA ASN A 93 82.02 -6.81 32.94
C ASN A 93 81.63 -7.41 31.58
N LEU A 94 80.44 -7.99 31.50
CA LEU A 94 79.90 -8.51 30.26
C LEU A 94 78.52 -7.91 29.97
N ALA A 95 78.22 -7.67 28.69
CA ALA A 95 76.87 -7.26 28.24
C ALA A 95 76.29 -8.27 27.28
N GLY A 96 74.97 -8.39 27.25
CA GLY A 96 74.36 -9.43 26.45
C GLY A 96 73.58 -8.78 25.35
N ARG A 97 73.44 -9.49 24.24
CA ARG A 97 72.52 -9.08 23.17
C ARG A 97 71.70 -10.30 22.83
N LEU A 98 70.40 -10.10 22.78
CA LEU A 98 69.44 -11.17 22.43
C LEU A 98 68.92 -10.95 21.00
N GLU A 99 69.02 -11.97 20.15
CA GLU A 99 68.48 -11.88 18.79
C GLU A 99 67.65 -13.09 18.53
N GLY A 100 66.81 -13.01 17.49
CA GLY A 100 65.97 -14.14 17.12
C GLY A 100 66.80 -15.17 16.39
N LYS A 101 66.16 -16.22 15.90
CA LYS A 101 66.84 -17.17 15.04
C LYS A 101 66.35 -17.00 13.63
N SER A 102 67.27 -17.07 12.66
CA SER A 102 66.95 -17.02 11.24
C SER A 102 65.88 -18.00 10.79
N SER A 103 65.89 -19.23 11.28
CA SER A 103 64.87 -20.23 10.92
C SER A 103 63.44 -19.79 11.21
N LEU A 104 63.27 -18.95 12.22
CA LEU A 104 61.95 -18.61 12.70
C LEU A 104 61.54 -17.30 12.07
N GLY A 105 62.54 -16.46 11.85
CA GLY A 105 62.35 -15.18 11.21
C GLY A 105 61.78 -15.46 9.86
N ARG A 106 62.24 -16.53 9.23
CA ARG A 106 61.81 -16.84 7.86
C ARG A 106 60.40 -17.37 7.78
N LEU A 107 59.83 -17.71 8.94
CA LEU A 107 58.46 -18.17 9.05
C LEU A 107 57.51 -17.04 9.35
N GLY A 108 58.04 -15.88 9.72
CA GLY A 108 57.22 -14.74 10.09
C GLY A 108 57.04 -14.55 11.61
N LEU A 109 57.87 -15.23 12.40
CA LEU A 109 57.87 -15.09 13.84
C LEU A 109 58.91 -14.06 14.27
N LEU A 110 58.46 -12.90 14.66
CA LEU A 110 59.30 -11.89 15.28
C LEU A 110 59.37 -12.27 16.75
N THR A 111 60.58 -12.30 17.31
CA THR A 111 60.76 -13.00 18.57
C THR A 111 61.13 -12.18 19.82
N HIS A 112 61.84 -11.07 19.65
CA HIS A 112 61.70 -9.97 20.60
C HIS A 112 61.33 -8.86 19.63
N SER A 113 61.28 -7.62 20.08
CA SER A 113 61.19 -6.56 19.08
C SER A 113 61.63 -5.21 19.64
N THR A 114 62.67 -4.66 19.01
CA THR A 114 63.17 -3.29 19.31
C THR A 114 64.14 -3.24 20.54
N VAL A 115 64.18 -4.34 21.31
CA VAL A 115 64.88 -4.40 22.63
C VAL A 115 66.11 -5.35 22.69
N GLY A 116 67.30 -4.75 22.73
CA GLY A 116 68.52 -5.51 22.60
C GLY A 116 69.06 -5.88 23.95
N PHE A 117 69.51 -4.86 24.67
CA PHE A 117 70.48 -4.94 25.76
C PHE A 117 70.10 -5.79 26.93
N ILE A 118 70.93 -6.74 27.30
CA ILE A 118 70.88 -7.35 28.62
C ILE A 118 71.99 -6.65 29.41
N ASP A 119 71.65 -5.97 30.51
CA ASP A 119 72.60 -5.16 31.28
C ASP A 119 73.57 -5.97 32.15
N PRO A 120 74.84 -5.51 32.29
CA PRO A 120 75.80 -6.17 33.16
C PRO A 120 75.23 -6.26 34.58
N GLY A 121 75.32 -7.44 35.19
CA GLY A 121 74.78 -7.62 36.52
C GLY A 121 73.35 -8.10 36.55
N PHE A 122 72.70 -8.19 35.38
CA PHE A 122 71.32 -8.67 35.31
C PHE A 122 71.28 -10.14 35.70
N SER A 123 70.23 -10.50 36.42
CA SER A 123 70.00 -11.89 36.82
C SER A 123 68.52 -12.20 36.80
N GLY A 124 68.13 -13.21 36.04
CA GLY A 124 66.73 -13.59 35.96
C GLY A 124 66.44 -14.24 34.63
N HIS A 125 65.16 -14.53 34.40
CA HIS A 125 64.68 -15.05 33.13
C HIS A 125 64.49 -13.88 32.18
N ILE A 126 64.39 -14.18 30.89
CA ILE A 126 64.20 -13.12 29.90
C ILE A 126 62.80 -13.14 29.35
N THR A 127 62.18 -11.96 29.29
CA THR A 127 60.81 -11.81 28.81
C THR A 127 60.91 -11.57 27.33
N LEU A 128 60.06 -12.24 26.57
CA LEU A 128 60.11 -12.22 25.12
C LEU A 128 58.83 -11.70 24.55
N GLU A 129 58.98 -10.72 23.66
CA GLU A 129 57.82 -10.15 22.99
C GLU A 129 57.62 -10.91 21.66
N LEU A 130 56.62 -11.75 21.60
CA LEU A 130 56.44 -12.63 20.44
C LEU A 130 55.35 -12.09 19.55
N SER A 131 55.60 -12.10 18.26
CA SER A 131 54.75 -11.44 17.30
C SER A 131 54.67 -12.27 16.03
N ASN A 132 53.53 -12.26 15.37
CA ASN A 132 53.36 -13.01 14.13
C ASN A 132 53.03 -12.07 12.95
N VAL A 133 53.84 -12.09 11.90
CA VAL A 133 53.61 -11.22 10.75
C VAL A 133 53.25 -12.00 9.47
N ALA A 134 53.20 -13.32 9.57
CA ALA A 134 52.71 -14.14 8.49
C ALA A 134 51.15 -14.08 8.39
N ASN A 135 50.60 -14.67 7.35
CA ASN A 135 49.16 -14.69 7.23
C ASN A 135 48.52 -15.95 7.76
N LEU A 136 49.33 -16.89 8.28
CA LEU A 136 48.79 -18.02 9.02
C LEU A 136 49.19 -17.94 10.46
N PRO A 137 48.42 -18.57 11.36
CA PRO A 137 48.85 -18.76 12.76
C PRO A 137 50.06 -19.68 12.86
N ILE A 138 50.90 -19.46 13.86
CA ILE A 138 52.09 -20.29 14.10
C ILE A 138 51.89 -21.03 15.40
N THR A 139 52.25 -22.32 15.42
CA THR A 139 52.20 -23.10 16.68
C THR A 139 53.56 -23.07 17.37
N LEU A 140 53.61 -22.50 18.57
CA LEU A 140 54.84 -22.49 19.34
C LEU A 140 54.87 -23.66 20.32
N TRP A 141 55.95 -24.44 20.28
CA TRP A 141 56.08 -25.57 21.19
C TRP A 141 56.99 -25.20 22.35
N PRO A 142 56.49 -25.23 23.60
CA PRO A 142 57.32 -25.05 24.78
C PRO A 142 58.56 -25.93 24.71
N GLY A 143 59.71 -25.33 25.03
CA GLY A 143 61.01 -26.01 25.03
C GLY A 143 61.77 -25.89 23.72
N MET A 144 61.14 -25.29 22.72
CA MET A 144 61.77 -25.09 21.42
C MET A 144 62.82 -24.02 21.50
N LYS A 145 63.83 -24.08 20.66
CA LYS A 145 64.74 -22.95 20.57
C LYS A 145 64.01 -21.72 20.01
N ILE A 146 64.19 -20.58 20.64
CA ILE A 146 63.40 -19.42 20.29
C ILE A 146 64.24 -18.21 19.95
N GLY A 147 65.52 -18.24 20.29
CA GLY A 147 66.39 -17.09 20.15
C GLY A 147 67.79 -17.48 20.53
N GLN A 148 68.67 -16.51 20.64
CA GLN A 148 70.08 -16.78 20.88
C GLN A 148 70.70 -15.57 21.48
N LEU A 149 71.76 -15.81 22.24
CA LEU A 149 72.34 -14.80 23.11
C LEU A 149 73.84 -14.75 22.96
N CYS A 150 74.35 -13.57 22.65
CA CYS A 150 75.78 -13.37 22.55
C CYS A 150 76.27 -12.38 23.59
N MET A 151 77.58 -12.40 23.87
CA MET A 151 78.16 -11.62 24.96
C MET A 151 79.25 -10.66 24.44
N LEU A 152 79.12 -9.41 24.84
CA LEU A 152 80.11 -8.40 24.54
C LEU A 152 80.94 -8.11 25.74
N ARG A 153 82.27 -8.03 25.61
CA ARG A 153 83.12 -7.43 26.65
C ARG A 153 82.87 -5.89 26.83
N LEU A 154 82.86 -5.43 28.08
CA LEU A 154 82.88 -4.01 28.36
C LEU A 154 84.31 -3.53 28.48
N THR A 155 84.50 -2.23 28.22
CA THR A 155 85.80 -1.57 28.35
C THR A 155 86.39 -1.67 29.77
N SER A 156 85.52 -1.63 30.76
CA SER A 156 85.88 -1.78 32.15
C SER A 156 84.62 -2.23 32.90
N PRO A 157 84.76 -2.82 34.10
CA PRO A 157 83.57 -3.21 34.86
C PRO A 157 82.62 -2.07 35.14
N SER A 158 81.35 -2.40 35.16
CA SER A 158 80.28 -1.48 35.40
C SER A 158 80.43 -1.00 36.83
N GLU A 159 80.36 0.32 36.97
CA GLU A 159 80.48 1.00 38.25
C GLU A 159 79.24 0.71 39.10
N HIS A 160 78.08 0.88 38.48
CA HIS A 160 76.82 0.64 39.15
C HIS A 160 75.98 -0.32 38.31
N PRO A 161 76.18 -1.64 38.52
CA PRO A 161 75.58 -2.69 37.71
C PRO A 161 74.06 -2.69 37.79
N TYR A 162 73.43 -3.57 37.03
CA TYR A 162 71.99 -3.71 37.06
C TYR A 162 71.57 -4.31 38.39
N GLY A 163 70.44 -3.83 38.92
CA GLY A 163 69.99 -4.24 40.23
C GLY A 163 70.51 -3.40 41.37
N SER A 164 71.68 -2.79 41.23
CA SER A 164 72.18 -1.80 42.18
C SER A 164 71.18 -0.63 42.29
N SER A 165 71.15 0.02 43.45
CA SER A 165 70.10 1.01 43.72
C SER A 165 70.29 2.36 43.01
N ARG A 166 71.54 2.66 42.63
CA ARG A 166 71.86 3.81 41.82
C ARG A 166 71.29 3.73 40.38
N ALA A 167 71.18 2.51 39.84
CA ALA A 167 70.60 2.29 38.51
C ALA A 167 69.06 2.34 38.46
N GLY A 168 68.41 2.08 39.59
CA GLY A 168 66.93 2.10 39.67
C GLY A 168 66.22 1.03 38.85
N SER A 169 66.77 -0.18 38.86
CA SER A 169 66.35 -1.28 37.98
C SER A 169 65.03 -1.90 38.38
N LYS A 170 64.17 -2.15 37.39
CA LYS A 170 62.79 -2.58 37.61
C LYS A 170 62.59 -4.12 37.60
N TYR A 171 63.54 -4.86 37.05
CA TYR A 171 63.27 -6.26 36.71
C TYR A 171 64.21 -7.26 37.32
N GLN A 172 65.10 -6.83 38.23
CA GLN A 172 66.07 -7.77 38.87
C GLN A 172 65.38 -9.00 39.45
N GLY A 173 65.91 -10.18 39.13
CA GLY A 173 65.36 -11.48 39.52
C GLY A 173 63.97 -11.83 39.01
N GLN A 174 63.66 -11.54 37.75
CA GLN A 174 62.30 -11.77 37.25
C GLN A 174 62.10 -13.20 36.83
N ARG A 175 60.85 -13.66 36.93
CA ARG A 175 60.53 -15.08 36.82
C ARG A 175 59.75 -15.51 35.58
N GLY A 176 58.50 -15.10 35.52
CA GLY A 176 57.65 -15.54 34.43
C GLY A 176 57.77 -14.56 33.30
N PRO A 177 56.78 -14.57 32.37
CA PRO A 177 56.55 -13.43 31.48
C PRO A 177 56.08 -12.25 32.31
N THR A 178 56.97 -11.31 32.58
CA THR A 178 56.68 -10.23 33.51
C THR A 178 56.08 -9.04 32.79
N PRO A 179 54.95 -8.50 33.31
CA PRO A 179 54.36 -7.35 32.66
C PRO A 179 55.22 -6.10 32.80
N SER A 180 54.93 -5.09 31.99
CA SER A 180 55.67 -3.82 32.03
C SER A 180 55.52 -3.05 33.34
N ARG A 181 56.62 -2.45 33.77
CA ARG A 181 56.72 -1.72 35.02
C ARG A 181 57.15 -0.28 34.76
N SER A 182 56.82 0.27 33.59
CA SER A 182 57.32 1.61 33.22
C SER A 182 56.81 2.75 34.10
N TYR A 183 55.68 2.54 34.78
CA TYR A 183 55.10 3.57 35.64
C TYR A 183 56.01 3.91 36.81
N GLN A 184 56.81 2.94 37.22
CA GLN A 184 57.82 3.12 38.22
C GLN A 184 58.85 4.12 37.75
N ASN A 185 58.98 5.22 38.50
CA ASN A 185 59.97 6.28 38.21
C ASN A 185 59.76 6.96 36.85
N PHE A 186 58.50 7.00 36.39
CA PHE A 186 58.18 7.61 35.12
C PHE A 186 58.44 9.13 35.10
N ILE A 187 59.23 9.59 34.12
CA ILE A 187 59.45 11.04 33.89
C ILE A 187 58.79 11.55 32.58
N ARG A 188 58.47 12.85 32.55
CA ARG A 188 57.87 13.51 31.35
C ARG A 188 58.13 15.03 31.36
N SER A 189 57.49 15.79 30.46
CA SER A 189 57.63 17.28 30.46
C SER A 189 56.29 18.03 30.55
N MET B 1 6.23 -5.99 0.67
CA MET B 1 5.48 -4.89 1.34
C MET B 1 6.00 -4.69 2.75
N LEU B 2 6.38 -3.46 3.07
CA LEU B 2 7.08 -3.15 4.29
C LEU B 2 6.20 -2.46 5.33
N LEU B 3 6.09 -3.02 6.53
CA LEU B 3 5.20 -2.41 7.54
C LEU B 3 5.68 -1.04 8.01
N SER B 4 4.77 -0.10 8.06
CA SER B 4 5.03 1.20 8.68
C SER B 4 4.83 1.13 10.17
N ASP B 5 5.10 2.25 10.84
CA ASP B 5 4.95 2.39 12.30
C ASP B 5 3.60 2.02 12.78
N ARG B 6 2.58 2.59 12.13
CA ARG B 6 1.18 2.33 12.37
C ARG B 6 0.84 0.84 12.38
N ASP B 7 1.36 0.10 11.39
CA ASP B 7 1.05 -1.29 11.24
C ASP B 7 1.91 -2.21 12.10
N LEU B 8 3.09 -1.73 12.48
CA LEU B 8 3.95 -2.44 13.43
C LEU B 8 3.35 -2.46 14.80
N ARG B 9 2.93 -1.29 15.30
CA ARG B 9 2.24 -1.19 16.60
C ARG B 9 1.00 -2.09 16.61
N ALA B 10 0.26 -2.07 15.51
CA ALA B 10 -0.93 -2.92 15.35
C ALA B 10 -0.64 -4.42 15.49
N GLU B 11 0.53 -4.86 15.03
CA GLU B 11 0.96 -6.24 15.09
C GLU B 11 1.42 -6.61 16.48
N ILE B 12 2.04 -5.65 17.16
CA ILE B 12 2.53 -5.87 18.47
C ILE B 12 1.39 -5.98 19.47
N SER B 13 0.48 -5.01 19.46
CA SER B 13 -0.60 -4.99 20.43
C SER B 13 -1.68 -6.06 20.17
N SER B 14 -1.70 -6.60 18.96
CA SER B 14 -2.56 -7.74 18.65
C SER B 14 -1.92 -9.09 19.06
N GLY B 15 -0.68 -9.04 19.53
CA GLY B 15 0.03 -10.21 20.00
C GLY B 15 0.60 -11.15 18.94
N ARG B 16 0.56 -10.76 17.67
CA ARG B 16 1.05 -11.63 16.59
C ARG B 16 2.54 -11.49 16.37
N LEU B 17 3.07 -10.29 16.59
CA LEU B 17 4.50 -10.05 16.61
C LEU B 17 4.90 -9.82 18.05
N GLY B 18 5.77 -10.67 18.57
CA GLY B 18 6.22 -10.54 19.94
C GLY B 18 7.52 -9.77 20.07
N ILE B 19 7.51 -8.75 20.91
CA ILE B 19 8.74 -8.11 21.37
C ILE B 19 8.68 -7.98 22.89
N ASP B 20 9.71 -8.49 23.56
CA ASP B 20 9.72 -8.52 25.01
C ASP B 20 11.11 -8.26 25.62
N PRO B 21 11.27 -7.19 26.41
CA PRO B 21 10.28 -6.15 26.73
C PRO B 21 10.04 -5.15 25.60
N PHE B 22 8.78 -4.80 25.39
CA PHE B 22 8.46 -3.82 24.38
C PHE B 22 8.49 -2.41 24.97
N ASP B 23 8.93 -1.46 24.16
CA ASP B 23 8.92 -0.05 24.54
C ASP B 23 8.50 0.80 23.34
N ASP B 24 7.35 1.43 23.44
CA ASP B 24 6.74 2.20 22.33
C ASP B 24 7.64 3.30 21.73
N THR B 25 8.49 3.92 22.54
CA THR B 25 9.30 5.04 22.08
C THR B 25 10.44 4.59 21.19
N LEU B 26 10.57 3.29 21.03
CA LEU B 26 11.57 2.71 20.14
C LEU B 26 11.05 2.51 18.73
N VAL B 27 9.74 2.61 18.54
CA VAL B 27 9.15 2.55 17.20
C VAL B 27 9.48 3.77 16.34
N GLN B 28 10.06 3.53 15.17
CA GLN B 28 10.57 4.52 14.24
C GLN B 28 9.69 4.48 13.01
N PRO B 29 9.79 5.47 12.08
CA PRO B 29 8.87 5.55 10.92
C PRO B 29 8.61 4.24 10.16
N SER B 30 9.61 3.38 10.10
CA SER B 30 9.53 2.21 9.24
C SER B 30 10.03 0.94 9.92
N SER B 31 10.48 1.06 11.17
CA SER B 31 11.23 0.02 11.85
C SER B 31 11.17 0.18 13.36
N ILE B 32 11.83 -0.70 14.09
CA ILE B 32 11.87 -0.61 15.53
C ILE B 32 13.33 -0.78 16.00
N ASP B 33 13.85 0.21 16.74
CA ASP B 33 15.21 0.23 17.26
C ASP B 33 15.33 -0.89 18.33
N VAL B 34 16.46 -1.61 18.35
CA VAL B 34 16.71 -2.71 19.33
C VAL B 34 17.95 -2.46 20.14
N ARG B 35 18.00 -3.04 21.33
CA ARG B 35 19.03 -2.69 22.30
C ARG B 35 19.98 -3.81 22.60
N LEU B 36 21.24 -3.45 22.88
CA LEU B 36 22.31 -4.40 23.24
C LEU B 36 22.16 -4.99 24.62
N ASP B 37 22.30 -6.32 24.71
CA ASP B 37 22.29 -7.04 25.97
C ASP B 37 23.62 -6.90 26.70
N CYS B 38 23.80 -7.60 27.82
CA CYS B 38 25.04 -7.46 28.59
C CYS B 38 25.95 -8.67 28.59
N LEU B 39 25.72 -9.65 27.73
CA LEU B 39 26.69 -10.73 27.54
C LEU B 39 27.36 -10.75 26.18
N PHE B 40 28.65 -11.05 26.17
CA PHE B 40 29.42 -11.14 24.94
C PHE B 40 30.16 -12.46 24.84
N ARG B 41 30.53 -12.85 23.62
CA ARG B 41 31.49 -13.92 23.40
C ARG B 41 32.71 -13.46 22.62
N VAL B 42 33.88 -13.72 23.21
CA VAL B 42 35.17 -13.36 22.61
C VAL B 42 35.86 -14.58 22.07
N PHE B 43 36.67 -14.40 21.03
CA PHE B 43 37.39 -15.49 20.40
C PHE B 43 38.81 -15.47 20.91
N ASN B 44 39.03 -16.14 22.01
CA ASN B 44 40.32 -16.02 22.67
C ASN B 44 40.92 -17.39 22.99
N ASN B 45 40.46 -18.40 22.27
CA ASN B 45 41.05 -19.73 22.34
C ASN B 45 42.48 -19.74 21.79
N THR B 46 43.35 -20.54 22.39
CA THR B 46 44.73 -20.64 21.89
C THR B 46 45.15 -22.07 21.57
N ARG B 47 44.19 -22.99 21.45
CA ARG B 47 44.49 -24.40 21.16
C ARG B 47 44.25 -24.75 19.69
N TYR B 48 43.17 -24.20 19.13
CA TYR B 48 42.78 -24.49 17.75
C TYR B 48 43.68 -23.76 16.78
N THR B 49 43.92 -24.37 15.63
CA THR B 49 44.77 -23.81 14.59
C THR B 49 43.98 -23.25 13.42
N HIS B 50 42.70 -23.58 13.33
CA HIS B 50 41.87 -23.12 12.24
C HIS B 50 40.41 -23.33 12.56
N ILE B 51 39.54 -22.60 11.86
CA ILE B 51 38.12 -22.79 11.98
C ILE B 51 37.60 -23.67 10.84
N ASP B 52 36.94 -24.78 11.19
CA ASP B 52 36.34 -25.67 10.24
C ASP B 52 34.81 -25.69 10.41
N PRO B 53 34.07 -25.00 9.53
CA PRO B 53 32.60 -24.95 9.70
C PRO B 53 31.97 -26.33 9.83
N ALA B 54 32.70 -27.40 9.48
CA ALA B 54 32.13 -28.74 9.41
C ALA B 54 32.28 -29.49 10.73
N LYS B 55 33.04 -28.91 11.65
CA LYS B 55 33.28 -29.50 12.95
C LYS B 55 32.71 -28.55 13.98
N GLN B 56 32.16 -29.11 15.05
CA GLN B 56 31.78 -28.31 16.19
C GLN B 56 33.06 -27.95 16.92
N GLN B 57 33.20 -26.68 17.28
CA GLN B 57 34.41 -26.28 17.99
C GLN B 57 34.09 -25.58 19.27
N ASP B 58 33.98 -26.40 20.31
CA ASP B 58 33.37 -26.06 21.58
C ASP B 58 33.94 -24.84 22.26
N GLU B 59 35.26 -24.86 22.43
CA GLU B 59 35.91 -23.87 23.25
C GLU B 59 36.45 -22.72 22.44
N LEU B 60 35.81 -22.46 21.31
CA LEU B 60 36.25 -21.43 20.42
C LEU B 60 35.99 -20.05 20.98
N THR B 61 35.03 -19.95 21.88
CA THR B 61 34.58 -18.66 22.41
C THR B 61 34.48 -18.69 23.93
N SER B 62 34.54 -17.52 24.56
CA SER B 62 34.36 -17.39 26.01
C SER B 62 33.26 -16.40 26.28
N LEU B 63 32.51 -16.65 27.33
CA LEU B 63 31.48 -15.73 27.78
C LEU B 63 32.08 -14.65 28.68
N VAL B 64 31.75 -13.39 28.38
CA VAL B 64 32.27 -12.23 29.11
C VAL B 64 31.11 -11.29 29.43
N GLN B 65 31.15 -10.69 30.61
CA GLN B 65 30.12 -9.72 31.00
C GLN B 65 30.76 -8.52 31.66
N PRO B 66 30.54 -7.32 31.11
CA PRO B 66 31.14 -6.15 31.73
C PRO B 66 30.68 -6.08 33.16
N VAL B 67 31.57 -5.65 34.05
CA VAL B 67 31.23 -5.23 35.42
C VAL B 67 30.15 -4.14 35.33
N ASP B 68 29.16 -4.20 36.22
CA ASP B 68 27.97 -3.35 36.08
C ASP B 68 28.24 -1.84 36.14
N GLY B 69 27.74 -1.13 35.12
CA GLY B 69 27.99 0.30 34.93
C GLY B 69 29.17 0.54 34.01
N GLU B 70 30.00 -0.48 33.81
CA GLU B 70 31.18 -0.37 32.96
C GLU B 70 30.84 -0.74 31.54
N PRO B 71 31.67 -0.31 30.57
CA PRO B 71 31.42 -0.66 29.21
C PRO B 71 32.22 -1.88 28.78
N PHE B 72 31.78 -2.51 27.69
CA PHE B 72 32.59 -3.45 26.95
C PHE B 72 33.46 -2.70 25.92
N VAL B 73 34.76 -2.96 25.89
CA VAL B 73 35.67 -2.26 24.93
C VAL B 73 35.99 -3.12 23.72
N LEU B 74 35.45 -2.73 22.59
CA LEU B 74 35.70 -3.39 21.33
C LEU B 74 36.94 -2.79 20.66
N HIS B 75 38.02 -3.58 20.53
CA HIS B 75 39.28 -3.10 19.95
C HIS B 75 39.22 -3.06 18.44
N PRO B 76 40.03 -2.16 17.83
CA PRO B 76 40.05 -2.08 16.35
C PRO B 76 40.39 -3.43 15.78
N GLY B 77 39.55 -3.91 14.85
CA GLY B 77 39.77 -5.17 14.13
C GLY B 77 39.44 -6.41 14.94
N GLU B 78 38.82 -6.22 16.09
CA GLU B 78 38.30 -7.33 16.87
C GLU B 78 36.90 -7.70 16.36
N PHE B 79 36.48 -8.90 16.73
CA PHE B 79 35.20 -9.46 16.32
C PHE B 79 34.66 -10.22 17.53
N VAL B 80 33.46 -9.83 17.95
CA VAL B 80 32.78 -10.43 19.12
C VAL B 80 31.32 -10.74 18.81
N LEU B 81 30.70 -11.56 19.62
CA LEU B 81 29.28 -11.84 19.47
C LEU B 81 28.52 -11.20 20.61
N GLY B 82 27.38 -10.61 20.30
CA GLY B 82 26.52 -9.98 21.31
C GLY B 82 25.12 -10.49 21.13
N SER B 83 24.19 -9.92 21.89
CA SER B 83 22.82 -10.40 21.87
C SER B 83 21.88 -9.22 21.98
N THR B 84 20.63 -9.42 21.58
CA THR B 84 19.62 -8.40 21.80
C THR B 84 18.97 -8.54 23.17
N LEU B 85 18.67 -7.40 23.80
CA LEU B 85 17.94 -7.38 25.05
C LEU B 85 16.58 -8.04 24.81
N GLU B 86 15.90 -7.63 23.75
CA GLU B 86 14.56 -8.09 23.42
C GLU B 86 14.56 -9.53 22.90
N LEU B 87 13.42 -10.22 23.07
CA LEU B 87 13.14 -11.54 22.51
C LEU B 87 12.08 -11.36 21.46
N PHE B 88 12.37 -11.79 20.24
CA PHE B 88 11.44 -11.64 19.14
C PHE B 88 10.71 -12.93 18.81
N THR B 89 9.40 -12.83 18.60
CA THR B 89 8.61 -13.95 18.07
C THR B 89 7.92 -13.44 16.84
N LEU B 90 8.23 -14.02 15.68
CA LEU B 90 7.58 -13.61 14.43
C LEU B 90 6.53 -14.62 14.08
N PRO B 91 5.42 -14.15 13.52
CA PRO B 91 4.41 -15.05 12.98
C PRO B 91 4.89 -15.78 11.70
N ASP B 92 4.02 -16.58 11.10
CA ASP B 92 4.46 -17.29 9.92
C ASP B 92 4.13 -16.61 8.60
N ASN B 93 3.67 -15.36 8.66
CA ASN B 93 3.41 -14.55 7.46
C ASN B 93 4.19 -13.26 7.45
N LEU B 94 5.17 -13.11 8.34
CA LEU B 94 6.07 -11.93 8.35
C LEU B 94 7.52 -12.36 8.29
N ALA B 95 8.36 -11.57 7.64
CA ALA B 95 9.80 -11.80 7.65
C ALA B 95 10.46 -10.54 8.21
N GLY B 96 11.63 -10.70 8.82
CA GLY B 96 12.30 -9.56 9.45
C GLY B 96 13.59 -9.30 8.78
N ARG B 97 13.99 -8.04 8.77
CA ARG B 97 15.32 -7.68 8.32
C ARG B 97 15.98 -6.87 9.41
N LEU B 98 17.20 -7.24 9.78
CA LEU B 98 17.98 -6.54 10.79
C LEU B 98 19.01 -5.63 10.10
N GLU B 99 19.10 -4.37 10.49
CA GLU B 99 20.17 -3.49 9.98
C GLU B 99 20.77 -2.71 11.13
N GLY B 100 21.94 -2.12 10.91
CA GLY B 100 22.61 -1.35 11.93
C GLY B 100 21.95 -0.01 11.96
N LYS B 101 22.48 0.89 12.80
CA LYS B 101 22.06 2.30 12.86
C LYS B 101 23.13 3.18 12.24
N SER B 102 22.70 4.13 11.42
CA SER B 102 23.58 5.11 10.82
C SER B 102 24.50 5.86 11.81
N SER B 103 24.01 6.18 13.02
CA SER B 103 24.83 6.90 14.02
C SER B 103 26.05 6.10 14.45
N LEU B 104 25.91 4.77 14.46
CA LEU B 104 27.00 3.89 14.86
C LEU B 104 27.89 3.51 13.66
N GLY B 105 27.26 3.26 12.53
CA GLY B 105 28.04 3.06 11.34
C GLY B 105 29.05 4.16 11.12
N ARG B 106 28.68 5.41 11.40
CA ARG B 106 29.55 6.56 11.15
C ARG B 106 30.74 6.63 12.11
N LEU B 107 30.67 5.83 13.17
CA LEU B 107 31.74 5.76 14.12
C LEU B 107 32.71 4.62 13.82
N GLY B 108 32.33 3.71 12.94
CA GLY B 108 33.16 2.58 12.55
C GLY B 108 32.71 1.27 13.22
N LEU B 109 31.48 1.24 13.69
CA LEU B 109 30.92 0.08 14.38
C LEU B 109 30.04 -0.71 13.44
N LEU B 110 30.58 -1.82 12.99
CA LEU B 110 29.82 -2.83 12.28
C LEU B 110 29.10 -3.64 13.31
N THR B 111 27.86 -4.01 13.02
CA THR B 111 26.97 -4.48 14.07
C THR B 111 26.32 -5.82 13.72
N HIS B 112 26.31 -6.13 12.43
CA HIS B 112 26.08 -7.51 12.06
C HIS B 112 27.06 -7.79 10.97
N SER B 113 27.49 -9.03 10.90
CA SER B 113 28.24 -9.49 9.73
C SER B 113 27.34 -9.33 8.50
N THR B 114 27.62 -10.10 7.44
CA THR B 114 26.87 -10.02 6.17
C THR B 114 25.32 -10.34 6.14
N VAL B 115 24.81 -10.99 7.18
CA VAL B 115 23.45 -11.51 7.19
C VAL B 115 22.38 -10.46 7.52
N GLY B 116 21.11 -10.81 7.37
CA GLY B 116 20.05 -9.87 7.56
C GLY B 116 18.77 -10.59 7.81
N PHE B 117 18.56 -11.79 7.26
CA PHE B 117 17.21 -12.45 7.39
C PHE B 117 16.86 -13.03 8.77
N ILE B 118 15.65 -12.67 9.21
CA ILE B 118 14.96 -13.24 10.37
C ILE B 118 13.82 -14.02 9.75
N ASP B 119 13.78 -15.33 9.97
CA ASP B 119 12.81 -16.22 9.29
C ASP B 119 11.40 -16.15 9.90
N PRO B 120 10.33 -16.26 9.10
CA PRO B 120 9.00 -16.41 9.66
C PRO B 120 8.92 -17.59 10.66
N GLY B 121 8.29 -17.36 11.80
CA GLY B 121 8.25 -18.35 12.86
C GLY B 121 9.39 -18.31 13.86
N PHE B 122 10.41 -17.51 13.57
CA PHE B 122 11.53 -17.46 14.49
C PHE B 122 11.11 -16.88 15.83
N SER B 123 11.61 -17.48 16.90
CA SER B 123 11.42 -16.99 18.26
C SER B 123 12.72 -17.11 19.09
N GLY B 124 13.16 -16.01 19.70
CA GLY B 124 14.37 -16.02 20.48
C GLY B 124 15.01 -14.68 20.46
N HIS B 125 16.18 -14.57 21.08
CA HIS B 125 17.00 -13.37 21.01
C HIS B 125 17.79 -13.39 19.71
N ILE B 126 18.34 -12.26 19.34
CA ILE B 126 19.11 -12.20 18.11
C ILE B 126 20.58 -12.00 18.43
N THR B 127 21.44 -12.81 17.80
CA THR B 127 22.87 -12.80 18.05
C THR B 127 23.43 -11.80 17.08
N LEU B 128 24.33 -10.94 17.58
CA LEU B 128 24.92 -9.86 16.80
C LEU B 128 26.41 -10.01 16.63
N GLU B 129 26.85 -9.97 15.40
CA GLU B 129 28.29 -10.00 15.15
C GLU B 129 28.86 -8.55 15.15
N LEU B 130 29.61 -8.22 16.20
CA LEU B 130 30.06 -6.85 16.37
C LEU B 130 31.51 -6.69 16.02
N SER B 131 31.81 -5.63 15.30
CA SER B 131 33.09 -5.48 14.62
C SER B 131 33.47 -3.99 14.64
N ASN B 132 34.78 -3.73 14.69
CA ASN B 132 35.29 -2.36 14.76
C ASN B 132 36.23 -2.11 13.61
N VAL B 133 35.96 -1.07 12.83
CA VAL B 133 36.80 -0.77 11.68
C VAL B 133 37.45 0.59 11.76
N ALA B 134 37.16 1.33 12.82
CA ALA B 134 37.90 2.58 13.11
C ALA B 134 39.30 2.29 13.68
N ASN B 135 40.10 3.33 13.86
CA ASN B 135 41.42 3.09 14.41
C ASN B 135 41.51 3.29 15.91
N LEU B 136 40.37 3.50 16.57
CA LEU B 136 40.31 3.59 18.02
C LEU B 136 39.34 2.57 18.55
N PRO B 137 39.56 2.09 19.77
CA PRO B 137 38.57 1.21 20.39
C PRO B 137 37.27 1.94 20.64
N ILE B 138 36.18 1.19 20.67
CA ILE B 138 34.85 1.74 20.90
C ILE B 138 34.35 1.14 22.19
N THR B 139 33.74 1.96 23.03
CA THR B 139 33.09 1.51 24.23
C THR B 139 31.58 1.27 23.98
N LEU B 140 31.13 0.05 24.17
CA LEU B 140 29.74 -0.33 23.99
C LEU B 140 29.09 -0.38 25.34
N TRP B 141 27.99 0.33 25.51
CA TRP B 141 27.28 0.35 26.78
C TRP B 141 26.07 -0.58 26.71
N PRO B 142 26.02 -1.60 27.58
CA PRO B 142 24.81 -2.45 27.62
C PRO B 142 23.54 -1.62 27.76
N GLY B 143 22.51 -2.00 26.98
CA GLY B 143 21.23 -1.31 26.99
C GLY B 143 21.15 -0.20 25.96
N MET B 144 22.23 0.03 25.24
CA MET B 144 22.25 1.05 24.19
C MET B 144 21.50 0.51 22.96
N LYS B 145 20.96 1.43 22.15
CA LYS B 145 20.39 1.06 20.88
C LYS B 145 21.53 0.67 19.99
N ILE B 146 21.38 -0.44 19.27
CA ILE B 146 22.49 -1.07 18.55
C ILE B 146 22.07 -1.39 17.15
N GLY B 147 20.79 -1.39 16.90
CA GLY B 147 20.33 -1.79 15.59
C GLY B 147 18.85 -1.59 15.46
N GLN B 148 18.31 -2.00 14.33
CA GLN B 148 16.90 -1.80 14.01
C GLN B 148 16.33 -2.94 13.16
N LEU B 149 15.04 -3.15 13.28
CA LEU B 149 14.39 -4.28 12.70
C LEU B 149 13.15 -3.84 12.01
N CYS B 150 13.02 -4.20 10.74
CA CYS B 150 11.79 -3.92 9.98
C CYS B 150 11.14 -5.21 9.55
N MET B 151 9.85 -5.15 9.23
CA MET B 151 9.08 -6.31 8.87
C MET B 151 8.57 -6.28 7.41
N LEU B 152 8.75 -7.37 6.69
CA LEU B 152 8.21 -7.53 5.37
C LEU B 152 7.04 -8.48 5.36
N ARG B 153 5.94 -8.12 4.67
CA ARG B 153 4.86 -9.09 4.39
C ARG B 153 5.27 -10.19 3.40
N LEU B 154 4.92 -11.43 3.70
CA LEU B 154 5.09 -12.51 2.73
C LEU B 154 3.87 -12.60 1.82
N THR B 155 4.07 -13.13 0.61
CA THR B 155 3.01 -13.36 -0.36
C THR B 155 1.91 -14.22 0.19
N SER B 156 2.26 -15.17 1.05
CA SER B 156 1.35 -16.13 1.69
C SER B 156 2.10 -16.74 2.85
N PRO B 157 1.38 -17.29 3.85
CA PRO B 157 2.05 -17.89 5.00
C PRO B 157 3.02 -18.98 4.64
N SER B 158 4.12 -18.99 5.37
CA SER B 158 5.10 -20.02 5.30
C SER B 158 4.48 -21.37 5.59
N GLU B 159 4.80 -22.32 4.70
CA GLU B 159 4.28 -23.67 4.75
C GLU B 159 4.96 -24.41 5.89
N HIS B 160 6.29 -24.29 5.94
CA HIS B 160 7.10 -24.91 6.96
C HIS B 160 7.95 -23.84 7.61
N PRO B 161 7.43 -23.17 8.65
CA PRO B 161 8.06 -22.05 9.33
C PRO B 161 9.38 -22.43 10.00
N TYR B 162 10.04 -21.45 10.59
CA TYR B 162 11.29 -21.68 11.25
C TYR B 162 11.02 -22.43 12.53
N GLY B 163 11.84 -23.43 12.80
CA GLY B 163 11.67 -24.22 14.00
C GLY B 163 10.89 -25.49 13.74
N SER B 164 10.07 -25.50 12.69
CA SER B 164 9.42 -26.73 12.20
C SER B 164 10.51 -27.73 11.79
N SER B 165 10.23 -29.03 11.92
CA SER B 165 11.28 -30.05 11.72
C SER B 165 11.69 -30.27 10.24
N ARG B 166 10.78 -29.91 9.33
CA ARG B 166 11.08 -29.91 7.89
C ARG B 166 12.18 -28.87 7.50
N ALA B 167 12.20 -27.73 8.17
CA ALA B 167 13.21 -26.70 7.92
C ALA B 167 14.58 -27.03 8.52
N GLY B 168 14.62 -27.90 9.53
CA GLY B 168 15.86 -28.32 10.21
C GLY B 168 16.62 -27.18 10.88
N SER B 169 15.91 -26.37 11.67
CA SER B 169 16.42 -25.09 12.17
C SER B 169 17.30 -25.27 13.38
N LYS B 170 18.41 -24.55 13.44
CA LYS B 170 19.45 -24.77 14.43
C LYS B 170 19.29 -23.89 15.66
N TYR B 171 18.58 -22.76 15.53
CA TYR B 171 18.60 -21.73 16.59
C TYR B 171 17.31 -21.38 17.29
N GLN B 172 16.24 -22.14 17.07
CA GLN B 172 14.95 -21.85 17.68
C GLN B 172 15.04 -21.73 19.20
N GLY B 173 14.47 -20.65 19.75
CA GLY B 173 14.52 -20.32 21.17
C GLY B 173 15.89 -20.02 21.76
N GLN B 174 16.78 -19.38 21.02
CA GLN B 174 18.12 -19.06 21.52
C GLN B 174 18.16 -17.88 22.49
N ARG B 175 19.10 -17.98 23.45
CA ARG B 175 19.13 -17.13 24.63
C ARG B 175 20.23 -16.06 24.67
N GLY B 176 21.47 -16.48 24.84
CA GLY B 176 22.56 -15.52 24.93
C GLY B 176 23.18 -15.30 23.57
N PRO B 177 24.43 -14.79 23.55
CA PRO B 177 25.22 -14.80 22.32
C PRO B 177 25.51 -16.26 22.03
N THR B 178 24.78 -16.86 21.11
CA THR B 178 24.93 -18.27 20.79
C THR B 178 26.06 -18.55 19.77
N PRO B 179 26.98 -19.49 20.08
CA PRO B 179 28.01 -19.80 19.11
C PRO B 179 27.42 -20.47 17.87
N SER B 180 28.15 -20.47 16.77
CA SER B 180 27.75 -21.15 15.55
C SER B 180 27.49 -22.63 15.71
N ARG B 181 26.42 -23.07 15.04
CA ARG B 181 26.03 -24.46 14.97
C ARG B 181 26.05 -25.03 13.53
N SER B 182 26.98 -24.58 12.69
CA SER B 182 26.95 -24.99 11.29
C SER B 182 27.25 -26.47 11.07
N TYR B 183 27.95 -27.11 12.02
CA TYR B 183 28.36 -28.51 11.92
C TYR B 183 27.16 -29.43 11.85
N GLN B 184 26.07 -28.99 12.47
CA GLN B 184 24.79 -29.68 12.41
C GLN B 184 24.29 -29.70 10.98
N ASN B 185 24.12 -30.90 10.45
CA ASN B 185 23.60 -31.12 9.10
C ASN B 185 24.48 -30.57 7.97
N PHE B 186 25.79 -30.51 8.22
CA PHE B 186 26.73 -29.94 7.25
C PHE B 186 26.87 -30.76 5.96
N ILE B 187 26.69 -30.10 4.81
CA ILE B 187 26.85 -30.75 3.50
C ILE B 187 28.05 -30.20 2.72
N ARG B 188 28.62 -31.01 1.82
CA ARG B 188 29.81 -30.63 1.03
C ARG B 188 29.99 -31.49 -0.23
N MET C 1 84.64 -5.07 19.65
CA MET C 1 85.46 -4.11 18.82
C MET C 1 84.91 -4.06 17.41
N LEU C 2 84.56 -2.88 16.95
CA LEU C 2 83.93 -2.70 15.66
C LEU C 2 84.89 -2.22 14.56
N LEU C 3 84.93 -2.88 13.40
CA LEU C 3 85.85 -2.42 12.35
C LEU C 3 85.37 -1.14 11.67
N SER C 4 86.30 -0.21 11.46
CA SER C 4 86.03 1.03 10.75
C SER C 4 86.25 0.79 9.29
N ASP C 5 85.96 1.80 8.49
CA ASP C 5 86.15 1.75 7.03
C ASP C 5 87.54 1.33 6.60
N ARG C 6 88.55 1.90 7.25
CA ARG C 6 89.97 1.60 7.03
C ARG C 6 90.26 0.12 7.17
N ASP C 7 89.75 -0.45 8.24
CA ASP C 7 90.04 -1.83 8.57
C ASP C 7 89.16 -2.85 7.84
N LEU C 8 88.00 -2.38 7.36
CA LEU C 8 87.13 -3.16 6.50
C LEU C 8 87.75 -3.38 5.14
N ARG C 9 88.19 -2.29 4.52
CA ARG C 9 88.85 -2.37 3.23
C ARG C 9 90.05 -3.28 3.33
N ALA C 10 90.80 -3.14 4.41
CA ALA C 10 91.99 -3.97 4.67
C ALA C 10 91.67 -5.47 4.72
N GLU C 11 90.50 -5.81 5.23
CA GLU C 11 90.08 -7.20 5.34
C GLU C 11 89.65 -7.73 3.99
N ILE C 12 89.06 -6.87 3.19
CA ILE C 12 88.53 -7.25 1.90
C ILE C 12 89.65 -7.48 0.90
N SER C 13 90.58 -6.53 0.82
CA SER C 13 91.69 -6.64 -0.14
C SER C 13 92.77 -7.64 0.29
N SER C 14 92.76 -8.03 1.57
CA SER C 14 93.60 -9.14 2.03
C SER C 14 92.93 -10.52 1.79
N GLY C 15 91.68 -10.51 1.32
CA GLY C 15 90.97 -11.73 0.96
C GLY C 15 90.42 -12.55 2.14
N ARG C 16 90.44 -12.00 3.35
CA ARG C 16 89.92 -12.72 4.53
C ARG C 16 88.40 -12.54 4.72
N LEU C 17 87.90 -11.37 4.34
CA LEU C 17 86.49 -11.14 4.29
C LEU C 17 86.12 -11.07 2.85
N GLY C 18 85.21 -11.94 2.45
CA GLY C 18 84.76 -11.98 1.06
C GLY C 18 83.47 -11.23 0.83
N ILE C 19 83.47 -10.39 -0.20
CA ILE C 19 82.27 -9.74 -0.72
C ILE C 19 82.32 -9.81 -2.22
N ASP C 20 81.27 -10.34 -2.82
CA ASP C 20 81.28 -10.57 -4.26
C ASP C 20 79.90 -10.42 -4.89
N PRO C 21 79.75 -9.42 -5.81
CA PRO C 21 80.75 -8.45 -6.24
C PRO C 21 80.98 -7.30 -5.25
N PHE C 22 82.25 -6.93 -5.08
CA PHE C 22 82.61 -5.82 -4.21
C PHE C 22 82.64 -4.52 -4.99
N ASP C 23 82.18 -3.45 -4.34
CA ASP C 23 82.23 -2.12 -4.90
C ASP C 23 82.69 -1.17 -3.79
N ASP C 24 83.83 -0.51 -4.01
CA ASP C 24 84.46 0.37 -2.99
C ASP C 24 83.58 1.54 -2.49
N THR C 25 82.73 2.07 -3.37
CA THR C 25 81.89 3.26 -3.07
C THR C 25 80.74 2.92 -2.11
N LEU C 26 80.62 1.64 -1.77
CA LEU C 26 79.63 1.18 -0.82
C LEU C 26 80.15 1.12 0.61
N VAL C 27 81.44 1.29 0.77
CA VAL C 27 82.02 1.36 2.10
C VAL C 27 81.68 2.66 2.80
N GLN C 28 81.05 2.54 3.97
CA GLN C 28 80.58 3.64 4.83
C GLN C 28 81.50 3.77 6.04
N PRO C 29 81.38 4.87 6.85
CA PRO C 29 82.30 5.09 7.99
C PRO C 29 82.50 3.88 8.91
N SER C 30 81.45 3.10 9.11
CA SER C 30 81.53 2.05 10.09
C SER C 30 81.04 0.69 9.56
N SER C 31 80.58 0.67 8.31
CA SER C 31 79.88 -0.48 7.77
C SER C 31 79.99 -0.51 6.28
N ILE C 32 79.34 -1.48 5.65
CA ILE C 32 79.26 -1.53 4.19
C ILE C 32 77.79 -1.76 3.68
N ASP C 33 77.32 -0.82 2.84
CA ASP C 33 75.96 -0.84 2.29
C ASP C 33 75.79 -2.06 1.36
N VAL C 34 74.65 -2.74 1.43
CA VAL C 34 74.39 -3.96 0.64
C VAL C 34 73.14 -3.79 -0.22
N ARG C 35 73.07 -4.52 -1.34
CA ARG C 35 72.05 -4.29 -2.35
C ARG C 35 71.08 -5.42 -2.46
N LEU C 36 69.85 -5.09 -2.90
CA LEU C 36 68.79 -6.05 -3.07
C LEU C 36 68.88 -6.86 -4.37
N ASP C 37 68.66 -8.17 -4.27
CA ASP C 37 68.68 -9.07 -5.41
C ASP C 37 67.41 -8.91 -6.25
N CYS C 38 67.17 -9.78 -7.23
CA CYS C 38 65.92 -9.70 -8.01
C CYS C 38 64.98 -10.89 -7.83
N LEU C 39 65.22 -11.73 -6.82
CA LEU C 39 64.33 -12.85 -6.49
C LEU C 39 63.67 -12.67 -5.15
N PHE C 40 62.37 -12.94 -5.12
CA PHE C 40 61.58 -12.85 -3.91
C PHE C 40 60.81 -14.16 -3.64
N ARG C 41 60.47 -14.39 -2.38
CA ARG C 41 59.48 -15.40 -2.03
C ARG C 41 58.24 -14.83 -1.34
N VAL C 42 57.06 -15.19 -1.86
CA VAL C 42 55.77 -14.70 -1.34
C VAL C 42 55.05 -15.85 -0.71
N PHE C 43 54.28 -15.54 0.32
CA PHE C 43 53.53 -16.52 1.07
C PHE C 43 52.11 -16.57 0.58
N ASN C 44 51.89 -17.33 -0.48
CA ASN C 44 50.59 -17.29 -1.15
C ASN C 44 49.95 -18.67 -1.25
N ASN C 45 50.39 -19.59 -0.40
CA ASN C 45 49.79 -20.92 -0.32
C ASN C 45 48.36 -20.83 0.19
N THR C 46 47.49 -21.68 -0.34
CA THR C 46 46.11 -21.76 0.15
C THR C 46 45.69 -23.16 0.62
N ARG C 47 46.64 -24.06 0.85
CA ARG C 47 46.36 -25.42 1.35
C ARG C 47 46.61 -25.58 2.84
N TYR C 48 47.67 -24.97 3.34
CA TYR C 48 48.02 -25.07 4.75
C TYR C 48 47.10 -24.21 5.60
N THR C 49 46.87 -24.65 6.82
CA THR C 49 46.02 -23.97 7.77
C THR C 49 46.82 -23.30 8.86
N HIS C 50 48.09 -23.64 8.99
CA HIS C 50 48.93 -23.07 10.03
C HIS C 50 50.39 -23.37 9.75
N ILE C 51 51.28 -22.60 10.38
CA ILE C 51 52.71 -22.79 10.28
C ILE C 51 53.17 -23.53 11.53
N ASP C 52 53.81 -24.66 11.32
CA ASP C 52 54.41 -25.43 12.37
C ASP C 52 55.92 -25.47 12.18
N PRO C 53 56.68 -24.74 13.01
CA PRO C 53 58.12 -24.74 12.86
C PRO C 53 58.73 -26.15 12.92
N ALA C 54 57.98 -27.10 13.47
CA ALA C 54 58.48 -28.47 13.69
C ALA C 54 58.35 -29.38 12.46
N LYS C 55 57.59 -28.93 11.47
CA LYS C 55 57.42 -29.64 10.20
C LYS C 55 57.99 -28.83 9.05
N GLN C 56 58.55 -29.52 8.07
CA GLN C 56 58.94 -28.88 6.81
C GLN C 56 57.65 -28.62 6.01
N GLN C 57 57.48 -27.38 5.56
CA GLN C 57 56.29 -27.05 4.79
C GLN C 57 56.65 -26.50 3.43
N ASP C 58 56.81 -27.46 2.52
CA ASP C 58 57.38 -27.26 1.20
C ASP C 58 56.83 -26.12 0.37
N GLU C 59 55.51 -26.13 0.20
CA GLU C 59 54.88 -25.24 -0.75
C GLU C 59 54.37 -23.98 -0.08
N LEU C 60 55.04 -23.56 0.99
CA LEU C 60 54.63 -22.41 1.77
C LEU C 60 54.94 -21.10 1.05
N THR C 61 55.92 -21.13 0.18
CA THR C 61 56.36 -19.94 -0.53
C THR C 61 56.42 -20.19 -2.02
N SER C 62 56.34 -19.12 -2.80
CA SER C 62 56.52 -19.16 -4.26
C SER C 62 57.65 -18.23 -4.65
N LEU C 63 58.42 -18.63 -5.65
CA LEU C 63 59.45 -17.78 -6.18
C LEU C 63 58.85 -16.79 -7.19
N VAL C 64 59.24 -15.53 -7.07
CA VAL C 64 58.74 -14.46 -7.94
C VAL C 64 59.92 -13.59 -8.41
N GLN C 65 59.87 -13.13 -9.65
CA GLN C 65 60.92 -12.23 -10.13
C GLN C 65 60.30 -11.12 -10.94
N PRO C 66 60.50 -9.86 -10.54
CA PRO C 66 59.96 -8.79 -11.32
C PRO C 66 60.42 -8.90 -12.77
N VAL C 67 59.53 -8.57 -13.70
CA VAL C 67 59.88 -8.33 -15.09
C VAL C 67 60.99 -7.26 -15.13
N ASP C 68 62.00 -7.43 -15.99
CA ASP C 68 63.19 -6.57 -15.96
C ASP C 68 62.93 -5.09 -16.20
N GLY C 69 63.39 -4.27 -15.26
CA GLY C 69 63.16 -2.81 -15.27
C GLY C 69 61.99 -2.42 -14.38
N GLU C 70 61.13 -3.40 -14.09
CA GLU C 70 59.95 -3.19 -13.25
C GLU C 70 60.28 -3.44 -11.77
N PRO C 71 59.46 -2.85 -10.87
CA PRO C 71 59.71 -3.02 -9.47
C PRO C 71 58.91 -4.17 -8.88
N PHE C 72 59.35 -4.67 -7.74
CA PHE C 72 58.52 -5.54 -6.92
C PHE C 72 57.68 -4.68 -5.99
N VAL C 73 56.37 -4.90 -5.94
CA VAL C 73 55.48 -4.07 -5.11
C VAL C 73 55.14 -4.74 -3.80
N LEU C 74 55.66 -4.19 -2.71
CA LEU C 74 55.40 -4.65 -1.34
C LEU C 74 54.16 -3.99 -0.74
N HIS C 75 53.08 -4.76 -0.55
CA HIS C 75 51.81 -4.22 -0.04
C HIS C 75 51.85 -3.98 1.47
N PRO C 76 51.10 -2.96 1.96
CA PRO C 76 51.06 -2.69 3.39
C PRO C 76 50.67 -3.93 4.17
N GLY C 77 51.48 -4.30 5.15
CA GLY C 77 51.23 -5.48 6.01
C GLY C 77 51.57 -6.83 5.39
N GLU C 78 52.14 -6.80 4.18
CA GLU C 78 52.71 -8.00 3.56
C GLU C 78 54.11 -8.32 4.13
N PHE C 79 54.50 -9.58 3.97
CA PHE C 79 55.79 -10.10 4.41
C PHE C 79 56.36 -10.93 3.26
N VAL C 80 57.59 -10.62 2.82
CA VAL C 80 58.24 -11.39 1.74
C VAL C 80 59.66 -11.68 2.09
N LEU C 81 60.26 -12.64 1.42
CA LEU C 81 61.68 -12.90 1.60
C LEU C 81 62.45 -12.43 0.41
N GLY C 82 63.60 -11.85 0.69
CA GLY C 82 64.48 -11.32 -0.37
C GLY C 82 65.90 -11.75 -0.11
N SER C 83 66.82 -11.35 -0.98
CA SER C 83 68.20 -11.84 -0.91
C SER C 83 69.13 -10.70 -1.18
N THR C 84 70.39 -10.85 -0.78
CA THR C 84 71.40 -9.88 -1.13
C THR C 84 72.03 -10.19 -2.48
N LEU C 85 72.35 -9.14 -3.23
CA LEU C 85 73.07 -9.24 -4.48
C LEU C 85 74.44 -9.85 -4.23
N GLU C 86 75.11 -9.40 -3.18
CA GLU C 86 76.44 -9.88 -2.81
C GLU C 86 76.45 -11.26 -2.12
N LEU C 87 77.56 -11.99 -2.26
CA LEU C 87 77.85 -13.19 -1.49
C LEU C 87 78.91 -12.89 -0.43
N PHE C 88 78.60 -13.23 0.82
CA PHE C 88 79.50 -12.97 1.95
C PHE C 88 80.25 -14.21 2.42
N THR C 89 81.56 -14.07 2.64
CA THR C 89 82.37 -15.08 3.29
C THR C 89 83.09 -14.43 4.46
N LEU C 90 82.70 -14.83 5.68
CA LEU C 90 83.33 -14.32 6.89
C LEU C 90 84.37 -15.31 7.35
N PRO C 91 85.49 -14.81 7.88
CA PRO C 91 86.52 -15.65 8.49
C PRO C 91 86.02 -16.18 9.83
N ASP C 92 86.83 -16.95 10.52
CA ASP C 92 86.36 -17.50 11.80
C ASP C 92 86.66 -16.64 13.02
N ASN C 93 87.12 -15.39 12.79
CA ASN C 93 87.44 -14.46 13.88
C ASN C 93 86.69 -13.15 13.77
N LEU C 94 85.71 -13.12 12.89
CA LEU C 94 84.87 -11.93 12.73
C LEU C 94 83.39 -12.33 12.80
N ALA C 95 82.56 -11.46 13.35
CA ALA C 95 81.12 -11.64 13.30
C ALA C 95 80.44 -10.45 12.60
N GLY C 96 79.29 -10.68 12.00
CA GLY C 96 78.66 -9.63 11.27
C GLY C 96 77.34 -9.28 11.90
N ARG C 97 76.93 -8.02 11.76
CA ARG C 97 75.61 -7.60 12.19
C ARG C 97 74.99 -6.92 11.00
N LEU C 98 73.77 -7.30 10.68
CA LEU C 98 73.04 -6.71 9.55
C LEU C 98 71.97 -5.72 10.09
N GLU C 99 71.93 -4.51 9.55
CA GLU C 99 70.87 -3.55 9.94
C GLU C 99 70.30 -2.92 8.71
N GLY C 100 69.14 -2.32 8.87
CA GLY C 100 68.46 -1.66 7.75
C GLY C 100 69.12 -0.33 7.54
N LYS C 101 68.60 0.48 6.61
CA LYS C 101 69.12 1.84 6.42
C LYS C 101 68.08 2.80 6.87
N SER C 102 68.51 3.84 7.57
CA SER C 102 67.62 4.89 8.04
C SER C 102 66.74 5.53 6.96
N SER C 103 67.25 5.67 5.74
CA SER C 103 66.43 6.25 4.66
C SER C 103 65.19 5.41 4.30
N LEU C 104 65.29 4.11 4.50
CA LEU C 104 64.18 3.21 4.17
C LEU C 104 63.27 3.01 5.37
N GLY C 105 63.87 2.96 6.55
CA GLY C 105 63.11 2.88 7.76
C GLY C 105 62.09 4.01 7.80
N ARG C 106 62.52 5.21 7.41
CA ARG C 106 61.67 6.38 7.51
C ARG C 106 60.52 6.33 6.53
N LEU C 107 60.56 5.39 5.60
CA LEU C 107 59.49 5.23 4.64
C LEU C 107 58.52 4.18 5.09
N GLY C 108 58.92 3.36 6.06
CA GLY C 108 58.07 2.30 6.61
C GLY C 108 58.45 0.93 6.10
N LEU C 109 59.68 0.81 5.60
CA LEU C 109 60.20 -0.45 5.11
C LEU C 109 61.09 -1.04 6.16
N LEU C 110 60.66 -2.14 6.75
CA LEU C 110 61.52 -2.87 7.67
C LEU C 110 62.34 -3.84 6.86
N THR C 111 63.59 -4.05 7.25
CA THR C 111 64.49 -4.95 6.52
C THR C 111 64.89 -6.21 7.29
N HIS C 112 65.81 -6.10 8.26
CA HIS C 112 66.00 -7.22 9.17
C HIS C 112 64.63 -7.32 9.84
N SER C 113 64.29 -8.47 10.41
CA SER C 113 63.08 -8.52 11.26
C SER C 113 63.24 -9.58 12.37
N THR C 114 63.50 -9.05 13.59
CA THR C 114 63.85 -9.80 14.82
C THR C 114 65.31 -10.35 14.89
N VAL C 115 65.91 -10.60 13.71
CA VAL C 115 67.20 -11.30 13.59
C VAL C 115 68.39 -10.36 13.26
N GLY C 116 69.58 -10.74 13.74
CA GLY C 116 70.72 -9.83 13.69
C GLY C 116 72.03 -10.47 13.28
N PHE C 117 72.37 -11.58 13.93
CA PHE C 117 73.71 -12.20 13.81
C PHE C 117 74.03 -12.82 12.45
N ILE C 118 75.32 -12.83 12.13
CA ILE C 118 75.90 -13.55 11.01
C ILE C 118 77.11 -14.18 11.62
N ASP C 119 77.16 -15.49 11.52
CA ASP C 119 78.09 -16.29 12.31
C ASP C 119 79.49 -16.38 11.69
N PRO C 120 80.54 -16.40 12.52
CA PRO C 120 81.89 -16.54 11.97
C PRO C 120 81.98 -17.80 11.11
N GLY C 121 82.60 -17.69 9.93
CA GLY C 121 82.66 -18.81 8.99
C GLY C 121 81.45 -18.96 8.04
N PHE C 122 80.45 -18.11 8.18
CA PHE C 122 79.33 -18.16 7.27
C PHE C 122 79.77 -17.76 5.86
N SER C 123 79.17 -18.43 4.89
CA SER C 123 79.41 -18.11 3.50
C SER C 123 78.12 -18.33 2.72
N GLY C 124 77.72 -17.29 1.99
CA GLY C 124 76.57 -17.38 1.11
C GLY C 124 75.95 -16.03 0.95
N HIS C 125 74.75 -16.01 0.37
CA HIS C 125 73.95 -14.80 0.26
C HIS C 125 73.16 -14.64 1.53
N ILE C 126 72.64 -13.46 1.76
CA ILE C 126 71.83 -13.27 2.96
C ILE C 126 70.38 -13.16 2.60
N THR C 127 69.53 -13.86 3.35
CA THR C 127 68.09 -13.77 3.18
C THR C 127 67.57 -12.54 3.92
N LEU C 128 66.65 -11.80 3.31
CA LEU C 128 66.08 -10.64 3.96
C LEU C 128 64.56 -10.76 4.15
N GLU C 129 64.12 -10.52 5.37
CA GLU C 129 62.69 -10.56 5.68
C GLU C 129 62.12 -9.15 5.49
N LEU C 130 61.42 -8.91 4.40
CA LEU C 130 61.03 -7.55 4.09
C LEU C 130 59.58 -7.35 4.43
N SER C 131 59.30 -6.23 5.08
CA SER C 131 57.98 -5.94 5.62
C SER C 131 57.59 -4.49 5.38
N ASN C 132 56.31 -4.23 5.24
CA ASN C 132 55.84 -2.87 5.01
C ASN C 132 54.89 -2.45 6.15
N VAL C 133 55.18 -1.33 6.80
CA VAL C 133 54.33 -0.87 7.90
C VAL C 133 53.68 0.47 7.64
N ALA C 134 53.98 1.05 6.49
CA ALA C 134 53.27 2.25 6.06
C ALA C 134 51.84 1.92 5.60
N ASN C 135 51.07 2.92 5.26
CA ASN C 135 49.74 2.64 4.70
C ASN C 135 49.65 2.63 3.13
N LEU C 136 50.77 2.79 2.46
CA LEU C 136 50.83 2.68 1.03
C LEU C 136 51.77 1.57 0.64
N PRO C 137 51.56 0.94 -0.51
CA PRO C 137 52.56 0.02 -1.02
C PRO C 137 53.90 0.72 -1.35
N ILE C 138 54.99 -0.02 -1.24
CA ILE C 138 56.32 0.47 -1.55
C ILE C 138 56.87 -0.30 -2.74
N THR C 139 57.46 0.42 -3.70
CA THR C 139 58.09 -0.21 -4.85
C THR C 139 59.58 -0.48 -4.59
N LEU C 140 59.97 -1.74 -4.60
CA LEU C 140 61.35 -2.08 -4.40
C LEU C 140 62.01 -2.25 -5.75
N TRP C 141 63.16 -1.63 -5.95
CA TRP C 141 63.86 -1.75 -7.21
C TRP C 141 65.06 -2.64 -6.99
N PRO C 142 65.10 -3.81 -7.66
CA PRO C 142 66.30 -4.68 -7.67
C PRO C 142 67.58 -3.87 -7.88
N GLY C 143 68.60 -4.15 -7.07
CA GLY C 143 69.90 -3.48 -7.20
C GLY C 143 70.04 -2.26 -6.30
N MET C 144 68.95 -1.92 -5.59
CA MET C 144 68.92 -0.74 -4.72
C MET C 144 69.65 -1.14 -3.48
N LYS C 145 70.25 -0.16 -2.79
CA LYS C 145 70.75 -0.39 -1.43
C LYS C 145 69.58 -0.70 -0.50
N ILE C 146 69.74 -1.76 0.29
CA ILE C 146 68.65 -2.27 1.11
C ILE C 146 68.98 -2.37 2.60
N GLY C 147 70.24 -2.16 2.94
CA GLY C 147 70.72 -2.41 4.29
C GLY C 147 72.21 -2.21 4.38
N GLN C 148 72.78 -2.63 5.49
CA GLN C 148 74.20 -2.42 5.73
C GLN C 148 74.75 -3.43 6.72
N LEU C 149 76.05 -3.66 6.64
CA LEU C 149 76.69 -4.73 7.36
C LEU C 149 77.95 -4.26 8.02
N CYS C 150 78.06 -4.49 9.32
CA CYS C 150 79.25 -4.14 10.03
C CYS C 150 79.88 -5.41 10.61
N MET C 151 81.14 -5.30 10.97
CA MET C 151 81.90 -6.44 11.48
C MET C 151 82.43 -6.18 12.91
N LEU C 152 82.22 -7.17 13.77
CA LEU C 152 82.76 -7.19 15.12
C LEU C 152 83.90 -8.17 15.23
N ARG C 153 85.00 -7.77 15.88
CA ARG C 153 86.09 -8.71 16.27
C ARG C 153 85.63 -9.63 17.39
N LEU C 154 85.96 -10.91 17.26
CA LEU C 154 85.78 -11.85 18.36
C LEU C 154 87.00 -11.85 19.27
N THR C 155 86.78 -12.21 20.54
CA THR C 155 87.85 -12.36 21.55
C THR C 155 88.92 -13.36 21.15
N SER C 156 88.54 -14.40 20.41
CA SER C 156 89.45 -15.42 19.91
C SER C 156 88.73 -16.14 18.79
N PRO C 157 89.48 -16.79 17.87
CA PRO C 157 88.79 -17.48 16.77
C PRO C 157 87.81 -18.52 17.24
N SER C 158 86.71 -18.60 16.51
CA SER C 158 85.69 -19.60 16.72
C SER C 158 86.30 -20.98 16.65
N GLU C 159 86.04 -21.78 17.68
CA GLU C 159 86.49 -23.17 17.78
C GLU C 159 85.78 -24.04 16.73
N HIS C 160 84.45 -23.91 16.62
CA HIS C 160 83.66 -24.67 15.66
C HIS C 160 82.81 -23.71 14.89
N PRO C 161 83.36 -23.15 13.80
CA PRO C 161 82.73 -22.08 13.03
C PRO C 161 81.42 -22.53 12.39
N TYR C 162 80.77 -21.63 11.67
CA TYR C 162 79.53 -21.94 10.98
C TYR C 162 79.81 -22.84 9.78
N GLY C 163 78.92 -23.82 9.58
CA GLY C 163 79.09 -24.81 8.53
C GLY C 163 79.84 -26.05 9.00
N SER C 164 80.68 -25.92 10.03
CA SER C 164 81.32 -27.07 10.66
C SER C 164 80.23 -28.00 11.21
N SER C 165 80.49 -29.31 11.26
CA SER C 165 79.43 -30.28 11.57
C SER C 165 79.02 -30.31 13.05
N ARG C 166 79.92 -29.87 13.93
CA ARG C 166 79.62 -29.67 15.36
C ARG C 166 78.56 -28.57 15.66
N ALA C 167 78.54 -27.52 14.82
CA ALA C 167 77.53 -26.46 14.92
C ALA C 167 76.13 -26.86 14.40
N GLY C 168 76.07 -27.82 13.47
CA GLY C 168 74.80 -28.30 12.87
C GLY C 168 74.06 -27.26 12.02
N SER C 169 74.81 -26.53 11.21
CA SER C 169 74.32 -25.34 10.51
C SER C 169 73.44 -25.67 9.31
N LYS C 170 72.34 -24.94 9.17
CA LYS C 170 71.30 -25.25 8.20
C LYS C 170 71.45 -24.50 6.87
N TYR C 171 72.21 -23.40 6.84
CA TYR C 171 72.20 -22.49 5.67
C TYR C 171 73.52 -22.29 4.95
N GLN C 172 74.57 -23.05 5.26
CA GLN C 172 75.87 -22.85 4.62
C GLN C 172 75.77 -22.88 3.09
N GLY C 173 76.37 -21.87 2.45
CA GLY C 173 76.33 -21.67 1.00
C GLY C 173 74.95 -21.45 0.37
N GLN C 174 74.11 -20.64 0.97
CA GLN C 174 72.78 -20.47 0.46
C GLN C 174 72.73 -19.48 -0.70
N ARG C 175 71.75 -19.68 -1.58
CA ARG C 175 71.76 -18.96 -2.86
C ARG C 175 70.71 -17.87 -3.06
N GLY C 176 69.45 -18.27 -3.18
CA GLY C 176 68.38 -17.29 -3.37
C GLY C 176 67.79 -16.90 -2.03
N PRO C 177 66.55 -16.34 -2.06
CA PRO C 177 65.73 -16.20 -0.84
C PRO C 177 65.38 -17.60 -0.37
N THR C 178 66.05 -18.08 0.67
CA THR C 178 65.94 -19.48 1.05
C THR C 178 64.85 -19.65 2.09
N PRO C 179 63.90 -20.58 1.87
CA PRO C 179 62.86 -20.82 2.88
C PRO C 179 63.43 -21.32 4.23
N SER C 180 62.66 -21.18 5.29
CA SER C 180 63.04 -21.71 6.61
C SER C 180 63.31 -23.20 6.63
N ARG C 181 64.31 -23.59 7.41
CA ARG C 181 64.68 -24.97 7.58
C ARG C 181 64.66 -25.39 9.05
N SER C 182 63.76 -24.81 9.83
CA SER C 182 63.79 -25.03 11.28
C SER C 182 63.46 -26.46 11.69
N TYR C 183 62.80 -27.20 10.81
CA TYR C 183 62.35 -28.54 11.10
C TYR C 183 63.51 -29.48 11.29
N GLN C 184 64.62 -29.15 10.64
CA GLN C 184 65.89 -29.86 10.80
C GLN C 184 66.39 -29.69 12.22
N ASN C 185 66.58 -30.84 12.88
CA ASN C 185 67.08 -30.90 14.27
C ASN C 185 66.19 -30.21 15.32
N PHE C 186 64.89 -30.16 15.04
CA PHE C 186 63.93 -29.47 15.91
C PHE C 186 63.78 -30.13 17.30
N ILE C 187 64.00 -29.35 18.37
CA ILE C 187 63.79 -29.80 19.75
C ILE C 187 62.56 -29.13 20.43
N ARG C 188 61.99 -29.80 21.41
CA ARG C 188 60.82 -29.32 22.17
C ARG C 188 60.62 -30.11 23.49
N SER C 189 59.35 -30.16 23.94
CA SER C 189 58.88 -31.00 25.06
C SER C 189 57.95 -32.15 24.60
N MET D 1 6.93 -6.96 -1.52
CA MET D 1 6.22 -8.22 -1.18
C MET D 1 7.19 -9.35 -1.37
N LEU D 2 7.38 -10.13 -0.30
CA LEU D 2 8.43 -11.16 -0.24
C LEU D 2 7.89 -12.56 -0.43
N LEU D 3 8.40 -13.33 -1.39
CA LEU D 3 7.83 -14.67 -1.63
C LEU D 3 8.18 -15.65 -0.52
N SER D 4 7.19 -16.43 -0.14
CA SER D 4 7.37 -17.50 0.83
C SER D 4 7.76 -18.78 0.11
N ASP D 5 8.04 -19.81 0.90
CA ASP D 5 8.45 -21.12 0.40
C ASP D 5 7.47 -21.70 -0.59
N ARG D 6 6.19 -21.60 -0.27
CA ARG D 6 5.10 -22.04 -1.11
C ARG D 6 5.16 -21.40 -2.48
N ASP D 7 5.38 -20.08 -2.51
CA ASP D 7 5.32 -19.33 -3.76
C ASP D 7 6.64 -19.36 -4.51
N LEU D 8 7.71 -19.73 -3.83
CA LEU D 8 8.99 -19.90 -4.47
C LEU D 8 8.94 -21.16 -5.30
N ARG D 9 8.49 -22.26 -4.68
CA ARG D 9 8.43 -23.55 -5.35
C ARG D 9 7.56 -23.44 -6.56
N ALA D 10 6.48 -22.67 -6.42
CA ALA D 10 5.55 -22.45 -7.50
C ALA D 10 6.20 -21.73 -8.68
N GLU D 11 7.14 -20.82 -8.40
CA GLU D 11 7.82 -20.07 -9.47
C GLU D 11 8.84 -20.93 -10.18
N ILE D 12 9.45 -21.84 -9.43
CA ILE D 12 10.49 -22.71 -9.93
C ILE D 12 9.92 -23.79 -10.83
N SER D 13 8.88 -24.47 -10.35
CA SER D 13 8.28 -25.55 -11.13
C SER D 13 7.42 -25.06 -12.31
N SER D 14 7.02 -23.79 -12.30
CA SER D 14 6.37 -23.18 -13.48
C SER D 14 7.40 -22.67 -14.49
N GLY D 15 8.69 -22.76 -14.15
CA GLY D 15 9.78 -22.39 -15.05
C GLY D 15 10.06 -20.91 -15.23
N ARG D 16 9.45 -20.06 -14.38
CA ARG D 16 9.68 -18.61 -14.49
C ARG D 16 10.90 -18.12 -13.72
N LEU D 17 11.22 -18.80 -12.63
CA LEU D 17 12.44 -18.56 -11.90
C LEU D 17 13.30 -19.77 -12.12
N GLY D 18 14.47 -19.56 -12.70
CA GLY D 18 15.37 -20.67 -12.98
C GLY D 18 16.40 -20.84 -11.89
N ILE D 19 16.52 -22.07 -11.37
CA ILE D 19 17.66 -22.49 -10.55
C ILE D 19 18.20 -23.81 -11.06
N ASP D 20 19.50 -23.86 -11.33
CA ASP D 20 20.08 -25.05 -11.94
C ASP D 20 21.50 -25.30 -11.45
N PRO D 21 21.74 -26.43 -10.76
CA PRO D 21 20.74 -27.47 -10.42
C PRO D 21 19.85 -27.08 -9.24
N PHE D 22 18.58 -27.40 -9.33
CA PHE D 22 17.66 -27.14 -8.22
C PHE D 22 17.59 -28.36 -7.29
N ASP D 23 17.50 -28.08 -5.99
CA ASP D 23 17.31 -29.10 -4.97
C ASP D 23 16.25 -28.67 -3.95
N ASP D 24 15.15 -29.42 -3.86
CA ASP D 24 14.00 -29.00 -3.06
C ASP D 24 14.28 -28.82 -1.55
N THR D 25 15.27 -29.55 -1.03
CA THR D 25 15.58 -29.53 0.40
C THR D 25 16.33 -28.25 0.81
N LEU D 26 16.69 -27.45 -0.18
CA LEU D 26 17.35 -26.17 0.05
C LEU D 26 16.38 -25.04 0.27
N VAL D 27 15.11 -25.25 -0.06
CA VAL D 27 14.08 -24.27 0.20
C VAL D 27 13.80 -24.09 1.71
N GLN D 28 13.90 -22.84 2.16
CA GLN D 28 13.74 -22.44 3.55
C GLN D 28 12.44 -21.67 3.65
N PRO D 29 11.95 -21.35 4.88
CA PRO D 29 10.68 -20.62 5.04
C PRO D 29 10.46 -19.40 4.12
N SER D 30 11.50 -18.63 3.87
CA SER D 30 11.33 -17.37 3.18
C SER D 30 12.35 -17.18 2.05
N SER D 31 13.20 -18.18 1.86
CA SER D 31 14.35 -18.06 0.99
C SER D 31 14.83 -19.40 0.47
N ILE D 32 15.92 -19.39 -0.27
CA ILE D 32 16.50 -20.65 -0.72
C ILE D 32 18.00 -20.57 -0.55
N ASP D 33 18.55 -21.57 0.17
CA ASP D 33 19.99 -21.68 0.47
C ASP D 33 20.78 -22.00 -0.83
N VAL D 34 21.96 -21.38 -0.99
CA VAL D 34 22.80 -21.58 -2.18
C VAL D 34 24.17 -22.11 -1.81
N ARG D 35 24.84 -22.77 -2.76
CA ARG D 35 26.06 -23.50 -2.45
C ARG D 35 27.28 -22.96 -3.14
N LEU D 36 28.43 -23.15 -2.50
CA LEU D 36 29.69 -22.63 -3.01
C LEU D 36 30.24 -23.47 -4.14
N ASP D 37 30.75 -22.81 -5.17
CA ASP D 37 31.42 -23.48 -6.30
C ASP D 37 32.85 -23.93 -5.93
N CYS D 38 33.63 -24.39 -6.89
CA CYS D 38 34.98 -24.84 -6.57
C CYS D 38 36.06 -24.00 -7.21
N LEU D 39 35.71 -22.85 -7.79
CA LEU D 39 36.71 -21.95 -8.33
C LEU D 39 36.74 -20.66 -7.58
N PHE D 40 37.95 -20.15 -7.36
CA PHE D 40 38.18 -18.89 -6.65
C PHE D 40 39.12 -17.97 -7.41
N ARG D 41 39.07 -16.68 -7.12
CA ARG D 41 40.08 -15.73 -7.59
C ARG D 41 40.77 -15.03 -6.42
N VAL D 42 42.09 -15.09 -6.43
CA VAL D 42 42.92 -14.46 -5.38
C VAL D 42 43.61 -13.23 -5.94
N PHE D 43 43.80 -12.25 -5.06
CA PHE D 43 44.49 -11.00 -5.41
C PHE D 43 45.97 -11.11 -5.09
N ASN D 44 46.73 -11.67 -6.00
CA ASN D 44 48.12 -11.96 -5.70
C ASN D 44 49.09 -11.40 -6.74
N ASN D 45 48.64 -10.38 -7.47
CA ASN D 45 49.49 -9.62 -8.38
C ASN D 45 50.55 -8.82 -7.64
N THR D 46 51.75 -8.74 -8.21
CA THR D 46 52.80 -7.90 -7.61
C THR D 46 53.33 -6.76 -8.52
N ARG D 47 52.65 -6.48 -9.62
CA ARG D 47 53.09 -5.45 -10.57
C ARG D 47 52.37 -4.12 -10.35
N TYR D 48 51.04 -4.19 -10.16
CA TYR D 48 50.23 -2.99 -9.94
C TYR D 48 50.49 -2.35 -8.59
N THR D 49 50.40 -1.02 -8.56
CA THR D 49 50.64 -0.24 -7.36
C THR D 49 49.34 0.26 -6.75
N HIS D 50 48.24 0.19 -7.48
CA HIS D 50 46.97 0.67 -6.96
C HIS D 50 45.86 0.19 -7.84
N ILE D 51 44.63 0.22 -7.32
CA ILE D 51 43.45 -0.18 -8.07
C ILE D 51 42.74 1.08 -8.55
N ASP D 52 42.58 1.21 -9.86
CA ASP D 52 41.83 2.30 -10.42
C ASP D 52 40.57 1.75 -11.06
N PRO D 53 39.39 2.03 -10.47
CA PRO D 53 38.13 1.50 -11.02
C PRO D 53 37.90 1.92 -12.47
N ALA D 54 38.60 2.95 -12.93
CA ALA D 54 38.45 3.53 -14.24
C ALA D 54 39.28 2.83 -15.33
N LYS D 55 40.17 1.94 -14.93
CA LYS D 55 41.00 1.19 -15.85
C LYS D 55 40.71 -0.27 -15.70
N GLN D 56 40.78 -0.99 -16.80
CA GLN D 56 40.72 -2.45 -16.75
C GLN D 56 42.06 -2.98 -16.23
N GLN D 57 42.03 -3.82 -15.21
CA GLN D 57 43.31 -4.31 -14.72
C GLN D 57 43.35 -5.81 -14.76
N ASP D 58 43.79 -6.29 -15.92
CA ASP D 58 43.69 -7.69 -16.32
C ASP D 58 44.23 -8.72 -15.35
N GLU D 59 45.47 -8.52 -14.92
CA GLU D 59 46.14 -9.56 -14.18
C GLU D 59 46.05 -9.33 -12.69
N LEU D 60 44.96 -8.70 -12.27
CA LEU D 60 44.76 -8.36 -10.87
C LEU D 60 44.43 -9.59 -10.05
N THR D 61 43.88 -10.59 -10.69
CA THR D 61 43.42 -11.79 -9.99
C THR D 61 43.96 -13.03 -10.67
N SER D 62 44.04 -14.13 -9.92
CA SER D 62 44.41 -15.44 -10.44
C SER D 62 43.34 -16.46 -10.09
N LEU D 63 43.08 -17.36 -11.02
CA LEU D 63 42.15 -18.44 -10.80
C LEU D 63 42.81 -19.58 -10.02
N VAL D 64 42.13 -20.07 -8.99
CA VAL D 64 42.65 -21.13 -8.13
C VAL D 64 41.53 -22.13 -7.91
N GLN D 65 41.88 -23.41 -7.82
CA GLN D 65 40.91 -24.48 -7.56
C GLN D 65 41.47 -25.48 -6.59
N PRO D 66 40.83 -25.66 -5.44
CA PRO D 66 41.32 -26.65 -4.53
C PRO D 66 41.45 -27.99 -5.21
N VAL D 67 42.50 -28.73 -4.85
CA VAL D 67 42.66 -30.14 -5.16
C VAL D 67 41.42 -30.87 -4.63
N ASP D 68 40.90 -31.83 -5.39
CA ASP D 68 39.60 -32.44 -5.05
C ASP D 68 39.53 -33.19 -3.72
N GLY D 69 38.55 -32.82 -2.90
CA GLY D 69 38.42 -33.33 -1.54
C GLY D 69 39.02 -32.36 -0.53
N GLU D 70 39.93 -31.50 -1.00
CA GLU D 70 40.59 -30.53 -0.13
C GLU D 70 39.81 -29.21 0.00
N PRO D 71 40.08 -28.44 1.06
CA PRO D 71 39.38 -27.18 1.22
C PRO D 71 40.20 -26.00 0.70
N PHE D 72 39.53 -24.91 0.36
CA PHE D 72 40.21 -23.68 0.16
C PHE D 72 40.38 -23.01 1.52
N VAL D 73 41.58 -22.51 1.80
CA VAL D 73 41.84 -21.83 3.10
C VAL D 73 41.85 -20.31 2.96
N LEU D 74 40.87 -19.68 3.62
CA LEU D 74 40.71 -18.26 3.65
C LEU D 74 41.42 -17.70 4.89
N HIS D 75 42.48 -16.93 4.69
CA HIS D 75 43.30 -16.39 5.77
C HIS D 75 42.66 -15.17 6.37
N PRO D 76 42.93 -14.89 7.66
CA PRO D 76 42.34 -13.73 8.32
C PRO D 76 42.70 -12.45 7.59
N GLY D 77 41.70 -11.70 7.16
CA GLY D 77 41.93 -10.41 6.52
C GLY D 77 42.18 -10.52 5.02
N GLU D 78 42.07 -11.73 4.49
CA GLU D 78 42.16 -11.96 3.06
C GLU D 78 40.81 -11.66 2.43
N PHE D 79 40.83 -11.41 1.13
CA PHE D 79 39.63 -11.14 0.35
C PHE D 79 39.73 -11.92 -0.98
N VAL D 80 38.72 -12.75 -1.26
CA VAL D 80 38.72 -13.60 -2.47
C VAL D 80 37.37 -13.59 -3.16
N LEU D 81 37.34 -14.01 -4.42
CA LEU D 81 36.11 -14.06 -5.13
C LEU D 81 35.73 -15.51 -5.32
N GLY D 82 34.45 -15.80 -5.15
CA GLY D 82 33.94 -17.13 -5.33
C GLY D 82 32.69 -17.08 -6.18
N SER D 83 32.07 -18.23 -6.38
CA SER D 83 30.92 -18.32 -7.27
C SER D 83 29.89 -19.27 -6.69
N THR D 84 28.66 -19.12 -7.13
CA THR D 84 27.63 -20.05 -6.73
C THR D 84 27.66 -21.30 -7.65
N LEU D 85 27.42 -22.47 -7.06
CA LEU D 85 27.22 -23.69 -7.84
C LEU D 85 26.07 -23.50 -8.86
N GLU D 86 24.94 -22.96 -8.38
CA GLU D 86 23.72 -22.77 -9.15
C GLU D 86 23.80 -21.62 -10.19
N LEU D 87 23.00 -21.75 -11.26
CA LEU D 87 22.79 -20.67 -12.22
C LEU D 87 21.37 -20.11 -12.05
N PHE D 88 21.27 -18.81 -11.84
CA PHE D 88 19.98 -18.15 -11.58
C PHE D 88 19.44 -17.37 -12.76
N THR D 89 18.17 -17.57 -13.09
CA THR D 89 17.50 -16.82 -14.14
C THR D 89 16.24 -16.21 -13.52
N LEU D 90 16.24 -14.89 -13.39
CA LEU D 90 15.10 -14.22 -12.81
C LEU D 90 14.27 -13.71 -13.93
N PRO D 91 12.94 -13.73 -13.75
CA PRO D 91 12.01 -13.11 -14.70
C PRO D 91 12.09 -11.58 -14.62
N ASP D 92 11.26 -10.86 -15.37
CA ASP D 92 11.39 -9.41 -15.32
C ASP D 92 10.40 -8.77 -14.39
N ASN D 93 9.78 -9.56 -13.53
CA ASN D 93 8.88 -9.03 -12.48
C ASN D 93 9.26 -9.46 -11.06
N LEU D 94 10.44 -10.04 -10.91
CA LEU D 94 10.98 -10.38 -9.59
C LEU D 94 12.39 -9.81 -9.38
N ALA D 95 12.72 -9.45 -8.14
CA ALA D 95 14.05 -9.00 -7.81
C ALA D 95 14.57 -9.91 -6.72
N GLY D 96 15.87 -10.11 -6.67
CA GLY D 96 16.46 -11.02 -5.72
C GLY D 96 17.27 -10.27 -4.71
N ARG D 97 17.40 -10.81 -3.51
CA ARG D 97 18.31 -10.25 -2.52
C ARG D 97 19.18 -11.38 -1.99
N LEU D 98 20.50 -11.20 -2.03
CA LEU D 98 21.41 -12.20 -1.56
C LEU D 98 21.90 -11.86 -0.15
N GLU D 99 21.87 -12.81 0.78
CA GLU D 99 22.42 -12.57 2.13
C GLU D 99 23.21 -13.76 2.59
N GLY D 100 24.06 -13.56 3.57
CA GLY D 100 24.85 -14.66 4.11
C GLY D 100 23.99 -15.56 4.98
N LYS D 101 24.59 -16.58 5.58
CA LYS D 101 23.92 -17.38 6.58
C LYS D 101 24.46 -17.05 7.98
N SER D 102 23.57 -16.95 8.95
CA SER D 102 23.93 -16.73 10.34
C SER D 102 24.92 -17.77 10.93
N SER D 103 24.87 -19.03 10.52
CA SER D 103 25.86 -19.99 11.01
C SER D 103 27.29 -19.61 10.62
N LEU D 104 27.44 -18.98 9.47
CA LEU D 104 28.78 -18.65 8.95
C LEU D 104 29.26 -17.28 9.43
N GLY D 105 28.30 -16.36 9.56
CA GLY D 105 28.56 -15.05 10.12
C GLY D 105 29.15 -15.19 11.50
N ARG D 106 28.65 -16.16 12.26
CA ARG D 106 29.07 -16.31 13.67
C ARG D 106 30.46 -16.89 13.75
N LEU D 107 30.97 -17.37 12.62
CA LEU D 107 32.34 -17.84 12.57
C LEU D 107 33.30 -16.79 12.07
N GLY D 108 32.78 -15.70 11.50
CA GLY D 108 33.60 -14.56 11.08
C GLY D 108 33.72 -14.52 9.58
N LEU D 109 32.87 -15.27 8.90
CA LEU D 109 32.93 -15.39 7.47
C LEU D 109 31.98 -14.41 6.81
N LEU D 110 32.56 -13.41 6.18
CA LEU D 110 31.79 -12.47 5.40
C LEU D 110 31.76 -13.02 3.99
N THR D 111 30.56 -13.08 3.44
CA THR D 111 30.35 -14.00 2.37
C THR D 111 30.01 -13.29 1.06
N HIS D 112 29.28 -12.19 1.16
CA HIS D 112 29.25 -11.28 0.05
C HIS D 112 29.78 -10.02 0.69
N SER D 113 29.95 -8.96 -0.09
CA SER D 113 30.45 -7.75 0.50
C SER D 113 29.28 -6.94 1.00
N THR D 114 29.29 -5.67 0.59
CA THR D 114 28.23 -4.74 0.86
C THR D 114 27.45 -4.48 -0.42
N VAL D 115 26.67 -5.48 -0.84
CA VAL D 115 25.90 -5.46 -2.09
C VAL D 115 24.78 -6.49 -1.91
N GLY D 116 23.59 -6.23 -2.46
CA GLY D 116 22.55 -7.26 -2.32
C GLY D 116 21.70 -7.56 -3.53
N PHE D 117 21.61 -6.64 -4.48
CA PHE D 117 20.59 -6.71 -5.54
C PHE D 117 20.92 -7.71 -6.65
N ILE D 118 19.92 -8.44 -7.12
CA ILE D 118 20.03 -9.34 -8.26
C ILE D 118 18.94 -8.76 -9.17
N ASP D 119 19.30 -8.11 -10.26
CA ASP D 119 18.34 -7.33 -11.06
C ASP D 119 17.33 -8.21 -11.80
N PRO D 120 16.08 -7.74 -11.99
CA PRO D 120 15.12 -8.50 -12.77
C PRO D 120 15.65 -8.80 -14.16
N GLY D 121 15.47 -10.03 -14.63
CA GLY D 121 16.07 -10.44 -15.89
C GLY D 121 17.52 -10.90 -15.86
N PHE D 122 18.16 -10.88 -14.70
CA PHE D 122 19.52 -11.38 -14.60
C PHE D 122 19.55 -12.88 -14.85
N SER D 123 20.59 -13.33 -15.54
CA SER D 123 20.79 -14.73 -15.75
C SER D 123 22.27 -15.03 -15.68
N GLY D 124 22.63 -15.99 -14.81
CA GLY D 124 24.03 -16.39 -14.67
C GLY D 124 24.32 -16.89 -13.28
N HIS D 125 25.59 -17.19 -13.01
CA HIS D 125 26.03 -17.58 -11.68
C HIS D 125 26.25 -16.31 -10.86
N ILE D 126 26.35 -16.42 -9.55
CA ILE D 126 26.60 -15.24 -8.74
C ILE D 126 28.00 -15.25 -8.20
N THR D 127 28.69 -14.11 -8.34
CA THR D 127 30.04 -13.94 -7.82
C THR D 127 29.92 -13.51 -6.36
N LEU D 128 30.75 -14.09 -5.49
CA LEU D 128 30.68 -13.86 -4.06
C LEU D 128 31.99 -13.29 -3.59
N GLU D 129 31.91 -12.20 -2.85
CA GLU D 129 33.13 -11.58 -2.27
C GLU D 129 33.35 -12.18 -0.88
N LEU D 130 34.31 -13.06 -0.74
CA LEU D 130 34.49 -13.77 0.55
C LEU D 130 35.61 -13.17 1.41
N SER D 131 35.32 -13.04 2.71
CA SER D 131 36.13 -12.26 3.59
C SER D 131 36.17 -12.91 4.97
N ASN D 132 37.29 -12.83 5.66
CA ASN D 132 37.44 -13.46 6.96
C ASN D 132 37.83 -12.41 7.96
N VAL D 133 37.06 -12.29 9.03
CA VAL D 133 37.35 -11.25 10.01
C VAL D 133 37.70 -11.85 11.35
N ALA D 134 37.64 -13.18 11.45
CA ALA D 134 38.16 -13.89 12.66
C ALA D 134 39.70 -13.79 12.81
N ASN D 135 40.24 -14.34 13.88
CA ASN D 135 41.68 -14.35 13.98
C ASN D 135 42.27 -15.67 13.52
N LEU D 136 41.44 -16.57 13.04
CA LEU D 136 41.95 -17.86 12.54
C LEU D 136 41.55 -18.06 11.10
N PRO D 137 42.37 -18.77 10.31
CA PRO D 137 41.92 -19.12 8.96
C PRO D 137 40.66 -20.02 8.96
N ILE D 138 39.83 -19.88 7.93
CA ILE D 138 38.64 -20.68 7.79
C ILE D 138 38.80 -21.60 6.59
N THR D 139 38.38 -22.85 6.71
CA THR D 139 38.42 -23.79 5.61
C THR D 139 37.05 -23.80 4.92
N LEU D 140 37.03 -23.47 3.64
CA LEU D 140 35.79 -23.50 2.87
C LEU D 140 35.77 -24.78 2.07
N TRP D 141 34.66 -25.50 2.14
CA TRP D 141 34.52 -26.74 1.43
C TRP D 141 33.62 -26.47 0.26
N PRO D 142 34.08 -26.74 -0.98
CA PRO D 142 33.24 -26.66 -2.19
C PRO D 142 31.95 -27.44 -2.00
N GLY D 143 30.83 -26.85 -2.39
CA GLY D 143 29.54 -27.50 -2.31
C GLY D 143 28.78 -27.26 -1.02
N MET D 144 29.42 -26.55 -0.09
CA MET D 144 28.80 -26.16 1.19
C MET D 144 27.79 -25.05 0.96
N LYS D 145 26.78 -24.99 1.80
CA LYS D 145 25.87 -23.83 1.76
C LYS D 145 26.64 -22.59 2.18
N ILE D 146 26.47 -21.51 1.44
CA ILE D 146 27.32 -20.33 1.60
C ILE D 146 26.48 -19.08 1.75
N GLY D 147 25.20 -19.18 1.45
CA GLY D 147 24.37 -17.99 1.47
C GLY D 147 22.98 -18.38 1.14
N GLN D 148 22.11 -17.38 0.97
CA GLN D 148 20.67 -17.61 0.74
C GLN D 148 20.07 -16.44 -0.03
N LEU D 149 18.96 -16.72 -0.71
CA LEU D 149 18.44 -15.83 -1.72
C LEU D 149 16.94 -15.78 -1.60
N CYS D 150 16.41 -14.58 -1.49
CA CYS D 150 14.98 -14.42 -1.40
C CYS D 150 14.54 -13.54 -2.56
N MET D 151 13.26 -13.58 -2.87
CA MET D 151 12.70 -12.87 -4.00
C MET D 151 11.63 -11.88 -3.59
N LEU D 152 11.73 -10.68 -4.16
CA LEU D 152 10.77 -9.60 -3.95
C LEU D 152 9.93 -9.40 -5.20
N ARG D 153 8.62 -9.27 -5.07
CA ARG D 153 7.76 -8.81 -6.18
C ARG D 153 7.99 -7.36 -6.52
N LEU D 154 8.05 -7.04 -7.80
CA LEU D 154 8.08 -5.67 -8.24
C LEU D 154 6.65 -5.16 -8.38
N THR D 155 6.48 -3.84 -8.31
CA THR D 155 5.20 -3.17 -8.56
C THR D 155 4.66 -3.38 -9.97
N SER D 156 5.54 -3.54 -10.93
CA SER D 156 5.17 -3.85 -12.29
C SER D 156 6.39 -4.37 -13.00
N PRO D 157 6.21 -5.13 -14.10
CA PRO D 157 7.39 -5.62 -14.80
C PRO D 157 8.37 -4.52 -15.20
N SER D 158 9.64 -4.88 -15.12
CA SER D 158 10.73 -4.05 -15.55
C SER D 158 10.58 -3.74 -17.05
N GLU D 159 10.62 -2.44 -17.35
CA GLU D 159 10.52 -1.92 -18.71
C GLU D 159 11.77 -2.29 -19.50
N HIS D 160 12.96 -2.06 -18.93
CA HIS D 160 14.22 -2.44 -19.55
C HIS D 160 15.05 -3.31 -18.61
N PRO D 161 14.82 -4.65 -18.63
CA PRO D 161 15.41 -5.61 -17.70
C PRO D 161 16.92 -5.69 -17.81
N TYR D 162 17.52 -6.54 -16.99
CA TYR D 162 18.95 -6.65 -16.97
C TYR D 162 19.36 -7.40 -18.20
N GLY D 163 20.44 -6.95 -18.84
CA GLY D 163 20.90 -7.59 -20.05
C GLY D 163 20.41 -6.89 -21.30
N SER D 164 19.27 -6.21 -21.20
CA SER D 164 18.79 -5.34 -22.27
C SER D 164 19.82 -4.23 -22.52
N SER D 165 19.93 -3.77 -23.76
CA SER D 165 21.01 -2.84 -24.12
C SER D 165 20.82 -1.41 -23.60
N ARG D 166 19.58 -1.05 -23.26
CA ARG D 166 19.27 0.24 -22.60
C ARG D 166 19.79 0.32 -21.15
N ALA D 167 19.83 -0.82 -20.45
CA ALA D 167 20.44 -0.91 -19.10
C ALA D 167 21.99 -0.89 -19.08
N GLY D 168 22.63 -1.36 -20.16
CA GLY D 168 24.09 -1.31 -20.30
C GLY D 168 24.82 -2.26 -19.38
N SER D 169 24.25 -3.45 -19.19
CA SER D 169 24.66 -4.41 -18.19
C SER D 169 25.98 -5.09 -18.51
N LYS D 170 26.83 -5.22 -17.50
CA LYS D 170 28.18 -5.75 -17.68
C LYS D 170 28.32 -7.25 -17.45
N TYR D 171 27.36 -7.92 -16.81
CA TYR D 171 27.61 -9.30 -16.32
C TYR D 171 26.61 -10.36 -16.78
N GLN D 172 25.76 -10.05 -17.76
CA GLN D 172 24.78 -11.02 -18.26
C GLN D 172 25.42 -12.32 -18.72
N GLY D 173 24.90 -13.44 -18.19
CA GLY D 173 25.43 -14.78 -18.44
C GLY D 173 26.83 -15.08 -17.94
N GLN D 174 27.18 -14.61 -16.74
CA GLN D 174 28.52 -14.86 -16.20
C GLN D 174 28.68 -16.26 -15.60
N ARG D 175 29.92 -16.75 -15.62
CA ARG D 175 30.20 -18.15 -15.38
C ARG D 175 30.92 -18.44 -14.09
N GLY D 176 32.20 -18.08 -14.03
CA GLY D 176 33.03 -18.38 -12.87
C GLY D 176 32.98 -17.21 -11.90
N PRO D 177 33.91 -17.17 -10.93
CA PRO D 177 34.19 -15.93 -10.22
C PRO D 177 34.70 -14.84 -11.21
N THR D 178 33.82 -13.93 -11.59
CA THR D 178 34.13 -12.95 -12.63
C THR D 178 34.81 -11.67 -12.09
N PRO D 179 35.98 -11.30 -12.63
CA PRO D 179 36.58 -10.06 -12.16
C PRO D 179 35.71 -8.84 -12.47
N SER D 180 35.93 -7.75 -11.73
CA SER D 180 35.24 -6.50 -11.99
C SER D 180 35.40 -5.93 -13.40
N ARG D 181 34.33 -5.31 -13.87
CA ARG D 181 34.30 -4.72 -15.18
C ARG D 181 33.88 -3.27 -15.08
N SER D 182 34.25 -2.58 -14.00
CA SER D 182 33.75 -1.21 -13.83
C SER D 182 34.26 -0.21 -14.86
N TYR D 183 35.37 -0.51 -15.50
CA TYR D 183 35.97 0.39 -16.47
C TYR D 183 35.07 0.61 -17.68
N GLN D 184 34.27 -0.39 -17.98
CA GLN D 184 33.28 -0.30 -19.01
C GLN D 184 32.28 0.79 -18.64
N ASN D 185 32.18 1.80 -19.52
CA ASN D 185 31.21 2.92 -19.39
C ASN D 185 31.44 3.77 -18.14
N PHE D 186 32.69 3.80 -17.67
CA PHE D 186 33.05 4.56 -16.47
C PHE D 186 32.84 6.08 -16.63
N ILE D 187 32.07 6.66 -15.70
CA ILE D 187 31.85 8.13 -15.66
C ILE D 187 32.53 8.78 -14.43
N ARG D 188 32.89 10.06 -14.55
CA ARG D 188 33.49 10.82 -13.45
C ARG D 188 33.33 12.34 -13.61
N MET E 1 84.20 -3.58 21.49
CA MET E 1 84.36 -3.16 22.90
C MET E 1 83.31 -2.11 23.25
N LEU E 2 82.59 -2.38 24.31
CA LEU E 2 81.45 -1.59 24.69
C LEU E 2 81.68 -0.72 25.94
N LEU E 3 81.46 0.59 25.83
CA LEU E 3 81.72 1.51 26.94
C LEU E 3 80.75 1.30 28.10
N SER E 4 81.30 1.20 29.29
CA SER E 4 80.53 1.13 30.52
C SER E 4 80.20 2.54 30.97
N ASP E 5 79.41 2.65 32.03
CA ASP E 5 78.97 3.90 32.59
C ASP E 5 80.11 4.81 32.96
N ARG E 6 81.15 4.23 33.55
CA ARG E 6 82.35 4.94 33.94
C ARG E 6 83.00 5.63 32.78
N ASP E 7 83.12 4.92 31.67
CA ASP E 7 83.81 5.41 30.50
C ASP E 7 82.96 6.31 29.62
N LEU E 8 81.64 6.17 29.75
CA LEU E 8 80.70 7.03 29.09
C LEU E 8 80.75 8.44 29.67
N ARG E 9 80.71 8.53 30.98
CA ARG E 9 80.76 9.81 31.68
C ARG E 9 82.05 10.50 31.32
N ALA E 10 83.12 9.71 31.31
CA ALA E 10 84.46 10.19 30.99
C ALA E 10 84.52 10.82 29.59
N GLU E 11 83.75 10.28 28.65
CA GLU E 11 83.71 10.78 27.30
C GLU E 11 82.92 12.05 27.21
N ILE E 12 81.87 12.13 28.01
CA ILE E 12 80.97 13.25 27.96
C ILE E 12 81.61 14.48 28.58
N SER E 13 82.20 14.31 29.76
CA SER E 13 82.80 15.44 30.48
C SER E 13 84.15 15.85 29.90
N SER E 14 84.75 15.03 29.05
CA SER E 14 85.92 15.45 28.27
C SER E 14 85.54 16.15 26.96
N GLY E 15 84.25 16.21 26.67
CA GLY E 15 83.72 16.91 25.52
C GLY E 15 83.88 16.22 24.19
N ARG E 16 84.31 14.96 24.19
CA ARG E 16 84.46 14.18 22.95
C ARG E 16 83.16 13.55 22.43
N LEU E 17 82.28 13.16 23.35
CA LEU E 17 80.95 12.72 23.01
C LEU E 17 80.03 13.80 23.47
N GLY E 18 79.25 14.34 22.56
CA GLY E 18 78.32 15.41 22.89
C GLY E 18 76.92 14.86 23.12
N ILE E 19 76.32 15.27 24.23
CA ILE E 19 74.91 15.08 24.49
C ILE E 19 74.35 16.38 25.02
N ASP E 20 73.30 16.89 24.40
CA ASP E 20 72.77 18.19 24.79
C ASP E 20 71.25 18.26 24.65
N PRO E 21 70.52 18.50 25.77
CA PRO E 21 71.05 18.65 27.14
C PRO E 21 71.41 17.32 27.80
N PHE E 22 72.49 17.32 28.56
CA PHE E 22 72.94 16.13 29.26
C PHE E 22 72.34 16.10 30.66
N ASP E 23 71.98 14.90 31.11
CA ASP E 23 71.50 14.69 32.48
C ASP E 23 72.14 13.41 33.05
N ASP E 24 72.91 13.55 34.13
CA ASP E 24 73.70 12.44 34.68
C ASP E 24 72.87 11.23 35.16
N THR E 25 71.64 11.47 35.58
CA THR E 25 70.79 10.42 36.15
C THR E 25 70.26 9.48 35.05
N LEU E 26 70.50 9.83 33.81
CA LEU E 26 70.10 9.03 32.65
C LEU E 26 71.15 7.98 32.28
N VAL E 27 72.33 8.09 32.87
CA VAL E 27 73.36 7.11 32.62
C VAL E 27 73.04 5.78 33.31
N GLN E 28 73.03 4.71 32.50
CA GLN E 28 72.69 3.35 32.93
C GLN E 28 73.94 2.51 32.90
N PRO E 29 73.92 1.28 33.44
CA PRO E 29 75.15 0.48 33.55
C PRO E 29 75.99 0.37 32.27
N SER E 30 75.33 0.35 31.13
CA SER E 30 76.03 0.08 29.90
C SER E 30 75.67 1.07 28.77
N SER E 31 74.78 2.01 29.07
CA SER E 31 74.16 2.84 28.07
C SER E 31 73.66 4.14 28.65
N ILE E 32 73.08 4.98 27.81
CA ILE E 32 72.40 6.16 28.30
C ILE E 32 70.96 6.25 27.73
N ASP E 33 69.97 6.37 28.64
CA ASP E 33 68.52 6.54 28.30
C ASP E 33 68.26 7.91 27.60
N VAL E 34 67.46 7.89 26.54
CA VAL E 34 67.17 9.10 25.75
C VAL E 34 65.69 9.41 25.76
N ARG E 35 65.36 10.67 25.53
CA ARG E 35 63.98 11.13 25.75
C ARG E 35 63.33 11.58 24.47
N LEU E 36 62.01 11.35 24.37
CA LEU E 36 61.19 11.75 23.25
C LEU E 36 60.97 13.25 23.15
N ASP E 37 61.09 13.78 21.95
CA ASP E 37 60.79 15.18 21.67
C ASP E 37 59.29 15.44 21.58
N CYS E 38 58.89 16.65 21.19
CA CYS E 38 57.45 16.96 21.09
C CYS E 38 56.97 17.22 19.68
N LEU E 39 57.76 16.84 18.69
CA LEU E 39 57.31 16.88 17.30
C LEU E 39 57.22 15.50 16.66
N PHE E 40 56.14 15.28 15.91
CA PHE E 40 55.93 14.03 15.20
C PHE E 40 55.62 14.29 13.73
N ARG E 41 55.85 13.26 12.90
CA ARG E 41 55.34 13.23 11.53
C ARG E 41 54.40 12.06 11.28
N VAL E 42 53.20 12.40 10.77
CA VAL E 42 52.18 11.39 10.46
C VAL E 42 52.04 11.21 8.96
N PHE E 43 51.70 10.01 8.55
CA PHE E 43 51.54 9.67 7.15
C PHE E 43 50.05 9.79 6.80
N ASN E 44 49.64 11.00 6.43
CA ASN E 44 48.23 11.21 6.21
C ASN E 44 47.93 11.85 4.85
N ASN E 45 48.87 11.71 3.91
CA ASN E 45 48.65 12.17 2.54
C ASN E 45 47.58 11.34 1.84
N THR E 46 46.77 11.97 1.01
CA THR E 46 45.77 11.25 0.24
C THR E 46 45.89 11.44 -1.27
N ARG E 47 47.03 11.94 -1.75
CA ARG E 47 47.27 12.12 -3.19
C ARG E 47 48.11 11.00 -3.80
N TYR E 48 49.20 10.60 -3.14
CA TYR E 48 50.07 9.56 -3.65
C TYR E 48 49.44 8.18 -3.58
N THR E 49 49.81 7.33 -4.52
CA THR E 49 49.26 5.99 -4.64
C THR E 49 50.25 4.95 -4.17
N HIS E 50 51.50 5.34 -4.03
CA HIS E 50 52.52 4.41 -3.61
C HIS E 50 53.76 5.14 -3.15
N ILE E 51 54.63 4.44 -2.46
CA ILE E 51 55.90 5.01 -2.05
C ILE E 51 57.00 4.50 -2.94
N ASP E 52 57.69 5.44 -3.60
CA ASP E 52 58.83 5.10 -4.41
C ASP E 52 60.13 5.62 -3.76
N PRO E 53 60.96 4.72 -3.22
CA PRO E 53 62.18 5.23 -2.59
C PRO E 53 63.07 6.05 -3.55
N ALA E 54 62.83 5.93 -4.85
CA ALA E 54 63.66 6.55 -5.88
C ALA E 54 63.24 7.97 -6.23
N LYS E 55 62.07 8.38 -5.75
CA LYS E 55 61.54 9.71 -5.92
C LYS E 55 61.43 10.40 -4.59
N GLN E 56 61.64 11.71 -4.58
CA GLN E 56 61.37 12.51 -3.40
C GLN E 56 59.86 12.71 -3.34
N GLN E 57 59.27 12.41 -2.19
CA GLN E 57 57.83 12.59 -2.08
C GLN E 57 57.54 13.54 -0.93
N ASP E 58 57.55 14.81 -1.31
CA ASP E 58 57.45 15.96 -0.41
C ASP E 58 56.34 15.94 0.63
N GLU E 59 55.11 15.75 0.17
CA GLU E 59 53.96 15.93 1.03
C GLU E 59 53.48 14.61 1.66
N LEU E 60 54.40 13.68 1.81
CA LEU E 60 54.09 12.36 2.31
C LEU E 60 53.80 12.36 3.79
N THR E 61 54.31 13.36 4.48
CA THR E 61 54.17 13.45 5.93
C THR E 61 53.67 14.84 6.33
N SER E 62 53.02 14.93 7.50
CA SER E 62 52.64 16.20 8.10
C SER E 62 53.30 16.33 9.47
N LEU E 63 53.64 17.56 9.84
CA LEU E 63 54.16 17.87 11.16
C LEU E 63 53.02 18.06 12.15
N VAL E 64 53.11 17.39 13.29
CA VAL E 64 52.09 17.44 14.33
C VAL E 64 52.77 17.69 15.67
N GLN E 65 52.14 18.49 16.53
CA GLN E 65 52.66 18.73 17.88
C GLN E 65 51.55 18.67 18.89
N PRO E 66 51.64 17.76 19.86
CA PRO E 66 50.62 17.74 20.88
C PRO E 66 50.48 19.12 21.54
N VAL E 67 49.22 19.53 21.78
CA VAL E 67 48.89 20.65 22.68
C VAL E 67 49.60 20.41 24.03
N ASP E 68 50.18 21.47 24.60
CA ASP E 68 51.07 21.28 25.74
C ASP E 68 50.40 20.66 26.99
N GLY E 69 51.05 19.63 27.52
CA GLY E 69 50.54 18.82 28.61
C GLY E 69 49.75 17.61 28.14
N GLU E 70 49.27 17.66 26.90
CA GLU E 70 48.56 16.54 26.27
C GLU E 70 49.49 15.49 25.64
N PRO E 71 48.98 14.27 25.44
CA PRO E 71 49.82 13.27 24.86
C PRO E 71 49.58 13.14 23.36
N PHE E 72 50.55 12.58 22.66
CA PHE E 72 50.32 12.11 21.32
C PHE E 72 49.76 10.66 21.36
N VAL E 73 48.67 10.41 20.63
CA VAL E 73 48.06 9.07 20.67
C VAL E 73 48.44 8.27 19.44
N LEU E 74 49.20 7.19 19.68
CA LEU E 74 49.64 6.26 18.65
C LEU E 74 48.63 5.11 18.53
N HIS E 75 47.91 5.05 17.42
CA HIS E 75 46.87 4.03 17.21
C HIS E 75 47.47 2.69 16.84
N PRO E 76 46.74 1.58 17.13
CA PRO E 76 47.26 0.25 16.82
C PRO E 76 47.51 0.08 15.33
N GLY E 77 48.72 -0.36 14.94
CA GLY E 77 49.12 -0.51 13.53
C GLY E 77 49.50 0.79 12.81
N GLU E 78 49.60 1.89 13.56
CA GLU E 78 50.00 3.18 13.01
C GLU E 78 51.50 3.25 13.09
N PHE E 79 52.08 4.14 12.27
CA PHE E 79 53.51 4.32 12.12
C PHE E 79 53.77 5.81 12.02
N VAL E 80 54.57 6.33 12.94
CA VAL E 80 54.92 7.73 12.95
C VAL E 80 56.42 7.93 13.14
N LEU E 81 56.88 9.15 12.87
CA LEU E 81 58.26 9.54 13.08
C LEU E 81 58.35 10.49 14.21
N GLY E 82 59.32 10.28 15.07
CA GLY E 82 59.53 11.14 16.22
C GLY E 82 60.98 11.51 16.28
N SER E 83 61.35 12.27 17.29
CA SER E 83 62.72 12.76 17.43
C SER E 83 63.22 12.60 18.89
N THR E 84 64.53 12.66 19.07
CA THR E 84 65.09 12.71 20.41
C THR E 84 65.16 14.16 20.89
N LEU E 85 64.97 14.34 22.19
CA LEU E 85 65.14 15.63 22.83
C LEU E 85 66.59 16.09 22.70
N GLU E 86 67.50 15.16 22.96
CA GLU E 86 68.93 15.42 22.96
C GLU E 86 69.52 15.52 21.56
N LEU E 87 70.60 16.30 21.41
CA LEU E 87 71.42 16.36 20.18
C LEU E 87 72.74 15.63 20.41
N PHE E 88 73.03 14.63 19.58
CA PHE E 88 74.20 13.78 19.73
C PHE E 88 75.34 14.16 18.79
N THR E 89 76.55 14.29 19.32
CA THR E 89 77.75 14.46 18.51
C THR E 89 78.72 13.33 18.89
N LEU E 90 78.97 12.44 17.94
CA LEU E 90 79.91 11.36 18.15
C LEU E 90 81.23 11.74 17.55
N PRO E 91 82.34 11.33 18.17
CA PRO E 91 83.68 11.48 17.63
C PRO E 91 83.90 10.52 16.47
N ASP E 92 85.09 10.52 15.88
CA ASP E 92 85.29 9.66 14.75
C ASP E 92 85.90 8.31 15.12
N ASN E 93 85.98 8.01 16.42
CA ASN E 93 86.46 6.69 16.87
C ASN E 93 85.46 5.92 17.70
N LEU E 94 84.23 6.40 17.72
CA LEU E 94 83.14 5.74 18.43
C LEU E 94 81.96 5.47 17.50
N ALA E 95 81.23 4.39 17.73
CA ALA E 95 79.98 4.16 17.02
C ALA E 95 78.87 3.98 18.03
N GLY E 96 77.65 4.25 17.64
CA GLY E 96 76.53 4.15 18.56
C GLY E 96 75.54 3.13 18.10
N ARG E 97 74.82 2.56 19.04
CA ARG E 97 73.74 1.63 18.74
C ARG E 97 72.54 2.10 19.55
N LEU E 98 71.41 2.26 18.87
CA LEU E 98 70.18 2.74 19.49
C LEU E 98 69.22 1.55 19.72
N GLU E 99 68.76 1.33 20.94
CA GLU E 99 67.78 0.27 21.16
C GLU E 99 66.60 0.80 21.95
N GLY E 100 65.48 0.09 21.93
CA GLY E 100 64.30 0.50 22.68
C GLY E 100 64.52 0.23 24.13
N LYS E 101 63.48 0.41 24.94
CA LYS E 101 63.52 0.06 26.35
C LYS E 101 62.59 -1.10 26.58
N SER E 102 63.02 -2.06 27.39
CA SER E 102 62.21 -3.23 27.78
C SER E 102 60.83 -2.91 28.40
N SER E 103 60.73 -1.86 29.22
CA SER E 103 59.44 -1.43 29.74
C SER E 103 58.43 -1.04 28.68
N LEU E 104 58.87 -0.54 27.55
CA LEU E 104 57.94 -0.07 26.55
C LEU E 104 57.65 -1.16 25.53
N GLY E 105 58.67 -1.94 25.23
CA GLY E 105 58.53 -3.10 24.38
C GLY E 105 57.45 -4.01 24.92
N ARG E 106 57.39 -4.15 26.25
CA ARG E 106 56.42 -5.02 26.88
C ARG E 106 54.99 -4.50 26.77
N LEU E 107 54.87 -3.23 26.42
CA LEU E 107 53.57 -2.61 26.19
C LEU E 107 53.10 -2.69 24.74
N GLY E 108 54.00 -3.01 23.82
CA GLY E 108 53.70 -3.13 22.40
C GLY E 108 54.16 -1.89 21.60
N LEU E 109 55.07 -1.13 22.18
CA LEU E 109 55.63 0.03 21.52
C LEU E 109 56.99 -0.30 20.94
N LEU E 110 57.11 -0.27 19.61
CA LEU E 110 58.41 -0.50 18.99
C LEU E 110 58.95 0.85 18.60
N THR E 111 60.18 1.12 19.02
CA THR E 111 60.69 2.50 19.16
C THR E 111 61.53 2.97 17.98
N HIS E 112 62.58 2.22 17.65
CA HIS E 112 63.14 2.32 16.32
C HIS E 112 62.42 1.22 15.58
N SER E 113 62.99 0.81 14.45
CA SER E 113 62.78 -0.54 13.96
C SER E 113 63.83 -0.75 12.88
N THR E 114 64.42 -1.95 12.86
CA THR E 114 65.31 -2.44 11.77
C THR E 114 66.63 -1.66 11.52
N VAL E 115 66.88 -0.62 12.32
CA VAL E 115 68.10 0.22 12.17
C VAL E 115 68.77 0.46 13.53
N GLY E 116 70.08 0.19 13.59
CA GLY E 116 70.77 0.26 14.85
C GLY E 116 71.92 1.23 14.79
N PHE E 117 72.42 1.50 13.59
CA PHE E 117 73.72 2.16 13.47
C PHE E 117 73.64 3.69 13.48
N ILE E 118 74.36 4.30 14.43
CA ILE E 118 74.73 5.72 14.39
C ILE E 118 76.16 5.78 14.00
N ASP E 119 76.48 6.57 12.98
CA ASP E 119 77.81 6.56 12.37
C ASP E 119 78.84 7.46 13.10
N PRO E 120 80.10 7.01 13.21
CA PRO E 120 81.10 7.90 13.76
C PRO E 120 81.07 9.26 13.06
N GLY E 121 81.15 10.33 13.84
CA GLY E 121 81.12 11.67 13.28
C GLY E 121 79.74 12.27 13.07
N PHE E 122 78.70 11.47 13.29
CA PHE E 122 77.34 11.96 13.18
C PHE E 122 77.09 13.05 14.22
N SER E 123 76.32 14.06 13.80
CA SER E 123 75.91 15.13 14.68
C SER E 123 74.47 15.54 14.36
N GLY E 124 73.59 15.53 15.36
CA GLY E 124 72.21 15.94 15.16
C GLY E 124 71.30 15.23 16.13
N HIS E 125 70.00 15.42 15.96
CA HIS E 125 68.97 14.72 16.71
C HIS E 125 68.74 13.37 16.04
N ILE E 126 68.10 12.45 16.72
CA ILE E 126 67.86 11.15 16.12
C ILE E 126 66.40 11.00 15.80
N THR E 127 66.11 10.54 14.60
CA THR E 127 64.73 10.35 14.18
C THR E 127 64.32 8.97 14.62
N LEU E 128 63.11 8.85 15.16
CA LEU E 128 62.62 7.58 15.67
C LEU E 128 61.40 7.12 14.93
N GLU E 129 61.41 5.84 14.51
CA GLU E 129 60.26 5.24 13.83
C GLU E 129 59.42 4.59 14.90
N LEU E 130 58.27 5.18 15.20
CA LEU E 130 57.46 4.67 16.31
C LEU E 130 56.28 3.90 15.80
N SER E 131 56.06 2.75 16.42
CA SER E 131 55.08 1.77 15.92
C SER E 131 54.31 1.15 17.10
N ASN E 132 53.05 0.79 16.89
CA ASN E 132 52.25 0.19 17.95
C ASN E 132 51.78 -1.16 17.46
N VAL E 133 52.04 -2.21 18.24
CA VAL E 133 51.62 -3.58 17.89
C VAL E 133 50.66 -4.20 18.88
N ALA E 134 50.32 -3.47 19.92
CA ALA E 134 49.24 -3.89 20.81
C ALA E 134 47.86 -3.68 20.16
N ASN E 135 46.80 -4.07 20.84
CA ASN E 135 45.47 -3.84 20.32
C ASN E 135 44.78 -2.62 20.93
N LEU E 136 45.47 -1.90 21.80
CA LEU E 136 45.00 -0.60 22.27
C LEU E 136 45.94 0.52 21.84
N PRO E 137 45.40 1.75 21.64
CA PRO E 137 46.25 2.89 21.40
C PRO E 137 47.15 3.18 22.61
N ILE E 138 48.32 3.74 22.34
CA ILE E 138 49.26 4.09 23.40
C ILE E 138 49.41 5.62 23.41
N THR E 139 49.39 6.20 24.61
CA THR E 139 49.67 7.60 24.80
C THR E 139 51.17 7.84 25.00
N LEU E 140 51.77 8.64 24.15
CA LEU E 140 53.15 8.98 24.31
C LEU E 140 53.23 10.38 24.89
N TRP E 141 54.00 10.54 25.96
CA TRP E 141 54.16 11.83 26.63
C TRP E 141 55.52 12.39 26.24
N PRO E 142 55.52 13.58 25.61
CA PRO E 142 56.78 14.29 25.30
C PRO E 142 57.69 14.37 26.52
N GLY E 143 58.99 14.11 26.34
CA GLY E 143 60.00 14.15 27.41
C GLY E 143 60.15 12.84 28.17
N MET E 144 59.40 11.82 27.76
CA MET E 144 59.44 10.52 28.40
C MET E 144 60.68 9.83 27.88
N LYS E 145 61.22 8.91 28.68
CA LYS E 145 62.30 8.08 28.19
C LYS E 145 61.72 7.19 27.09
N ILE E 146 62.46 7.03 25.99
CA ILE E 146 61.92 6.35 24.83
C ILE E 146 62.85 5.29 24.28
N GLY E 147 64.07 5.29 24.77
CA GLY E 147 65.11 4.43 24.25
C GLY E 147 66.43 4.63 24.96
N GLN E 148 67.45 3.97 24.46
CA GLN E 148 68.76 3.99 25.08
C GLN E 148 69.85 3.78 24.06
N LEU E 149 71.04 4.26 24.38
CA LEU E 149 72.09 4.42 23.40
C LEU E 149 73.34 3.93 24.06
N CYS E 150 74.02 3.00 23.43
CA CYS E 150 75.33 2.59 23.91
C CYS E 150 76.40 2.94 22.88
N MET E 151 77.66 2.92 23.29
CA MET E 151 78.76 3.24 22.41
C MET E 151 79.74 2.10 22.26
N LEU E 152 80.14 1.83 21.01
CA LEU E 152 81.16 0.85 20.69
C LEU E 152 82.45 1.53 20.30
N ARG E 153 83.58 1.01 20.78
CA ARG E 153 84.88 1.42 20.24
C ARG E 153 85.10 0.89 18.80
N LEU E 154 85.67 1.71 17.95
CA LEU E 154 86.16 1.23 16.68
C LEU E 154 87.60 0.79 16.79
N THR E 155 88.00 -0.10 15.89
CA THR E 155 89.37 -0.61 15.80
C THR E 155 90.39 0.49 15.54
N SER E 156 90.00 1.51 14.79
CA SER E 156 90.82 2.69 14.52
C SER E 156 89.86 3.78 14.10
N PRO E 157 90.27 5.07 14.21
CA PRO E 157 89.40 6.16 13.75
C PRO E 157 88.98 6.04 12.30
N SER E 158 87.74 6.44 12.07
CA SER E 158 87.13 6.52 10.76
C SER E 158 87.95 7.43 9.85
N GLU E 159 88.25 6.92 8.67
CA GLU E 159 89.04 7.59 7.67
C GLU E 159 88.17 8.71 7.08
N HIS E 160 86.95 8.35 6.69
CA HIS E 160 85.99 9.30 6.15
C HIS E 160 84.68 9.27 6.95
N PRO E 161 84.62 10.03 8.07
CA PRO E 161 83.51 10.01 9.02
C PRO E 161 82.20 10.43 8.40
N TYR E 162 81.14 10.43 9.20
CA TYR E 162 79.84 10.80 8.73
C TYR E 162 79.80 12.32 8.53
N GLY E 163 79.20 12.75 7.42
CA GLY E 163 79.11 14.14 7.08
C GLY E 163 80.23 14.59 6.16
N SER E 164 81.35 13.86 6.17
CA SER E 164 82.44 14.10 5.19
C SER E 164 81.91 13.81 3.77
N SER E 165 82.40 14.52 2.77
CA SER E 165 81.78 14.47 1.43
C SER E 165 82.04 13.15 0.69
N ARG E 166 83.08 12.42 1.10
CA ARG E 166 83.39 11.07 0.56
C ARG E 166 82.33 10.02 0.97
N ALA E 167 81.76 10.17 2.16
CA ALA E 167 80.66 9.30 2.62
C ALA E 167 79.29 9.58 1.94
N GLY E 168 79.08 10.83 1.48
CA GLY E 168 77.81 11.25 0.82
C GLY E 168 76.58 11.25 1.73
N SER E 169 76.75 11.72 2.96
CA SER E 169 75.77 11.59 4.02
C SER E 169 74.57 12.52 3.88
N LYS E 170 73.38 11.98 4.11
CA LYS E 170 72.13 12.70 3.84
C LYS E 170 71.57 13.50 5.03
N TYR E 171 71.97 13.17 6.26
CA TYR E 171 71.29 13.68 7.45
C TYR E 171 72.12 14.47 8.44
N GLN E 172 73.33 14.89 8.05
CA GLN E 172 74.21 15.61 8.98
C GLN E 172 73.55 16.89 9.52
N GLY E 173 73.58 17.06 10.84
CA GLY E 173 72.94 18.18 11.52
C GLY E 173 71.41 18.23 11.42
N GLN E 174 70.71 17.10 11.52
CA GLN E 174 69.24 17.11 11.43
C GLN E 174 68.53 17.51 12.72
N ARG E 175 67.35 18.10 12.56
CA ARG E 175 66.69 18.81 13.63
C ARG E 175 65.47 18.12 14.15
N GLY E 176 64.41 18.10 13.37
CA GLY E 176 63.15 17.54 13.83
C GLY E 176 63.04 16.10 13.38
N PRO E 177 61.80 15.53 13.44
CA PRO E 177 61.55 14.24 12.77
C PRO E 177 61.74 14.45 11.26
N THR E 178 62.91 14.08 10.76
CA THR E 178 63.25 14.38 9.37
C THR E 178 62.75 13.32 8.37
N PRO E 179 62.04 13.75 7.30
CA PRO E 179 61.55 12.75 6.35
C PRO E 179 62.71 12.03 5.64
N SER E 180 62.40 10.90 5.01
CA SER E 180 63.37 10.15 4.23
C SER E 180 63.96 10.93 3.05
N ARG E 181 65.27 10.77 2.88
CA ARG E 181 65.97 11.39 1.77
C ARG E 181 66.62 10.36 0.84
N SER E 182 65.99 9.22 0.62
CA SER E 182 66.64 8.13 -0.09
C SER E 182 66.84 8.41 -1.58
N TYR E 183 66.02 9.30 -2.12
CA TYR E 183 66.06 9.65 -3.54
C TYR E 183 67.39 10.26 -3.93
N GLN E 184 68.03 10.94 -2.98
CA GLN E 184 69.36 11.49 -3.15
C GLN E 184 70.35 10.33 -3.36
N ASN E 185 71.08 10.41 -4.48
CA ASN E 185 72.10 9.40 -4.86
C ASN E 185 71.55 7.96 -5.02
N PHE E 186 70.26 7.83 -5.35
CA PHE E 186 69.62 6.54 -5.49
C PHE E 186 70.21 5.70 -6.63
N ILE E 187 70.63 4.48 -6.31
CA ILE E 187 71.14 3.51 -7.32
C ILE E 187 70.19 2.30 -7.49
N ARG E 188 70.21 1.68 -8.67
CA ARG E 188 69.39 0.50 -9.00
C ARG E 188 69.94 -0.31 -10.19
N MET F 1 6.79 -4.42 -1.36
CA MET F 1 6.62 -4.25 -2.82
C MET F 1 7.66 -3.28 -3.37
N LEU F 2 8.43 -3.72 -4.35
CA LEU F 2 9.60 -3.00 -4.82
C LEU F 2 9.36 -2.28 -6.13
N LEU F 3 9.64 -0.97 -6.21
CA LEU F 3 9.35 -0.23 -7.44
C LEU F 3 10.32 -0.56 -8.55
N SER F 4 9.76 -0.79 -9.73
CA SER F 4 10.53 -1.01 -10.93
C SER F 4 10.91 0.32 -11.55
N ASP F 5 11.66 0.27 -12.65
CA ASP F 5 12.11 1.46 -13.38
C ASP F 5 10.95 2.34 -13.79
N ARG F 6 9.93 1.71 -14.38
CA ARG F 6 8.71 2.35 -14.83
C ARG F 6 8.09 3.18 -13.71
N ASP F 7 8.00 2.59 -12.53
CA ASP F 7 7.29 3.24 -11.44
C ASP F 7 8.15 4.22 -10.67
N LEU F 8 9.46 4.07 -10.82
CA LEU F 8 10.40 5.01 -10.25
C LEU F 8 10.36 6.30 -10.99
N ARG F 9 10.46 6.24 -12.32
CA ARG F 9 10.36 7.44 -13.18
C ARG F 9 9.07 8.18 -12.91
N ALA F 10 7.98 7.42 -12.80
CA ALA F 10 6.66 7.99 -12.52
C ALA F 10 6.61 8.75 -11.19
N GLU F 11 7.39 8.32 -10.21
CA GLU F 11 7.40 8.97 -8.92
C GLU F 11 8.20 10.24 -8.99
N ILE F 12 9.25 10.21 -9.79
CA ILE F 12 10.18 11.32 -9.90
C ILE F 12 9.53 12.46 -10.67
N SER F 13 8.95 12.14 -11.82
CA SER F 13 8.36 13.17 -12.65
C SER F 13 7.03 13.68 -12.09
N SER F 14 6.45 12.95 -11.15
CA SER F 14 5.28 13.46 -10.42
C SER F 14 5.66 14.33 -9.22
N GLY F 15 6.96 14.47 -8.98
CA GLY F 15 7.46 15.29 -7.87
C GLY F 15 7.35 14.73 -6.45
N ARG F 16 6.91 13.48 -6.29
CA ARG F 16 6.77 12.88 -4.96
C ARG F 16 8.06 12.31 -4.38
N LEU F 17 8.91 11.75 -5.24
CA LEU F 17 10.26 11.34 -4.90
C LEU F 17 11.20 12.35 -5.52
N GLY F 18 11.97 13.02 -4.68
CA GLY F 18 12.91 14.02 -5.16
C GLY F 18 14.31 13.46 -5.31
N ILE F 19 14.91 13.69 -6.48
CA ILE F 19 16.33 13.46 -6.72
C ILE F 19 16.88 14.68 -7.44
N ASP F 20 17.91 15.27 -6.87
CA ASP F 20 18.46 16.49 -7.43
C ASP F 20 20.00 16.53 -7.30
N PRO F 21 20.71 16.59 -8.44
CA PRO F 21 20.18 16.61 -9.81
C PRO F 21 19.77 15.21 -10.29
N PHE F 22 18.69 15.15 -11.06
CA PHE F 22 18.25 13.90 -11.62
C PHE F 22 18.83 13.68 -13.00
N ASP F 23 19.16 12.43 -13.31
CA ASP F 23 19.63 12.03 -14.64
C ASP F 23 18.98 10.71 -15.03
N ASP F 24 18.21 10.72 -16.12
CA ASP F 24 17.38 9.59 -16.52
C ASP F 24 18.19 8.31 -16.85
N THR F 25 19.41 8.51 -17.36
CA THR F 25 20.29 7.39 -17.76
C THR F 25 20.83 6.60 -16.56
N LEU F 26 20.54 7.07 -15.36
CA LEU F 26 20.98 6.42 -14.16
C LEU F 26 19.93 5.43 -13.66
N VAL F 27 18.72 5.52 -14.19
CA VAL F 27 17.69 4.57 -13.81
C VAL F 27 17.99 3.19 -14.32
N GLN F 28 17.98 2.20 -13.41
CA GLN F 28 18.33 0.80 -13.68
C GLN F 28 17.09 0.00 -13.56
N PRO F 29 17.07 -1.29 -14.00
CA PRO F 29 15.82 -2.13 -13.96
C PRO F 29 14.99 -2.06 -12.66
N SER F 30 15.68 -1.98 -11.53
CA SER F 30 14.99 -2.08 -10.26
C SER F 30 15.39 -0.96 -9.29
N SER F 31 16.34 -0.12 -9.69
CA SER F 31 16.94 0.87 -8.79
C SER F 31 17.44 2.10 -9.54
N ILE F 32 18.04 3.01 -8.80
CA ILE F 32 18.72 4.13 -9.42
C ILE F 32 20.17 4.33 -8.90
N ASP F 33 21.13 4.30 -9.83
CA ASP F 33 22.57 4.46 -9.55
C ASP F 33 22.85 5.89 -9.01
N VAL F 34 23.68 5.99 -7.96
CA VAL F 34 23.99 7.29 -7.34
C VAL F 34 25.47 7.57 -7.39
N ARG F 35 25.83 8.85 -7.39
CA ARG F 35 27.20 9.27 -7.62
C ARG F 35 27.90 9.82 -6.38
N LEU F 36 29.20 9.65 -6.34
CA LEU F 36 30.04 10.19 -5.26
C LEU F 36 30.34 11.72 -5.33
N ASP F 37 30.17 12.39 -4.20
CA ASP F 37 30.43 13.80 -4.09
C ASP F 37 31.94 14.05 -4.04
N CYS F 38 32.38 15.30 -3.80
CA CYS F 38 33.81 15.59 -3.75
C CYS F 38 34.33 15.98 -2.36
N LEU F 39 33.56 15.73 -1.31
CA LEU F 39 34.03 15.96 0.06
C LEU F 39 34.09 14.71 0.89
N PHE F 40 35.15 14.57 1.66
CA PHE F 40 35.34 13.41 2.51
C PHE F 40 35.65 13.82 3.96
N ARG F 41 35.44 12.90 4.89
CA ARG F 41 35.98 13.03 6.23
C ARG F 41 36.89 11.89 6.60
N VAL F 42 38.08 12.23 7.07
CA VAL F 42 39.10 11.27 7.47
C VAL F 42 39.24 11.30 8.98
N PHE F 43 39.63 10.16 9.54
CA PHE F 43 39.78 9.99 10.99
C PHE F 43 41.24 10.13 11.34
N ASN F 44 41.69 11.36 11.50
CA ASN F 44 43.09 11.62 11.67
C ASN F 44 43.40 12.45 12.93
N ASN F 45 42.50 12.38 13.91
CA ASN F 45 42.73 12.99 15.22
C ASN F 45 43.80 12.21 15.99
N THR F 46 44.64 12.95 16.72
CA THR F 46 45.63 12.32 17.59
C THR F 46 45.49 12.65 19.08
N ARG F 47 44.36 13.23 19.50
CA ARG F 47 44.14 13.61 20.91
C ARG F 47 43.27 12.61 21.67
N TYR F 48 42.19 12.14 21.04
CA TYR F 48 41.31 11.13 21.63
C TYR F 48 41.93 9.76 21.73
N THR F 49 41.62 9.07 22.83
CA THR F 49 42.15 7.74 23.09
C THR F 49 41.12 6.68 22.82
N HIS F 50 39.87 7.06 22.64
CA HIS F 50 38.84 6.08 22.33
C HIS F 50 37.60 6.75 21.81
N ILE F 51 36.73 5.99 21.16
CA ILE F 51 35.43 6.48 20.70
C ILE F 51 34.33 6.07 21.68
N ASP F 52 33.62 7.08 22.19
CA ASP F 52 32.49 6.84 23.04
C ASP F 52 31.22 7.32 22.34
N PRO F 53 30.39 6.38 21.85
CA PRO F 53 29.16 6.84 21.22
C PRO F 53 28.29 7.76 22.09
N ALA F 54 28.58 7.84 23.40
CA ALA F 54 27.74 8.57 24.36
C ALA F 54 28.13 10.05 24.47
N LYS F 55 29.32 10.38 23.96
CA LYS F 55 29.86 11.70 23.99
C LYS F 55 29.97 12.22 22.58
N GLN F 56 29.74 13.50 22.40
CA GLN F 56 30.03 14.17 21.12
C GLN F 56 31.53 14.36 21.03
N GLN F 57 32.13 13.91 19.94
CA GLN F 57 33.57 14.07 19.81
C GLN F 57 33.90 14.88 18.56
N ASP F 58 33.88 16.18 18.77
CA ASP F 58 33.99 17.22 17.73
C ASP F 58 35.08 17.09 16.69
N GLU F 59 36.32 16.94 17.16
CA GLU F 59 37.44 16.98 16.28
C GLU F 59 37.89 15.58 15.85
N LEU F 60 36.94 14.65 15.82
CA LEU F 60 37.25 13.28 15.47
C LEU F 60 37.55 13.12 14.01
N THR F 61 37.01 14.01 13.20
CA THR F 61 37.14 13.96 11.73
C THR F 61 37.67 15.29 11.15
N SER F 62 38.31 15.22 9.99
CA SER F 62 38.73 16.41 9.21
C SER F 62 38.12 16.36 7.82
N LEU F 63 37.74 17.53 7.32
CA LEU F 63 37.22 17.66 5.98
C LEU F 63 38.36 17.75 4.98
N VAL F 64 38.26 16.97 3.92
CA VAL F 64 39.28 16.88 2.88
C VAL F 64 38.58 16.96 1.54
N GLN F 65 39.20 17.62 0.57
CA GLN F 65 38.65 17.69 -0.78
C GLN F 65 39.72 17.49 -1.80
N PRO F 66 39.62 16.45 -2.66
CA PRO F 66 40.65 16.29 -3.68
C PRO F 66 40.78 17.57 -4.49
N VAL F 67 42.04 17.94 -4.77
CA VAL F 67 42.37 18.93 -5.81
C VAL F 67 41.65 18.55 -7.11
N ASP F 68 41.08 19.54 -7.81
CA ASP F 68 40.20 19.25 -8.94
C ASP F 68 40.83 18.48 -10.12
N GLY F 69 40.19 17.37 -10.49
CA GLY F 69 40.70 16.44 -11.50
C GLY F 69 41.45 15.27 -10.89
N GLU F 70 41.90 15.43 -9.64
CA GLU F 70 42.64 14.40 -8.91
C GLU F 70 41.70 13.48 -8.15
N PRO F 71 42.16 12.27 -7.83
CA PRO F 71 41.34 11.35 -7.09
C PRO F 71 41.61 11.42 -5.61
N PHE F 72 40.63 10.96 -4.82
CA PHE F 72 40.86 10.64 -3.42
C PHE F 72 41.41 9.22 -3.30
N VAL F 73 42.51 9.04 -2.59
CA VAL F 73 43.10 7.70 -2.43
C VAL F 73 42.74 7.06 -1.13
N LEU F 74 41.95 5.98 -1.23
CA LEU F 74 41.55 5.17 -0.08
C LEU F 74 42.55 4.05 0.17
N HIS F 75 43.32 4.17 1.25
CA HIS F 75 44.30 3.12 1.64
C HIS F 75 43.66 1.83 2.17
N PRO F 76 44.36 0.69 1.99
CA PRO F 76 43.87 -0.58 2.53
C PRO F 76 43.64 -0.51 4.02
N GLY F 77 42.40 -0.78 4.41
CA GLY F 77 42.03 -0.88 5.81
C GLY F 77 41.73 0.46 6.42
N GLU F 78 41.65 1.49 5.58
CA GLU F 78 41.24 2.83 5.98
C GLU F 78 39.70 2.91 5.93
N PHE F 79 39.17 3.84 6.69
CA PHE F 79 37.73 4.08 6.76
C PHE F 79 37.49 5.59 6.60
N VAL F 80 36.67 6.01 5.62
CA VAL F 80 36.36 7.44 5.47
C VAL F 80 34.89 7.63 5.28
N LEU F 81 34.43 8.87 5.38
CA LEU F 81 33.04 9.19 5.15
C LEU F 81 32.94 10.03 3.90
N GLY F 82 31.97 9.69 3.05
CA GLY F 82 31.71 10.43 1.81
C GLY F 82 30.24 10.80 1.70
N SER F 83 29.86 11.38 0.58
CA SER F 83 28.52 11.90 0.48
C SER F 83 28.03 11.57 -0.89
N THR F 84 26.72 11.68 -1.11
CA THR F 84 26.16 11.54 -2.44
C THR F 84 26.10 12.91 -3.11
N LEU F 85 26.30 12.92 -4.42
CA LEU F 85 26.13 14.13 -5.22
C LEU F 85 24.67 14.60 -5.14
N GLU F 86 23.74 13.65 -5.24
CA GLU F 86 22.30 13.90 -5.26
C GLU F 86 21.75 14.21 -3.88
N LEU F 87 20.62 14.93 -3.83
CA LEU F 87 19.83 15.17 -2.62
C LEU F 87 18.50 14.43 -2.80
N PHE F 88 18.16 13.62 -1.81
CA PHE F 88 17.01 12.76 -1.88
C PHE F 88 15.93 13.28 -0.98
N THR F 89 14.70 13.30 -1.48
CA THR F 89 13.52 13.62 -0.67
C THR F 89 12.51 12.50 -0.86
N LEU F 90 12.28 11.71 0.18
CA LEU F 90 11.33 10.61 0.11
C LEU F 90 9.99 11.10 0.65
N PRO F 91 8.88 10.59 0.07
CA PRO F 91 7.55 10.85 0.59
C PRO F 91 7.34 10.05 1.88
N ASP F 92 6.15 10.13 2.47
CA ASP F 92 5.91 9.36 3.69
C ASP F 92 5.27 7.98 3.46
N ASN F 93 5.21 7.53 2.21
CA ASN F 93 4.74 6.18 1.93
C ASN F 93 5.74 5.30 1.19
N LEU F 94 6.99 5.73 1.14
CA LEU F 94 8.06 5.00 0.47
C LEU F 94 9.24 4.86 1.41
N ALA F 95 9.94 3.72 1.35
CA ALA F 95 11.20 3.52 2.06
C ALA F 95 12.34 3.24 1.08
N GLY F 96 13.56 3.56 1.46
CA GLY F 96 14.65 3.37 0.53
C GLY F 96 15.63 2.39 1.09
N ARG F 97 16.33 1.71 0.23
CA ARG F 97 17.41 0.83 0.62
C ARG F 97 18.61 1.15 -0.23
N LEU F 98 19.74 1.38 0.42
CA LEU F 98 20.96 1.72 -0.25
C LEU F 98 21.86 0.48 -0.31
N GLU F 99 22.38 0.15 -1.51
CA GLU F 99 23.35 -0.94 -1.64
C GLU F 99 24.48 -0.53 -2.53
N GLY F 100 25.59 -1.24 -2.46
CA GLY F 100 26.78 -0.88 -3.21
C GLY F 100 26.58 -1.41 -4.60
N LYS F 101 27.60 -1.25 -5.46
CA LYS F 101 27.54 -1.79 -6.82
C LYS F 101 28.46 -2.98 -6.91
N SER F 102 27.98 -4.07 -7.51
CA SER F 102 28.78 -5.26 -7.80
C SER F 102 30.19 -5.04 -8.41
N SER F 103 30.31 -4.18 -9.44
CA SER F 103 31.60 -3.78 -10.02
C SER F 103 32.59 -3.22 -9.01
N LEU F 104 32.11 -2.55 -7.98
CA LEU F 104 33.05 -1.98 -7.00
C LEU F 104 33.31 -2.96 -5.88
N GLY F 105 32.31 -3.71 -5.49
CA GLY F 105 32.51 -4.74 -4.52
C GLY F 105 33.58 -5.75 -4.93
N ARG F 106 33.68 -6.01 -6.22
CA ARG F 106 34.63 -6.99 -6.73
C ARG F 106 36.06 -6.45 -6.76
N LEU F 107 36.22 -5.15 -6.54
CA LEU F 107 37.53 -4.55 -6.43
C LEU F 107 37.97 -4.42 -4.98
N GLY F 108 37.06 -4.61 -4.04
CA GLY F 108 37.42 -4.57 -2.64
C GLY F 108 36.96 -3.31 -1.96
N LEU F 109 36.05 -2.57 -2.61
CA LEU F 109 35.53 -1.33 -2.08
C LEU F 109 34.19 -1.57 -1.43
N LEU F 110 34.17 -1.48 -0.11
CA LEU F 110 32.90 -1.48 0.64
C LEU F 110 32.38 -0.05 0.72
N THR F 111 31.13 0.15 0.32
CA THR F 111 30.58 1.51 0.11
C THR F 111 29.73 2.07 1.27
N HIS F 112 29.39 1.21 2.22
CA HIS F 112 28.69 1.60 3.44
C HIS F 112 28.96 0.62 4.60
N SER F 113 28.37 0.90 5.77
CA SER F 113 28.79 0.22 7.01
C SER F 113 27.68 -0.60 7.69
N THR F 114 27.13 -1.60 7.00
CA THR F 114 26.13 -2.44 7.67
C THR F 114 24.73 -1.78 7.78
N VAL F 115 24.48 -0.70 7.01
CA VAL F 115 23.47 0.30 7.37
C VAL F 115 22.09 0.37 6.68
N GLY F 116 22.05 0.11 5.37
CA GLY F 116 20.76 -0.07 4.66
C GLY F 116 19.73 1.06 4.66
N PHE F 117 18.78 1.07 5.61
CA PHE F 117 17.48 1.82 5.56
C PHE F 117 17.58 3.35 5.40
N ILE F 118 16.70 3.93 4.58
CA ILE F 118 16.54 5.36 4.43
C ILE F 118 15.08 5.55 4.75
N ASP F 119 14.78 6.38 5.75
CA ASP F 119 13.42 6.47 6.35
C ASP F 119 12.39 7.31 5.56
N PRO F 120 11.12 6.88 5.54
CA PRO F 120 10.12 7.67 4.83
C PRO F 120 10.16 9.10 5.34
N GLY F 121 10.05 10.08 4.46
CA GLY F 121 10.13 11.49 4.86
C GLY F 121 11.55 12.06 4.92
N PHE F 122 12.57 11.21 4.78
CA PHE F 122 13.95 11.71 4.83
C PHE F 122 14.22 12.69 3.69
N SER F 123 14.96 13.74 3.95
CA SER F 123 15.36 14.66 2.94
C SER F 123 16.78 15.12 3.20
N GLY F 124 17.64 14.96 2.20
CA GLY F 124 19.01 15.39 2.33
C GLY F 124 19.91 14.55 1.50
N HIS F 125 21.22 14.78 1.65
CA HIS F 125 22.26 13.97 1.01
C HIS F 125 22.50 12.72 1.84
N ILE F 126 23.14 11.73 1.27
CA ILE F 126 23.39 10.52 2.02
C ILE F 126 24.86 10.42 2.35
N THR F 127 25.14 10.08 3.60
CA THR F 127 26.53 9.95 4.03
C THR F 127 26.95 8.51 3.75
N LEU F 128 28.14 8.34 3.21
CA LEU F 128 28.62 7.02 2.84
C LEU F 128 29.84 6.59 3.66
N GLU F 129 29.77 5.38 4.22
CA GLU F 129 30.91 4.84 4.93
C GLU F 129 31.79 4.03 3.98
N LEU F 130 32.93 4.58 3.58
CA LEU F 130 33.77 3.97 2.51
C LEU F 130 34.96 3.27 3.09
N SER F 131 35.24 2.06 2.60
CA SER F 131 36.17 1.15 3.24
C SER F 131 36.89 0.36 2.16
N ASN F 132 38.14 -0.02 2.42
CA ASN F 132 38.93 -0.74 1.43
C ASN F 132 39.41 -2.05 2.04
N VAL F 133 39.11 -3.19 1.42
CA VAL F 133 39.52 -4.49 1.99
C VAL F 133 40.49 -5.22 1.10
N ALA F 134 40.84 -4.59 -0.02
CA ALA F 134 41.88 -5.13 -0.90
C ALA F 134 43.30 -4.85 -0.34
N ASN F 135 44.33 -5.36 -1.00
CA ASN F 135 45.65 -5.08 -0.47
C ASN F 135 46.28 -3.92 -1.19
N LEU F 136 45.58 -3.31 -2.13
CA LEU F 136 46.06 -2.11 -2.75
C LEU F 136 45.16 -0.93 -2.46
N PRO F 137 45.69 0.30 -2.50
CA PRO F 137 44.85 1.48 -2.39
C PRO F 137 44.00 1.67 -3.61
N ILE F 138 42.80 2.20 -3.40
CA ILE F 138 41.84 2.45 -4.47
C ILE F 138 41.75 3.96 -4.74
N THR F 139 41.72 4.36 -5.99
CA THR F 139 41.49 5.76 -6.32
C THR F 139 40.02 6.01 -6.59
N LEU F 140 39.40 6.88 -5.80
CA LEU F 140 37.99 7.23 -5.99
C LEU F 140 37.90 8.54 -6.72
N TRP F 141 37.11 8.56 -7.78
CA TRP F 141 36.98 9.74 -8.60
C TRP F 141 35.66 10.36 -8.25
N PRO F 142 35.67 11.62 -7.76
CA PRO F 142 34.43 12.39 -7.60
C PRO F 142 33.56 12.36 -8.85
N GLY F 143 32.26 12.10 -8.66
CA GLY F 143 31.29 12.05 -9.75
C GLY F 143 31.04 10.65 -10.28
N MET F 144 31.87 9.70 -9.85
CA MET F 144 31.71 8.27 -10.20
C MET F 144 30.47 7.66 -9.58
N LYS F 145 29.88 6.69 -10.25
CA LYS F 145 28.82 5.91 -9.63
C LYS F 145 29.41 5.16 -8.44
N ILE F 146 28.73 5.23 -7.30
CA ILE F 146 29.27 4.66 -6.07
C ILE F 146 28.28 3.69 -5.41
N GLY F 147 27.05 3.66 -5.85
CA GLY F 147 26.06 2.81 -5.22
C GLY F 147 24.75 2.94 -5.93
N GLN F 148 23.72 2.36 -5.33
CA GLN F 148 22.40 2.33 -5.95
C GLN F 148 21.28 2.27 -4.90
N LEU F 149 20.09 2.71 -5.28
CA LEU F 149 19.03 2.99 -4.36
C LEU F 149 17.74 2.49 -4.92
N CYS F 150 17.06 1.62 -4.18
CA CYS F 150 15.76 1.13 -4.58
C CYS F 150 14.71 1.60 -3.61
N MET F 151 13.45 1.50 -3.99
CA MET F 151 12.32 1.99 -3.20
C MET F 151 11.27 0.90 -2.90
N LEU F 152 10.88 0.80 -1.64
CA LEU F 152 9.90 -0.16 -1.17
C LEU F 152 8.65 0.56 -0.79
N ARG F 153 7.49 0.05 -1.24
CA ARG F 153 6.19 0.57 -0.76
C ARG F 153 5.93 0.18 0.67
N LEU F 154 5.35 1.08 1.46
CA LEU F 154 4.97 0.77 2.81
C LEU F 154 3.53 0.33 2.75
N THR F 155 3.11 -0.43 3.77
CA THR F 155 1.72 -0.90 3.91
C THR F 155 0.70 0.23 4.07
N SER F 156 1.16 1.34 4.64
CA SER F 156 0.35 2.54 4.78
C SER F 156 1.31 3.68 5.06
N PRO F 157 0.91 4.94 4.76
CA PRO F 157 1.81 6.04 5.09
C PRO F 157 2.26 6.05 6.55
N SER F 158 3.48 6.53 6.74
CA SER F 158 4.10 6.72 8.03
C SER F 158 3.34 7.75 8.83
N GLU F 159 3.03 7.39 10.07
CA GLU F 159 2.25 8.22 10.97
C GLU F 159 3.10 9.39 11.45
N HIS F 160 4.35 9.11 11.83
CA HIS F 160 5.30 10.14 12.25
C HIS F 160 6.57 9.94 11.49
N PRO F 161 6.66 10.57 10.29
CA PRO F 161 7.76 10.40 9.34
C PRO F 161 9.10 10.87 9.90
N TYR F 162 10.15 10.71 9.12
CA TYR F 162 11.46 11.18 9.52
C TYR F 162 11.51 12.71 9.51
N GLY F 163 12.20 13.27 10.50
CA GLY F 163 12.23 14.70 10.67
C GLY F 163 11.15 15.22 11.59
N SER F 164 9.99 14.56 11.65
CA SER F 164 8.94 14.91 12.60
C SER F 164 9.49 14.79 14.02
N SER F 165 9.01 15.63 14.94
CA SER F 165 9.63 15.73 16.27
C SER F 165 9.40 14.49 17.16
N ARG F 166 8.33 13.74 16.88
CA ARG F 166 8.01 12.49 17.57
C ARG F 166 9.06 11.40 17.27
N ALA F 167 9.62 11.42 16.07
CA ALA F 167 10.70 10.48 15.70
C ALA F 167 12.09 10.82 16.32
N GLY F 168 12.32 12.10 16.64
CA GLY F 168 13.58 12.56 17.26
C GLY F 168 14.80 12.44 16.36
N SER F 169 14.64 12.80 15.08
CA SER F 169 15.58 12.50 14.01
C SER F 169 16.78 13.42 14.02
N LYS F 170 17.97 12.85 13.82
CA LYS F 170 19.24 13.56 14.01
C LYS F 170 19.80 14.20 12.73
N TYR F 171 19.37 13.73 11.57
CA TYR F 171 20.06 14.08 10.32
C TYR F 171 19.22 14.77 9.25
N GLN F 172 17.98 15.17 9.57
CA GLN F 172 17.14 15.86 8.58
C GLN F 172 17.84 17.07 7.90
N GLY F 173 17.78 17.09 6.57
CA GLY F 173 18.44 18.07 5.74
C GLY F 173 19.95 18.11 5.80
N GLN F 174 20.62 16.98 5.83
CA GLN F 174 22.08 16.99 5.97
C GLN F 174 22.77 17.29 4.65
N ARG F 175 23.97 17.87 4.74
CA ARG F 175 24.65 18.40 3.57
C ARG F 175 25.88 17.63 3.09
N GLY F 176 26.96 17.73 3.86
CA GLY F 176 28.19 17.09 3.46
C GLY F 176 28.29 15.69 4.00
N PRO F 177 29.53 15.15 4.06
CA PRO F 177 29.75 13.96 4.89
C PRO F 177 29.56 14.37 6.33
N THR F 178 28.42 14.00 6.91
CA THR F 178 28.11 14.47 8.27
C THR F 178 28.62 13.52 9.35
N PRO F 179 29.37 14.05 10.34
CA PRO F 179 29.83 13.19 11.42
C PRO F 179 28.67 12.62 12.22
N SER F 180 28.91 11.51 12.91
CA SER F 180 27.92 10.88 13.82
C SER F 180 27.35 11.76 14.93
N ARG F 181 26.05 11.64 15.15
CA ARG F 181 25.40 12.43 16.17
C ARG F 181 24.72 11.53 17.20
N SER F 182 25.34 10.40 17.52
CA SER F 182 24.71 9.46 18.43
C SER F 182 24.54 9.92 19.85
N TYR F 183 25.37 10.89 20.28
CA TYR F 183 25.34 11.40 21.65
C TYR F 183 23.99 12.04 21.96
N GLN F 184 23.35 12.59 20.92
CA GLN F 184 22.02 13.18 21.04
C GLN F 184 21.04 12.11 21.39
N ASN F 185 20.37 12.31 22.51
CA ASN F 185 19.35 11.36 23.00
C ASN F 185 19.86 9.95 23.33
N PHE F 186 21.13 9.85 23.72
CA PHE F 186 21.75 8.56 23.99
C PHE F 186 21.17 7.88 25.24
N ILE F 187 20.74 6.63 25.09
CA ILE F 187 20.25 5.82 26.21
C ILE F 187 21.16 4.62 26.52
N ARG F 188 21.15 4.16 27.78
CA ARG F 188 21.97 3.02 28.22
C ARG F 188 21.34 2.38 29.48
N SER F 189 22.01 1.42 30.13
CA SER F 189 21.51 0.90 31.41
C SER F 189 22.14 1.58 32.64
N MET G 1 -6.95 4.50 1.95
CA MET G 1 -6.28 3.18 1.81
C MET G 1 -7.28 2.11 2.14
N LEU G 2 -7.51 1.21 1.20
CA LEU G 2 -8.58 0.25 1.30
C LEU G 2 -8.08 -1.14 1.73
N LEU G 3 -8.67 -1.76 2.75
CA LEU G 3 -8.16 -3.07 3.20
C LEU G 3 -8.52 -4.18 2.22
N SER G 4 -7.54 -5.04 1.96
CA SER G 4 -7.71 -6.24 1.16
C SER G 4 -8.16 -7.37 2.04
N ASP G 5 -8.46 -8.52 1.43
CA ASP G 5 -8.90 -9.73 2.15
C ASP G 5 -7.94 -10.17 3.23
N ARG G 6 -6.65 -10.17 2.90
CA ARG G 6 -5.56 -10.48 3.80
C ARG G 6 -5.62 -9.64 5.08
N ASP G 7 -5.83 -8.35 4.91
CA ASP G 7 -5.76 -7.43 6.03
C ASP G 7 -7.09 -7.33 6.80
N LEU G 8 -8.18 -7.67 6.13
CA LEU G 8 -9.47 -7.76 6.77
C LEU G 8 -9.50 -8.91 7.74
N ARG G 9 -9.06 -10.09 7.30
CA ARG G 9 -9.01 -11.28 8.17
C ARG G 9 -8.13 -11.05 9.39
N ALA G 10 -7.01 -10.39 9.15
CA ALA G 10 -6.10 -9.97 10.21
C ALA G 10 -6.77 -9.03 11.25
N GLU G 11 -7.69 -8.17 10.82
CA GLU G 11 -8.35 -7.26 11.74
C GLU G 11 -9.38 -7.98 12.57
N ILE G 12 -10.06 -8.94 11.94
CA ILE G 12 -11.11 -9.70 12.59
C ILE G 12 -10.55 -10.65 13.63
N SER G 13 -9.55 -11.46 13.26
CA SER G 13 -8.99 -12.41 14.19
C SER G 13 -8.12 -11.77 15.27
N SER G 14 -7.73 -10.50 15.07
CA SER G 14 -7.07 -9.75 16.14
C SER G 14 -8.08 -9.09 17.08
N GLY G 15 -9.37 -9.22 16.75
CA GLY G 15 -10.43 -8.66 17.58
C GLY G 15 -10.68 -7.16 17.51
N ARG G 16 -10.02 -6.45 16.58
CA ARG G 16 -10.20 -4.99 16.47
C ARG G 16 -11.40 -4.60 15.61
N LEU G 17 -11.69 -5.41 14.61
CA LEU G 17 -12.92 -5.28 13.87
C LEU G 17 -13.82 -6.44 14.24
N GLY G 18 -14.97 -6.14 14.81
CA GLY G 18 -15.90 -7.18 15.23
C GLY G 18 -16.94 -7.46 14.16
N ILE G 19 -17.11 -8.74 13.83
CA ILE G 19 -18.25 -9.20 13.04
C ILE G 19 -18.81 -10.43 13.73
N ASP G 20 -20.10 -10.40 14.03
CA ASP G 20 -20.74 -11.47 14.79
C ASP G 20 -22.15 -11.74 14.30
N PRO G 21 -22.44 -12.98 13.81
CA PRO G 21 -21.47 -14.08 13.62
C PRO G 21 -20.59 -13.91 12.39
N PHE G 22 -19.31 -14.25 12.56
CA PHE G 22 -18.37 -14.19 11.45
C PHE G 22 -18.32 -15.53 10.71
N ASP G 23 -18.18 -15.44 9.39
CA ASP G 23 -18.03 -16.60 8.52
C ASP G 23 -16.95 -16.31 7.47
N ASP G 24 -15.86 -17.09 7.50
CA ASP G 24 -14.69 -16.85 6.62
C ASP G 24 -14.96 -16.87 5.12
N THR G 25 -15.93 -17.68 4.69
CA THR G 25 -16.27 -17.86 3.28
C THR G 25 -16.98 -16.64 2.70
N LEU G 26 -17.32 -15.69 3.56
CA LEU G 26 -17.95 -14.45 3.12
C LEU G 26 -16.94 -13.37 2.78
N VAL G 27 -15.67 -13.57 3.13
CA VAL G 27 -14.62 -12.64 2.76
C VAL G 27 -14.33 -12.69 1.27
N GLN G 28 -14.41 -11.53 0.62
CA GLN G 28 -14.22 -11.35 -0.81
C GLN G 28 -12.89 -10.65 -1.04
N PRO G 29 -12.41 -10.49 -2.30
CA PRO G 29 -11.12 -9.83 -2.58
C PRO G 29 -10.86 -8.50 -1.88
N SER G 30 -11.88 -7.69 -1.69
CA SER G 30 -11.68 -6.33 -1.21
C SER G 30 -12.69 -5.95 -0.13
N SER G 31 -13.61 -6.87 0.16
CA SER G 31 -14.74 -6.59 1.02
C SER G 31 -15.24 -7.84 1.79
N ILE G 32 -16.30 -7.68 2.57
CA ILE G 32 -16.96 -8.84 3.13
C ILE G 32 -18.48 -8.82 2.92
N ASP G 33 -19.02 -9.89 2.32
CA ASP G 33 -20.44 -10.01 2.01
C ASP G 33 -21.27 -10.10 3.31
N VAL G 34 -22.44 -9.45 3.36
CA VAL G 34 -23.28 -9.39 4.59
C VAL G 34 -24.70 -9.85 4.32
N ARG G 35 -25.37 -10.36 5.33
CA ARG G 35 -26.60 -11.13 5.10
C ARG G 35 -27.82 -10.47 5.68
N LEU G 36 -28.96 -10.69 5.02
CA LEU G 36 -30.24 -10.10 5.46
C LEU G 36 -30.87 -10.79 6.67
N ASP G 37 -31.31 -9.98 7.62
CA ASP G 37 -31.97 -10.44 8.83
C ASP G 37 -33.40 -10.89 8.51
N CYS G 38 -34.22 -11.22 9.52
CA CYS G 38 -35.59 -11.64 9.27
C CYS G 38 -36.65 -10.70 9.84
N LEU G 39 -36.26 -9.47 10.14
CA LEU G 39 -37.22 -8.44 10.54
C LEU G 39 -37.24 -7.27 9.58
N PHE G 40 -38.44 -6.78 9.29
CA PHE G 40 -38.63 -5.66 8.37
C PHE G 40 -39.53 -4.60 8.97
N ARG G 41 -39.39 -3.37 8.49
CA ARG G 41 -40.38 -2.31 8.78
C ARG G 41 -41.05 -1.77 7.53
N VAL G 42 -42.39 -1.82 7.51
CA VAL G 42 -43.21 -1.35 6.40
C VAL G 42 -43.86 -0.04 6.78
N PHE G 43 -44.05 0.81 5.77
CA PHE G 43 -44.69 2.10 5.96
C PHE G 43 -46.16 2.00 5.64
N ASN G 44 -46.97 1.64 6.64
CA ASN G 44 -48.34 1.33 6.36
C ASN G 44 -49.28 2.06 7.30
N ASN G 45 -48.79 3.17 7.83
CA ASN G 45 -49.63 4.07 8.62
C ASN G 45 -50.69 4.76 7.76
N THR G 46 -51.88 4.94 8.31
CA THR G 46 -52.90 5.70 7.60
C THR G 46 -53.44 6.95 8.32
N ARG G 47 -52.74 7.40 9.37
CA ARG G 47 -53.14 8.59 10.15
C ARG G 47 -52.36 9.83 9.75
N TYR G 48 -51.06 9.70 9.55
CA TYR G 48 -50.22 10.82 9.16
C TYR G 48 -50.50 11.27 7.73
N THR G 49 -50.33 12.58 7.50
CA THR G 49 -50.58 13.17 6.19
C THR G 49 -49.26 13.49 5.49
N HIS G 50 -48.16 13.51 6.25
CA HIS G 50 -46.86 13.91 5.71
C HIS G 50 -45.78 13.49 6.68
N ILE G 51 -44.56 13.40 6.18
CA ILE G 51 -43.37 13.15 6.98
C ILE G 51 -42.66 14.48 7.25
N ASP G 52 -42.44 14.75 8.52
CA ASP G 52 -41.67 15.91 8.93
C ASP G 52 -40.43 15.43 9.65
N PRO G 53 -39.25 15.56 9.01
CA PRO G 53 -38.02 15.12 9.67
C PRO G 53 -37.78 15.80 11.03
N ALA G 54 -38.50 16.90 11.31
CA ALA G 54 -38.34 17.67 12.53
C ALA G 54 -39.15 17.13 13.72
N LYS G 55 -40.11 16.26 13.44
CA LYS G 55 -40.93 15.64 14.46
C LYS G 55 -40.64 14.15 14.54
N GLN G 56 -40.80 13.59 15.73
CA GLN G 56 -40.74 12.14 15.88
C GLN G 56 -42.07 11.63 15.43
N GLN G 57 -42.07 10.63 14.57
CA GLN G 57 -43.35 10.09 14.16
C GLN G 57 -43.43 8.60 14.46
N ASP G 58 -43.88 8.33 15.67
CA ASP G 58 -43.83 7.01 16.25
C ASP G 58 -44.36 5.84 15.46
N GLU G 59 -45.61 5.98 15.00
CA GLU G 59 -46.31 4.86 14.42
C GLU G 59 -46.19 4.88 12.90
N LEU G 60 -45.10 5.42 12.40
CA LEU G 60 -44.91 5.56 10.98
C LEU G 60 -44.66 4.22 10.33
N THR G 61 -44.13 3.29 11.11
CA THR G 61 -43.67 2.00 10.62
C THR G 61 -44.25 0.87 11.47
N SER G 62 -44.37 -0.32 10.87
CA SER G 62 -44.76 -1.52 11.58
C SER G 62 -43.72 -2.58 11.40
N LEU G 63 -43.51 -3.37 12.45
CA LEU G 63 -42.60 -4.50 12.40
C LEU G 63 -43.29 -5.69 11.80
N VAL G 64 -42.63 -6.34 10.85
CA VAL G 64 -43.15 -7.52 10.15
C VAL G 64 -42.06 -8.58 10.13
N GLN G 65 -42.46 -9.84 10.24
CA GLN G 65 -41.50 -10.96 10.14
C GLN G 65 -42.08 -12.08 9.31
N PRO G 66 -41.40 -12.46 8.23
CA PRO G 66 -41.92 -13.57 7.46
C PRO G 66 -42.11 -14.81 8.35
N VAL G 67 -43.21 -15.52 8.14
CA VAL G 67 -43.39 -16.89 8.62
C VAL G 67 -42.16 -17.71 8.19
N ASP G 68 -41.66 -18.55 9.09
CA ASP G 68 -40.36 -19.24 8.86
C ASP G 68 -40.31 -20.17 7.63
N GLY G 69 -39.31 -19.94 6.78
CA GLY G 69 -39.18 -20.64 5.49
C GLY G 69 -39.80 -19.85 4.34
N GLU G 70 -40.65 -18.88 4.68
CA GLU G 70 -41.30 -18.04 3.67
C GLU G 70 -40.49 -16.79 3.37
N PRO G 71 -40.72 -16.19 2.20
CA PRO G 71 -39.99 -14.98 1.88
C PRO G 71 -40.79 -13.74 2.24
N PHE G 72 -40.09 -12.63 2.35
CA PHE G 72 -40.74 -11.35 2.38
C PHE G 72 -40.87 -10.87 0.93
N VAL G 73 -42.04 -10.39 0.54
CA VAL G 73 -42.25 -9.96 -0.85
C VAL G 73 -42.22 -8.46 -0.98
N LEU G 74 -41.22 -7.97 -1.69
CA LEU G 74 -41.04 -6.55 -1.91
C LEU G 74 -41.74 -6.15 -3.21
N HIS G 75 -42.75 -5.29 -3.10
CA HIS G 75 -43.54 -4.87 -4.28
C HIS G 75 -42.86 -3.77 -5.10
N PRO G 76 -43.12 -3.71 -6.43
CA PRO G 76 -42.54 -2.65 -7.26
C PRO G 76 -42.88 -1.30 -6.69
N GLY G 77 -41.84 -0.50 -6.43
CA GLY G 77 -42.00 0.86 -5.94
C GLY G 77 -42.27 0.96 -4.46
N GLU G 78 -42.18 -0.17 -3.77
CA GLU G 78 -42.27 -0.22 -2.33
C GLU G 78 -40.89 0.09 -1.70
N PHE G 79 -40.92 0.54 -0.45
CA PHE G 79 -39.75 0.96 0.29
C PHE G 79 -39.88 0.40 1.71
N VAL G 80 -38.91 -0.41 2.15
CA VAL G 80 -38.94 -1.05 3.47
C VAL G 80 -37.61 -0.98 4.19
N LEU G 81 -37.61 -1.14 5.49
CA LEU G 81 -36.36 -1.15 6.25
C LEU G 81 -36.05 -2.60 6.67
N GLY G 82 -34.79 -2.98 6.50
CA GLY G 82 -34.31 -4.29 6.92
C GLY G 82 -33.06 -4.16 7.74
N SER G 83 -32.50 -5.28 8.15
CA SER G 83 -31.37 -5.24 9.06
C SER G 83 -30.32 -6.23 8.59
N THR G 84 -29.10 -6.10 9.09
CA THR G 84 -28.09 -7.08 8.82
C THR G 84 -28.16 -8.18 9.90
N LEU G 85 -27.87 -9.41 9.50
CA LEU G 85 -27.77 -10.50 10.44
C LEU G 85 -26.59 -10.25 11.39
N GLU G 86 -25.47 -9.78 10.84
CA GLU G 86 -24.26 -9.56 11.61
C GLU G 86 -24.31 -8.26 12.43
N LEU G 87 -23.56 -8.24 13.56
CA LEU G 87 -23.31 -7.03 14.35
C LEU G 87 -21.89 -6.60 14.11
N PHE G 88 -21.73 -5.33 13.75
CA PHE G 88 -20.42 -4.73 13.41
C PHE G 88 -19.89 -3.84 14.52
N THR G 89 -18.63 -4.05 14.87
CA THR G 89 -17.92 -3.14 15.77
C THR G 89 -16.67 -2.63 15.05
N LEU G 90 -16.65 -1.34 14.76
CA LEU G 90 -15.48 -0.74 14.11
C LEU G 90 -14.61 -0.10 15.15
N PRO G 91 -13.29 -0.18 14.97
CA PRO G 91 -12.36 0.54 15.85
C PRO G 91 -12.40 2.04 15.51
N ASP G 92 -11.56 2.84 16.17
CA ASP G 92 -11.61 4.27 15.91
C ASP G 92 -10.63 4.76 14.84
N ASN G 93 -10.01 3.83 14.12
CA ASN G 93 -9.09 4.19 13.04
C ASN G 93 -9.48 3.58 11.71
N LEU G 94 -10.68 3.02 11.64
CA LEU G 94 -11.23 2.46 10.39
C LEU G 94 -12.59 3.08 10.08
N ALA G 95 -12.88 3.24 8.78
CA ALA G 95 -14.21 3.62 8.33
C ALA G 95 -14.78 2.58 7.38
N GLY G 96 -16.08 2.42 7.35
CA GLY G 96 -16.66 1.38 6.55
C GLY G 96 -17.49 2.00 5.47
N ARG G 97 -17.61 1.31 4.35
CA ARG G 97 -18.51 1.74 3.29
C ARG G 97 -19.37 0.55 2.91
N LEU G 98 -20.67 0.75 2.90
CA LEU G 98 -21.63 -0.30 2.57
C LEU G 98 -22.14 -0.11 1.13
N GLU G 99 -22.10 -1.17 0.33
CA GLU G 99 -22.61 -1.14 -1.04
C GLU G 99 -23.46 -2.38 -1.29
N GLY G 100 -24.29 -2.31 -2.32
CA GLY G 100 -25.14 -3.43 -2.70
C GLY G 100 -24.29 -4.44 -3.42
N LYS G 101 -24.92 -5.54 -3.86
CA LYS G 101 -24.24 -6.52 -4.69
C LYS G 101 -24.71 -6.37 -6.12
N SER G 102 -23.79 -6.51 -7.07
CA SER G 102 -24.09 -6.49 -8.49
C SER G 102 -25.18 -7.49 -8.94
N SER G 103 -25.17 -8.71 -8.37
CA SER G 103 -26.19 -9.70 -8.74
C SER G 103 -27.61 -9.26 -8.45
N LEU G 104 -27.78 -8.43 -7.44
CA LEU G 104 -29.11 -8.02 -7.02
C LEU G 104 -29.49 -6.72 -7.69
N GLY G 105 -28.50 -5.86 -7.86
CA GLY G 105 -28.72 -4.62 -8.59
C GLY G 105 -29.26 -4.93 -9.97
N ARG G 106 -28.81 -6.04 -10.56
CA ARG G 106 -29.21 -6.39 -11.93
C ARG G 106 -30.65 -6.89 -11.98
N LEU G 107 -31.20 -7.19 -10.81
CA LEU G 107 -32.58 -7.64 -10.70
C LEU G 107 -33.52 -6.49 -10.43
N GLY G 108 -32.98 -5.34 -10.07
CA GLY G 108 -33.79 -4.14 -9.77
C GLY G 108 -33.99 -3.91 -8.27
N LEU G 109 -33.15 -4.56 -7.46
CA LEU G 109 -33.18 -4.44 -6.01
C LEU G 109 -32.16 -3.41 -5.52
N LEU G 110 -32.67 -2.30 -5.03
CA LEU G 110 -31.80 -1.29 -4.48
C LEU G 110 -31.66 -1.58 -2.99
N THR G 111 -30.42 -1.59 -2.49
CA THR G 111 -30.18 -2.12 -1.15
C THR G 111 -29.95 -1.12 0.00
N HIS G 112 -29.39 0.03 -0.33
CA HIS G 112 -29.48 1.17 0.54
C HIS G 112 -29.98 2.30 -0.35
N SER G 113 -30.58 3.29 0.25
CA SER G 113 -31.06 4.37 -0.55
C SER G 113 -30.27 5.56 -0.03
N THR G 114 -29.16 5.81 -0.76
CA THR G 114 -28.42 7.11 -0.77
C THR G 114 -27.29 7.30 0.32
N VAL G 115 -27.03 6.25 1.12
CA VAL G 115 -26.09 6.35 2.26
C VAL G 115 -24.90 5.37 2.23
N GLY G 116 -23.69 5.93 2.37
CA GLY G 116 -22.49 5.14 2.30
C GLY G 116 -21.98 4.84 3.68
N PHE G 117 -21.60 5.90 4.42
CA PHE G 117 -20.62 5.89 5.53
C PHE G 117 -20.98 5.10 6.76
N ILE G 118 -20.08 4.26 7.23
CA ILE G 118 -20.17 3.70 8.59
C ILE G 118 -19.08 4.38 9.43
N ASP G 119 -19.45 5.03 10.53
CA ASP G 119 -18.50 5.84 11.28
C ASP G 119 -17.52 5.06 12.18
N PRO G 120 -16.27 5.54 12.33
CA PRO G 120 -15.30 4.88 13.22
C PRO G 120 -15.88 4.82 14.62
N GLY G 121 -15.77 3.66 15.27
CA GLY G 121 -16.36 3.47 16.57
C GLY G 121 -17.82 3.07 16.56
N PHE G 122 -18.42 2.89 15.40
CA PHE G 122 -19.79 2.42 15.36
C PHE G 122 -19.88 0.96 15.81
N SER G 123 -20.97 0.64 16.51
CA SER G 123 -21.19 -0.72 16.98
C SER G 123 -22.67 -1.03 16.94
N GLY G 124 -23.05 -2.06 16.21
CA GLY G 124 -24.44 -2.46 16.14
C GLY G 124 -24.73 -3.14 14.82
N HIS G 125 -26.02 -3.42 14.58
CA HIS G 125 -26.48 -3.94 13.31
C HIS G 125 -26.63 -2.78 12.34
N ILE G 126 -26.76 -3.07 11.06
CA ILE G 126 -26.94 -2.04 10.07
C ILE G 126 -28.33 -2.11 9.50
N THR G 127 -28.95 -0.93 9.40
CA THR G 127 -30.31 -0.79 8.89
C THR G 127 -30.19 -0.60 7.39
N LEU G 128 -31.04 -1.30 6.63
CA LEU G 128 -31.00 -1.29 5.19
C LEU G 128 -32.29 -0.75 4.63
N GLU G 129 -32.13 0.18 3.70
CA GLU G 129 -33.27 0.77 2.99
C GLU G 129 -33.47 0.05 1.68
N LEU G 130 -34.45 -0.84 1.66
CA LEU G 130 -34.66 -1.76 0.54
C LEU G 130 -35.76 -1.25 -0.38
N SER G 131 -35.49 -1.34 -1.67
CA SER G 131 -36.29 -0.68 -2.66
C SER G 131 -36.36 -1.56 -3.91
N ASN G 132 -37.53 -1.60 -4.55
CA ASN G 132 -37.70 -2.33 -5.80
C ASN G 132 -38.01 -1.39 -6.99
N VAL G 133 -37.24 -1.49 -8.08
CA VAL G 133 -37.44 -0.61 -9.23
C VAL G 133 -37.77 -1.42 -10.47
N ALA G 134 -37.81 -2.73 -10.34
CA ALA G 134 -38.26 -3.57 -11.44
C ALA G 134 -39.82 -3.53 -11.57
N ASN G 135 -40.37 -4.11 -12.62
CA ASN G 135 -41.83 -4.13 -12.72
C ASN G 135 -42.46 -5.40 -12.13
N LEU G 136 -41.66 -6.31 -11.56
CA LEU G 136 -42.20 -7.43 -10.80
C LEU G 136 -41.82 -7.34 -9.34
N PRO G 137 -42.62 -7.92 -8.45
CA PRO G 137 -42.21 -8.04 -7.04
C PRO G 137 -41.02 -8.99 -6.87
N ILE G 138 -40.20 -8.73 -5.86
CA ILE G 138 -39.02 -9.55 -5.58
C ILE G 138 -39.22 -10.33 -4.24
N THR G 139 -38.89 -11.61 -4.22
CA THR G 139 -38.91 -12.36 -2.95
C THR G 139 -37.54 -12.34 -2.27
N LEU G 140 -37.48 -11.74 -1.10
CA LEU G 140 -36.26 -11.67 -0.31
C LEU G 140 -36.24 -12.80 0.73
N TRP G 141 -35.15 -13.56 0.74
CA TRP G 141 -35.05 -14.70 1.64
C TRP G 141 -34.16 -14.30 2.78
N PRO G 142 -34.68 -14.32 4.03
CA PRO G 142 -33.86 -14.12 5.22
C PRO G 142 -32.59 -14.96 5.20
N GLY G 143 -31.45 -14.33 5.49
CA GLY G 143 -30.16 -14.99 5.50
C GLY G 143 -29.40 -15.02 4.19
N MET G 144 -30.02 -14.48 3.15
CA MET G 144 -29.39 -14.28 1.85
C MET G 144 -28.34 -13.20 1.97
N LYS G 145 -27.29 -13.29 1.15
CA LYS G 145 -26.40 -12.16 0.98
C LYS G 145 -27.16 -10.96 0.38
N ILE G 146 -26.92 -9.78 0.90
CA ILE G 146 -27.74 -8.63 0.55
C ILE G 146 -26.89 -7.43 0.23
N GLY G 147 -25.60 -7.50 0.58
CA GLY G 147 -24.70 -6.37 0.41
C GLY G 147 -23.29 -6.75 0.80
N GLN G 148 -22.42 -5.76 0.82
CA GLN G 148 -21.01 -6.00 1.13
C GLN G 148 -20.42 -4.76 1.73
N LEU G 149 -19.35 -4.96 2.48
CA LEU G 149 -18.80 -3.93 3.34
C LEU G 149 -17.30 -3.93 3.18
N CYS G 150 -16.74 -2.76 2.89
CA CYS G 150 -15.30 -2.62 2.81
C CYS G 150 -14.84 -1.65 3.87
N MET G 151 -13.54 -1.72 4.16
CA MET G 151 -12.91 -0.86 5.16
C MET G 151 -11.81 0.08 4.61
N LEU G 152 -11.92 1.35 4.98
CA LEU G 152 -10.93 2.37 4.67
C LEU G 152 -10.12 2.75 5.88
N ARG G 153 -8.79 2.83 5.76
CA ARG G 153 -7.95 3.42 6.81
C ARG G 153 -8.13 4.94 6.94
N LEU G 154 -8.17 5.44 8.17
CA LEU G 154 -8.19 6.86 8.41
C LEU G 154 -6.78 7.35 8.55
N THR G 155 -6.57 8.64 8.24
CA THR G 155 -5.24 9.28 8.34
C THR G 155 -4.65 9.19 9.76
N SER G 156 -5.54 9.19 10.75
CA SER G 156 -5.18 9.14 12.18
C SER G 156 -6.46 8.75 12.95
N PRO G 157 -6.30 8.17 14.14
CA PRO G 157 -7.52 7.81 14.87
C PRO G 157 -8.45 8.99 15.09
N SER G 158 -9.73 8.69 15.02
CA SER G 158 -10.80 9.61 15.33
C SER G 158 -10.67 10.11 16.76
N GLU G 159 -10.72 11.43 16.88
CA GLU G 159 -10.61 12.14 18.16
C GLU G 159 -11.85 11.88 19.00
N HIS G 160 -13.02 12.07 18.38
CA HIS G 160 -14.31 11.82 19.02
C HIS G 160 -15.11 10.87 18.16
N PRO G 161 -14.91 9.56 18.41
CA PRO G 161 -15.54 8.49 17.64
C PRO G 161 -17.07 8.47 17.74
N TYR G 162 -17.70 7.55 17.00
CA TYR G 162 -19.14 7.42 17.01
C TYR G 162 -19.59 6.90 18.34
N GLY G 163 -20.69 7.43 18.83
CA GLY G 163 -21.18 7.07 20.15
C GLY G 163 -20.66 7.93 21.30
N SER G 164 -19.49 8.53 21.13
CA SER G 164 -18.97 9.51 22.09
C SER G 164 -19.96 10.69 22.14
N SER G 165 -20.04 11.35 23.30
CA SER G 165 -21.08 12.35 23.51
C SER G 165 -20.84 13.65 22.74
N ARG G 166 -19.60 13.92 22.38
CA ARG G 166 -19.25 15.07 21.56
C ARG G 166 -19.79 14.96 20.11
N ALA G 167 -19.89 13.74 19.59
CA ALA G 167 -20.47 13.50 18.27
C ALA G 167 -22.01 13.57 18.22
N GLY G 168 -22.66 13.31 19.36
CA GLY G 168 -24.13 13.37 19.46
C GLY G 168 -24.88 12.29 18.69
N SER G 169 -24.32 11.08 18.70
CA SER G 169 -24.74 9.98 17.82
C SER G 169 -26.06 9.35 18.22
N LYS G 170 -26.92 9.08 17.23
CA LYS G 170 -28.32 8.69 17.47
C LYS G 170 -28.55 7.17 17.46
N TYR G 171 -27.61 6.40 16.91
CA TYR G 171 -27.88 4.97 16.67
C TYR G 171 -26.92 3.98 17.28
N GLN G 172 -26.08 4.42 18.22
CA GLN G 172 -25.11 3.49 18.83
C GLN G 172 -25.78 2.28 19.45
N GLY G 173 -25.24 1.09 19.15
CA GLY G 173 -25.78 -0.19 19.58
C GLY G 173 -27.19 -0.55 19.08
N GLN G 174 -27.53 -0.26 17.83
CA GLN G 174 -28.89 -0.50 17.35
C GLN G 174 -29.12 -1.96 16.99
N ARG G 175 -30.37 -2.41 17.08
CA ARG G 175 -30.66 -3.86 16.97
C ARG G 175 -31.45 -4.32 15.75
N GLY G 176 -32.70 -3.90 15.68
CA GLY G 176 -33.55 -4.35 14.60
C GLY G 176 -33.41 -3.38 13.45
N PRO G 177 -34.40 -3.41 12.51
CA PRO G 177 -34.60 -2.29 11.58
C PRO G 177 -35.07 -1.10 12.39
N THR G 178 -34.15 -0.17 12.65
CA THR G 178 -34.46 0.96 13.51
C THR G 178 -35.09 2.13 12.74
N PRO G 179 -36.24 2.65 13.22
CA PRO G 179 -36.80 3.85 12.59
C PRO G 179 -35.91 5.09 12.73
N SER G 180 -36.15 6.07 11.87
CA SER G 180 -35.39 7.33 11.86
C SER G 180 -35.52 8.14 13.14
N ARG G 181 -34.40 8.72 13.57
CA ARG G 181 -34.36 9.50 14.79
C ARG G 181 -33.95 10.95 14.53
N SER G 182 -34.22 11.47 13.34
CA SER G 182 -33.71 12.79 12.94
C SER G 182 -34.25 13.99 13.74
N TYR G 183 -35.38 13.81 14.40
CA TYR G 183 -35.97 14.85 15.27
C TYR G 183 -35.05 15.18 16.42
N GLN G 184 -34.27 14.22 16.88
CA GLN G 184 -33.29 14.43 17.92
C GLN G 184 -32.27 15.42 17.42
N ASN G 185 -32.09 16.51 18.17
CA ASN G 185 -31.11 17.55 17.85
C ASN G 185 -31.34 18.20 16.47
N PHE G 186 -32.58 18.25 16.01
CA PHE G 186 -32.90 18.81 14.69
C PHE G 186 -32.63 20.33 14.60
N ILE G 187 -31.81 20.74 13.63
CA ILE G 187 -31.56 22.19 13.36
C ILE G 187 -32.20 22.68 12.03
N ARG G 188 -32.51 23.97 11.95
CA ARG G 188 -33.10 24.59 10.73
C ARG G 188 -32.90 26.14 10.72
N SER G 189 -33.68 26.85 9.90
CA SER G 189 -33.76 28.33 9.99
C SER G 189 -34.73 28.81 11.07
N MET H 1 -84.67 4.93 -20.01
CA MET H 1 -85.39 6.02 -19.30
C MET H 1 -84.85 6.25 -17.89
N LEU H 2 -84.47 7.50 -17.62
CA LEU H 2 -83.80 7.83 -16.38
C LEU H 2 -84.72 8.51 -15.37
N LEU H 3 -84.81 8.00 -14.15
CA LEU H 3 -85.72 8.59 -13.16
C LEU H 3 -85.22 9.91 -12.64
N SER H 4 -86.10 10.91 -12.64
CA SER H 4 -85.82 12.23 -12.08
C SER H 4 -86.07 12.22 -10.59
N ASP H 5 -85.72 13.31 -9.93
CA ASP H 5 -85.94 13.48 -8.48
C ASP H 5 -87.34 13.15 -8.01
N ARG H 6 -88.33 13.71 -8.69
CA ARG H 6 -89.74 13.48 -8.46
C ARG H 6 -90.08 11.99 -8.41
N ASP H 7 -89.57 11.23 -9.38
CA ASP H 7 -89.89 9.83 -9.51
C ASP H 7 -89.07 8.92 -8.61
N LEU H 8 -87.92 9.41 -8.18
CA LEU H 8 -87.04 8.70 -7.26
C LEU H 8 -87.65 8.67 -5.88
N ARG H 9 -88.08 9.85 -5.42
CA ARG H 9 -88.76 9.97 -4.12
C ARG H 9 -90.01 9.11 -4.10
N ALA H 10 -90.72 9.09 -5.22
CA ALA H 10 -91.92 8.30 -5.36
C ALA H 10 -91.65 6.80 -5.22
N GLU H 11 -90.48 6.35 -5.67
CA GLU H 11 -90.09 4.94 -5.56
C GLU H 11 -89.67 4.58 -4.16
N ILE H 12 -89.03 5.52 -3.46
CA ILE H 12 -88.53 5.29 -2.13
C ILE H 12 -89.66 5.27 -1.12
N SER H 13 -90.53 6.26 -1.15
CA SER H 13 -91.65 6.29 -0.22
C SER H 13 -92.71 5.24 -0.49
N SER H 14 -92.76 4.67 -1.69
CA SER H 14 -93.65 3.54 -1.98
C SER H 14 -93.01 2.20 -1.55
N GLY H 15 -91.79 2.26 -1.04
CA GLY H 15 -91.07 1.09 -0.59
C GLY H 15 -90.52 0.12 -1.62
N ARG H 16 -90.56 0.47 -2.91
CA ARG H 16 -90.05 -0.42 -3.97
C ARG H 16 -88.53 -0.32 -4.16
N LEU H 17 -87.99 0.87 -3.95
CA LEU H 17 -86.57 1.09 -3.94
C LEU H 17 -86.22 1.35 -2.50
N GLY H 18 -85.37 0.53 -1.93
CA GLY H 18 -84.94 0.71 -0.56
C GLY H 18 -83.61 1.42 -0.42
N ILE H 19 -83.58 2.45 0.41
CA ILE H 19 -82.35 3.08 0.86
C ILE H 19 -82.41 3.23 2.36
N ASP H 20 -81.40 2.76 3.05
CA ASP H 20 -81.41 2.75 4.50
C ASP H 20 -80.02 3.01 5.09
N PRO H 21 -79.84 4.12 5.83
CA PRO H 21 -80.83 5.16 6.14
C PRO H 21 -81.06 6.16 5.00
N PHE H 22 -82.31 6.50 4.76
CA PHE H 22 -82.62 7.45 3.72
C PHE H 22 -82.60 8.85 4.29
N ASP H 23 -82.13 9.79 3.48
CA ASP H 23 -82.12 11.21 3.83
C ASP H 23 -82.56 12.05 2.62
N ASP H 24 -83.71 12.71 2.73
CA ASP H 24 -84.31 13.46 1.61
C ASP H 24 -83.40 14.55 0.96
N THR H 25 -82.54 15.18 1.75
CA THR H 25 -81.68 16.28 1.27
C THR H 25 -80.54 15.78 0.39
N LEU H 26 -80.39 14.46 0.28
CA LEU H 26 -79.40 13.87 -0.59
C LEU H 26 -79.92 13.66 -2.01
N VAL H 27 -81.21 13.78 -2.21
CA VAL H 27 -81.78 13.67 -3.56
C VAL H 27 -81.42 14.88 -4.44
N GLN H 28 -80.83 14.59 -5.59
CA GLN H 28 -80.30 15.57 -6.53
C GLN H 28 -81.18 15.51 -7.76
N PRO H 29 -81.10 16.51 -8.70
CA PRO H 29 -82.01 16.57 -9.84
C PRO H 29 -82.27 15.24 -10.57
N SER H 30 -81.26 14.37 -10.66
CA SER H 30 -81.35 13.21 -11.51
C SER H 30 -80.86 11.92 -10.80
N SER H 31 -80.42 12.08 -9.55
CA SER H 31 -79.71 11.03 -8.83
C SER H 31 -79.81 11.22 -7.34
N ILE H 32 -79.21 10.32 -6.58
CA ILE H 32 -79.13 10.49 -5.14
C ILE H 32 -77.68 10.29 -4.64
N ASP H 33 -77.10 11.33 -4.01
CA ASP H 33 -75.75 11.30 -3.40
C ASP H 33 -75.65 10.22 -2.27
N VAL H 34 -74.56 9.46 -2.26
CA VAL H 34 -74.34 8.40 -1.27
C VAL H 34 -73.09 8.65 -0.44
N ARG H 35 -73.06 8.10 0.78
CA ARG H 35 -72.03 8.46 1.75
C ARG H 35 -71.05 7.33 2.07
N LEU H 36 -69.81 7.71 2.39
CA LEU H 36 -68.77 6.75 2.73
C LEU H 36 -68.93 6.15 4.11
N ASP H 37 -68.81 4.83 4.19
CA ASP H 37 -68.79 4.13 5.47
C ASP H 37 -67.47 4.31 6.25
N CYS H 38 -67.31 3.59 7.36
CA CYS H 38 -66.10 3.77 8.15
C CYS H 38 -65.20 2.53 8.17
N LEU H 39 -65.45 1.58 7.30
CA LEU H 39 -64.53 0.44 7.16
C LEU H 39 -63.84 0.38 5.82
N PHE H 40 -62.56 0.05 5.83
CA PHE H 40 -61.77 -0.03 4.61
C PHE H 40 -60.99 -1.32 4.56
N ARG H 41 -60.63 -1.75 3.35
CA ARG H 41 -59.68 -2.83 3.14
C ARG H 41 -58.42 -2.39 2.40
N VAL H 42 -57.26 -2.65 3.03
CA VAL H 42 -55.98 -2.30 2.44
C VAL H 42 -55.29 -3.53 1.91
N PHE H 43 -54.51 -3.36 0.85
CA PHE H 43 -53.75 -4.47 0.24
C PHE H 43 -52.32 -4.47 0.78
N ASN H 44 -52.13 -5.09 1.93
CA ASN H 44 -50.85 -5.01 2.60
C ASN H 44 -50.26 -6.40 2.92
N ASN H 45 -50.71 -7.41 2.20
CA ASN H 45 -50.15 -8.75 2.34
C ASN H 45 -48.71 -8.80 1.83
N THR H 46 -47.87 -9.59 2.51
CA THR H 46 -46.50 -9.74 2.02
C THR H 46 -46.08 -11.17 1.72
N ARG H 47 -47.05 -12.09 1.62
CA ARG H 47 -46.76 -13.49 1.29
C ARG H 47 -46.99 -13.83 -0.19
N TYR H 48 -48.07 -13.34 -0.77
CA TYR H 48 -48.43 -13.64 -2.15
C TYR H 48 -47.51 -12.92 -3.12
N THR H 49 -47.29 -13.55 -4.27
CA THR H 49 -46.41 -13.02 -5.30
C THR H 49 -47.17 -12.42 -6.50
N HIS H 50 -48.45 -12.76 -6.61
CA HIS H 50 -49.27 -12.33 -7.71
C HIS H 50 -50.75 -12.53 -7.40
N ILE H 51 -51.59 -11.83 -8.13
CA ILE H 51 -53.01 -12.00 -8.00
C ILE H 51 -53.48 -12.92 -9.11
N ASP H 52 -54.14 -14.01 -8.73
CA ASP H 52 -54.77 -14.89 -9.68
C ASP H 52 -56.29 -14.90 -9.54
N PRO H 53 -57.02 -14.24 -10.44
CA PRO H 53 -58.49 -14.19 -10.29
C PRO H 53 -59.12 -15.59 -10.09
N ALA H 54 -58.42 -16.64 -10.47
CA ALA H 54 -58.98 -17.99 -10.52
C ALA H 54 -58.87 -18.70 -9.20
N LYS H 55 -58.08 -18.13 -8.29
CA LYS H 55 -57.91 -18.66 -6.95
C LYS H 55 -58.48 -17.69 -5.94
N GLN H 56 -59.04 -18.23 -4.87
CA GLN H 56 -59.42 -17.40 -3.74
C GLN H 56 -58.16 -17.03 -2.97
N GLN H 57 -57.95 -15.74 -2.72
CA GLN H 57 -56.76 -15.34 -1.99
C GLN H 57 -57.11 -14.60 -0.71
N ASP H 58 -57.26 -15.42 0.33
CA ASP H 58 -57.87 -15.05 1.61
C ASP H 58 -57.27 -13.84 2.29
N GLU H 59 -55.97 -13.87 2.46
CA GLU H 59 -55.32 -12.86 3.26
C GLU H 59 -54.76 -11.71 2.40
N LEU H 60 -55.39 -11.45 1.27
CA LEU H 60 -54.94 -10.43 0.36
C LEU H 60 -55.24 -9.03 0.86
N THR H 61 -56.20 -8.91 1.77
CA THR H 61 -56.66 -7.62 2.30
C THR H 61 -56.73 -7.62 3.85
N SER H 62 -56.63 -6.45 4.46
CA SER H 62 -56.84 -6.29 5.91
C SER H 62 -57.93 -5.28 6.13
N LEU H 63 -58.73 -5.51 7.16
CA LEU H 63 -59.75 -4.56 7.57
C LEU H 63 -59.16 -3.47 8.47
N VAL H 64 -59.47 -2.22 8.15
CA VAL H 64 -58.93 -1.07 8.85
C VAL H 64 -60.09 -0.11 9.17
N GLN H 65 -60.06 0.52 10.33
CA GLN H 65 -61.07 1.51 10.71
C GLN H 65 -60.43 2.71 11.34
N PRO H 66 -60.61 3.90 10.75
CA PRO H 66 -60.04 5.07 11.38
C PRO H 66 -60.54 5.19 12.81
N VAL H 67 -59.63 5.57 13.70
CA VAL H 67 -60.00 6.03 15.05
C VAL H 67 -61.08 7.13 14.94
N ASP H 68 -62.08 7.09 15.81
CA ASP H 68 -63.24 7.98 15.64
C ASP H 68 -62.91 9.47 15.65
N GLY H 69 -63.38 10.15 14.61
CA GLY H 69 -63.13 11.58 14.41
C GLY H 69 -61.94 11.82 13.49
N GLU H 70 -61.11 10.78 13.34
CA GLU H 70 -59.94 10.85 12.48
C GLU H 70 -60.27 10.47 11.04
N PRO H 71 -59.41 10.88 10.10
CA PRO H 71 -59.66 10.50 8.74
C PRO H 71 -58.87 9.28 8.35
N PHE H 72 -59.30 8.64 7.27
CA PHE H 72 -58.49 7.67 6.56
C PHE H 72 -57.63 8.39 5.52
N VAL H 73 -56.32 8.14 5.53
CA VAL H 73 -55.43 8.82 4.56
C VAL H 73 -55.11 7.91 3.38
N LEU H 74 -55.60 8.29 2.21
CA LEU H 74 -55.34 7.59 0.98
C LEU H 74 -54.09 8.19 0.35
N HIS H 75 -53.02 7.39 0.26
CA HIS H 75 -51.74 7.81 -0.35
C HIS H 75 -51.78 7.84 -1.88
N PRO H 76 -50.94 8.70 -2.51
CA PRO H 76 -50.92 8.78 -3.97
C PRO H 76 -50.58 7.43 -4.56
N GLY H 77 -51.43 6.95 -5.48
CA GLY H 77 -51.21 5.68 -6.17
C GLY H 77 -51.58 4.45 -5.36
N GLU H 78 -52.19 4.66 -4.19
CA GLU H 78 -52.72 3.58 -3.40
C GLU H 78 -54.13 3.22 -3.89
N PHE H 79 -54.56 2.00 -3.56
CA PHE H 79 -55.85 1.48 -3.96
C PHE H 79 -56.43 0.76 -2.73
N VAL H 80 -57.64 1.14 -2.32
CA VAL H 80 -58.31 0.57 -1.16
C VAL H 80 -59.74 0.28 -1.50
N LEU H 81 -60.40 -0.53 -0.68
CA LEU H 81 -61.82 -0.77 -0.85
C LEU H 81 -62.55 -0.07 0.29
N GLY H 82 -63.65 0.60 -0.07
CA GLY H 82 -64.57 1.17 0.91
C GLY H 82 -65.98 0.63 0.74
N SER H 83 -66.91 1.14 1.54
CA SER H 83 -68.28 0.70 1.49
C SER H 83 -69.22 1.90 1.57
N THR H 84 -70.46 1.72 1.17
CA THR H 84 -71.46 2.76 1.36
C THR H 84 -72.10 2.65 2.74
N LEU H 85 -72.41 3.81 3.33
CA LEU H 85 -73.17 3.85 4.57
C LEU H 85 -74.55 3.20 4.35
N GLU H 86 -75.20 3.56 3.25
CA GLU H 86 -76.55 3.10 2.94
C GLU H 86 -76.59 1.65 2.45
N LEU H 87 -77.72 0.98 2.68
CA LEU H 87 -78.01 -0.32 2.11
C LEU H 87 -79.06 -0.15 1.05
N PHE H 88 -78.79 -0.65 -0.16
CA PHE H 88 -79.68 -0.48 -1.30
C PHE H 88 -80.43 -1.77 -1.59
N THR H 89 -81.72 -1.66 -1.86
CA THR H 89 -82.50 -2.78 -2.36
C THR H 89 -83.21 -2.32 -3.62
N LEU H 90 -82.83 -2.88 -4.76
CA LEU H 90 -83.46 -2.50 -6.04
C LEU H 90 -84.54 -3.50 -6.35
N PRO H 91 -85.64 -3.03 -6.97
CA PRO H 91 -86.66 -3.93 -7.50
C PRO H 91 -86.18 -4.68 -8.73
N ASP H 92 -87.03 -5.49 -9.33
CA ASP H 92 -86.60 -6.23 -10.49
C ASP H 92 -86.93 -5.52 -11.82
N ASN H 93 -87.33 -4.26 -11.76
CA ASN H 93 -87.60 -3.50 -12.97
C ASN H 93 -86.82 -2.21 -13.04
N LEU H 94 -85.86 -2.05 -12.16
CA LEU H 94 -84.97 -0.89 -12.18
C LEU H 94 -83.49 -1.32 -12.23
N ALA H 95 -82.67 -0.56 -12.93
CA ALA H 95 -81.23 -0.79 -12.82
C ALA H 95 -80.53 0.46 -12.28
N GLY H 96 -79.35 0.31 -11.71
CA GLY H 96 -78.72 1.45 -11.10
C GLY H 96 -77.37 1.66 -11.72
N ARG H 97 -76.96 2.92 -11.76
CA ARG H 97 -75.65 3.26 -12.22
C ARG H 97 -74.99 4.10 -11.14
N LEU H 98 -73.81 3.68 -10.69
CA LEU H 98 -73.02 4.43 -9.70
C LEU H 98 -71.98 5.34 -10.40
N GLU H 99 -71.89 6.60 -10.03
CA GLU H 99 -70.78 7.42 -10.53
C GLU H 99 -70.17 8.19 -9.38
N GLY H 100 -69.00 8.80 -9.61
CA GLY H 100 -68.29 9.58 -8.61
C GLY H 100 -68.92 10.94 -8.59
N LYS H 101 -68.40 11.84 -7.74
CA LYS H 101 -68.83 13.25 -7.73
C LYS H 101 -67.75 14.13 -8.36
N SER H 102 -68.15 15.03 -9.24
CA SER H 102 -67.28 16.03 -9.82
C SER H 102 -66.39 16.79 -8.84
N SER H 103 -66.89 17.14 -7.65
CA SER H 103 -66.08 17.86 -6.67
C SER H 103 -64.88 17.06 -6.22
N LEU H 104 -65.02 15.73 -6.19
CA LEU H 104 -63.95 14.86 -5.72
C LEU H 104 -63.06 14.45 -6.88
N GLY H 105 -63.66 14.26 -8.03
CA GLY H 105 -62.88 13.97 -9.21
C GLY H 105 -61.81 15.02 -9.41
N ARG H 106 -62.16 16.29 -9.19
CA ARG H 106 -61.27 17.42 -9.47
C ARG H 106 -60.14 17.50 -8.46
N LEU H 107 -60.23 16.68 -7.43
CA LEU H 107 -59.18 16.65 -6.42
C LEU H 107 -58.21 15.53 -6.69
N GLY H 108 -58.61 14.60 -7.55
CA GLY H 108 -57.79 13.46 -7.91
C GLY H 108 -58.24 12.18 -7.23
N LEU H 109 -59.46 12.17 -6.70
CA LEU H 109 -60.02 11.00 -6.05
C LEU H 109 -60.86 10.20 -7.02
N LEU H 110 -60.33 9.05 -7.38
CA LEU H 110 -61.05 8.12 -8.22
C LEU H 110 -61.79 7.29 -7.21
N THR H 111 -63.09 7.09 -7.49
CA THR H 111 -64.03 6.59 -6.46
C THR H 111 -64.62 5.18 -6.70
N HIS H 112 -64.72 4.76 -7.95
CA HIS H 112 -65.02 3.36 -8.20
C HIS H 112 -63.98 2.92 -9.18
N SER H 113 -63.90 1.60 -9.36
CA SER H 113 -63.02 1.03 -10.37
C SER H 113 -63.69 1.33 -11.69
N THR H 114 -63.34 0.51 -12.67
CA THR H 114 -63.83 0.66 -13.99
C THR H 114 -65.24 -0.01 -14.17
N VAL H 115 -66.14 0.20 -13.21
CA VAL H 115 -67.46 -0.45 -13.25
C VAL H 115 -68.55 0.58 -12.98
N GLY H 116 -69.78 0.09 -12.79
CA GLY H 116 -70.92 0.96 -12.72
C GLY H 116 -72.27 0.28 -12.56
N PHE H 117 -72.44 -0.97 -12.96
CA PHE H 117 -73.78 -1.52 -12.96
C PHE H 117 -74.19 -2.06 -11.56
N ILE H 118 -75.39 -1.67 -11.11
CA ILE H 118 -76.04 -2.29 -9.98
C ILE H 118 -77.22 -3.04 -10.60
N ASP H 119 -77.27 -4.36 -10.37
CA ASP H 119 -78.23 -5.27 -11.05
C ASP H 119 -79.63 -5.22 -10.48
N PRO H 120 -80.68 -5.33 -11.32
CA PRO H 120 -82.00 -5.38 -10.75
C PRO H 120 -82.09 -6.52 -9.72
N GLY H 121 -82.72 -6.26 -8.59
CA GLY H 121 -82.84 -7.24 -7.52
C GLY H 121 -81.72 -7.24 -6.51
N PHE H 122 -80.68 -6.46 -6.74
CA PHE H 122 -79.55 -6.43 -5.84
C PHE H 122 -80.00 -5.84 -4.52
N SER H 123 -79.44 -6.35 -3.45
CA SER H 123 -79.68 -5.85 -2.13
C SER H 123 -78.41 -5.99 -1.29
N GLY H 124 -77.97 -4.88 -0.69
CA GLY H 124 -76.78 -4.87 0.16
C GLY H 124 -76.10 -3.53 0.09
N HIS H 125 -74.93 -3.43 0.70
CA HIS H 125 -74.12 -2.25 0.65
C HIS H 125 -73.34 -2.28 -0.62
N ILE H 126 -72.76 -1.15 -1.00
CA ILE H 126 -71.97 -1.15 -2.21
C ILE H 126 -70.53 -0.99 -1.85
N THR H 127 -69.67 -1.82 -2.47
CA THR H 127 -68.23 -1.75 -2.26
C THR H 127 -67.65 -0.70 -3.22
N LEU H 128 -66.75 0.11 -2.72
CA LEU H 128 -66.15 1.15 -3.52
C LEU H 128 -64.65 0.93 -3.67
N GLU H 129 -64.18 1.02 -4.92
CA GLU H 129 -62.76 0.95 -5.19
C GLU H 129 -62.16 2.36 -5.20
N LEU H 130 -61.41 2.71 -4.15
CA LEU H 130 -60.99 4.07 -3.96
C LEU H 130 -59.53 4.24 -4.32
N SER H 131 -59.22 5.32 -5.04
CA SER H 131 -57.94 5.46 -5.72
C SER H 131 -57.51 6.91 -5.68
N ASN H 132 -56.21 7.17 -5.59
CA ASN H 132 -55.69 8.52 -5.60
C ASN H 132 -54.73 8.75 -6.77
N VAL H 133 -54.99 9.75 -7.62
CA VAL H 133 -54.14 10.04 -8.75
C VAL H 133 -53.50 11.43 -8.69
N ALA H 134 -53.83 12.20 -7.67
CA ALA H 134 -53.06 13.41 -7.40
C ALA H 134 -51.64 13.12 -6.83
N ASN H 135 -50.85 14.16 -6.60
CA ASN H 135 -49.53 13.93 -6.01
C ASN H 135 -49.45 14.15 -4.50
N LEU H 136 -50.58 14.44 -3.87
CA LEU H 136 -50.66 14.54 -2.42
C LEU H 136 -51.63 13.51 -1.87
N PRO H 137 -51.41 13.04 -0.63
CA PRO H 137 -52.42 12.17 0.01
C PRO H 137 -53.72 12.91 0.22
N ILE H 138 -54.81 12.16 0.22
CA ILE H 138 -56.15 12.74 0.42
C ILE H 138 -56.72 12.18 1.70
N THR H 139 -57.29 13.04 2.52
CA THR H 139 -57.96 12.61 3.75
C THR H 139 -59.46 12.30 3.50
N LEU H 140 -59.86 11.05 3.68
CA LEU H 140 -61.26 10.69 3.55
C LEU H 140 -61.92 10.67 4.92
N TRP H 141 -63.05 11.39 5.05
CA TRP H 141 -63.76 11.49 6.31
C TRP H 141 -64.97 10.60 6.17
N PRO H 142 -65.07 9.54 7.00
CA PRO H 142 -66.29 8.74 7.11
C PRO H 142 -67.56 9.60 7.20
N GLY H 143 -68.56 9.22 6.42
CA GLY H 143 -69.84 9.92 6.40
C GLY H 143 -69.94 11.02 5.37
N MET H 144 -68.83 11.24 4.66
CA MET H 144 -68.76 12.22 3.61
C MET H 144 -69.48 11.68 2.38
N LYS H 145 -70.05 12.57 1.57
CA LYS H 145 -70.62 12.18 0.30
C LYS H 145 -69.46 11.72 -0.56
N ILE H 146 -69.63 10.57 -1.22
CA ILE H 146 -68.53 9.91 -1.94
C ILE H 146 -68.88 9.54 -3.38
N GLY H 147 -70.16 9.61 -3.69
CA GLY H 147 -70.62 9.27 -5.02
C GLY H 147 -72.11 9.49 -5.18
N GLN H 148 -72.66 8.98 -6.26
CA GLN H 148 -74.06 9.22 -6.58
C GLN H 148 -74.63 8.12 -7.43
N LEU H 149 -75.94 7.97 -7.35
CA LEU H 149 -76.59 6.81 -7.88
C LEU H 149 -77.84 7.24 -8.60
N CYS H 150 -77.97 6.83 -9.84
CA CYS H 150 -79.18 7.11 -10.61
C CYS H 150 -79.83 5.81 -11.01
N MET H 151 -81.12 5.89 -11.35
CA MET H 151 -81.90 4.69 -11.70
C MET H 151 -82.43 4.70 -13.13
N LEU H 152 -82.25 3.57 -13.81
CA LEU H 152 -82.75 3.40 -15.16
C LEU H 152 -83.92 2.43 -15.16
N ARG H 153 -85.01 2.77 -15.86
CA ARG H 153 -86.09 1.82 -16.17
C ARG H 153 -85.67 0.73 -17.16
N LEU H 154 -86.02 -0.51 -16.84
CA LEU H 154 -85.84 -1.59 -17.79
C LEU H 154 -87.07 -1.72 -18.69
N THR H 155 -86.86 -2.34 -19.85
CA THR H 155 -87.90 -2.51 -20.84
C THR H 155 -89.00 -3.38 -20.31
N SER H 156 -88.63 -4.31 -19.44
CA SER H 156 -89.57 -5.24 -18.78
C SER H 156 -88.86 -5.80 -17.56
N PRO H 157 -89.64 -6.29 -16.57
CA PRO H 157 -88.97 -6.88 -15.40
C PRO H 157 -88.02 -8.01 -15.73
N SER H 158 -86.95 -8.04 -14.96
CA SER H 158 -85.94 -9.07 -15.02
C SER H 158 -86.58 -10.43 -14.77
N GLU H 159 -86.28 -11.36 -15.66
CA GLU H 159 -86.78 -12.72 -15.59
C GLU H 159 -86.11 -13.45 -14.43
N HIS H 160 -84.78 -13.34 -14.38
CA HIS H 160 -83.99 -13.93 -13.30
C HIS H 160 -83.13 -12.84 -12.66
N PRO H 161 -83.68 -12.14 -11.65
CA PRO H 161 -83.03 -11.01 -10.99
C PRO H 161 -81.74 -11.38 -10.29
N TYR H 162 -81.07 -10.40 -9.73
CA TYR H 162 -79.82 -10.64 -9.04
C TYR H 162 -80.10 -11.39 -7.74
N GLY H 163 -79.28 -12.38 -7.42
CA GLY H 163 -79.47 -13.15 -6.21
C GLY H 163 -80.24 -14.43 -6.47
N SER H 164 -81.02 -14.46 -7.55
CA SER H 164 -81.71 -15.68 -8.00
C SER H 164 -80.63 -16.70 -8.40
N SER H 165 -80.93 -17.99 -8.23
CA SER H 165 -79.89 -19.04 -8.40
C SER H 165 -79.51 -19.30 -9.87
N ARG H 166 -80.41 -18.94 -10.80
CA ARG H 166 -80.11 -18.94 -12.23
C ARG H 166 -78.99 -17.93 -12.64
N ALA H 167 -78.94 -16.78 -11.97
CA ALA H 167 -77.90 -15.78 -12.25
C ALA H 167 -76.52 -16.14 -11.66
N GLY H 168 -76.51 -16.93 -10.58
CA GLY H 168 -75.28 -17.36 -9.90
C GLY H 168 -74.52 -16.24 -9.20
N SER H 169 -75.23 -15.40 -8.46
CA SER H 169 -74.72 -14.11 -7.97
C SER H 169 -73.82 -14.28 -6.76
N LYS H 170 -72.71 -13.54 -6.73
CA LYS H 170 -71.70 -13.73 -5.71
C LYS H 170 -71.84 -12.83 -4.48
N TYR H 171 -72.61 -11.74 -4.60
CA TYR H 171 -72.57 -10.68 -3.60
C TYR H 171 -73.86 -10.32 -2.94
N GLN H 172 -74.93 -11.09 -3.15
CA GLN H 172 -76.23 -10.78 -2.53
C GLN H 172 -76.13 -10.63 -1.02
N GLY H 173 -76.68 -9.53 -0.52
CA GLY H 173 -76.66 -9.15 0.90
C GLY H 173 -75.29 -8.85 1.49
N GLN H 174 -74.39 -8.22 0.75
CA GLN H 174 -73.05 -7.93 1.28
C GLN H 174 -73.03 -6.76 2.28
N ARG H 175 -72.06 -6.82 3.19
CA ARG H 175 -72.04 -5.93 4.34
C ARG H 175 -70.95 -4.86 4.36
N GLY H 176 -69.71 -5.28 4.55
CA GLY H 176 -68.64 -4.31 4.65
C GLY H 176 -68.03 -4.10 3.29
N PRO H 177 -66.77 -3.59 3.25
CA PRO H 177 -65.96 -3.68 2.04
C PRO H 177 -65.65 -5.15 1.78
N THR H 178 -66.35 -5.75 0.82
CA THR H 178 -66.25 -7.19 0.57
C THR H 178 -65.11 -7.50 -0.42
N PRO H 179 -64.22 -8.45 -0.07
CA PRO H 179 -63.17 -8.80 -1.02
C PRO H 179 -63.75 -9.48 -2.27
N SER H 180 -62.96 -9.55 -3.33
CA SER H 180 -63.40 -10.20 -4.56
C SER H 180 -63.70 -11.67 -4.37
N ARG H 181 -64.73 -12.14 -5.06
CA ARG H 181 -65.12 -13.52 -5.10
C ARG H 181 -65.09 -14.09 -6.52
N SER H 182 -64.12 -13.70 -7.34
CA SER H 182 -64.14 -14.11 -8.73
C SER H 182 -63.85 -15.57 -8.95
N TYR H 183 -63.18 -16.19 -7.97
CA TYR H 183 -62.80 -17.61 -8.04
C TYR H 183 -64.01 -18.52 -8.12
N GLN H 184 -65.11 -18.08 -7.51
CA GLN H 184 -66.39 -18.75 -7.59
C GLN H 184 -66.87 -18.77 -9.03
N ASN H 185 -67.06 -20.00 -9.55
CA ASN H 185 -67.56 -20.26 -10.89
C ASN H 185 -66.65 -19.74 -12.01
N PHE H 186 -65.34 -19.69 -11.74
CA PHE H 186 -64.39 -19.13 -12.70
C PHE H 186 -64.27 -19.98 -13.95
N ILE H 187 -64.44 -19.35 -15.13
CA ILE H 187 -64.25 -20.02 -16.43
C ILE H 187 -63.06 -19.47 -17.20
N ARG H 188 -62.46 -20.30 -18.07
CA ARG H 188 -61.30 -19.94 -18.90
C ARG H 188 -61.18 -20.90 -20.10
N SER H 189 -60.04 -20.88 -20.78
CA SER H 189 -59.64 -21.95 -21.74
C SER H 189 -58.12 -21.96 -21.92
N MET I 1 -6.43 5.29 -0.28
CA MET I 1 -5.58 6.24 -1.04
C MET I 1 -6.09 6.25 -2.47
N LEU I 2 -6.42 7.43 -2.99
CA LEU I 2 -7.09 7.58 -4.26
C LEU I 2 -6.17 8.05 -5.36
N LEU I 3 -6.11 7.36 -6.51
CA LEU I 3 -5.16 7.80 -7.55
C LEU I 3 -5.62 9.04 -8.26
N SER I 4 -4.69 9.96 -8.47
CA SER I 4 -4.90 11.19 -9.22
C SER I 4 -4.66 10.93 -10.68
N ASP I 5 -4.93 11.93 -11.50
CA ASP I 5 -4.76 11.84 -12.94
C ASP I 5 -3.35 11.42 -13.36
N ARG I 6 -2.35 12.01 -12.73
CA ARG I 6 -0.97 11.70 -12.94
C ARG I 6 -0.70 10.21 -12.77
N ASP I 7 -1.21 9.65 -11.69
CA ASP I 7 -0.90 8.27 -11.31
C ASP I 7 -1.79 7.25 -11.99
N LEU I 8 -2.94 7.72 -12.51
CA LEU I 8 -3.80 6.91 -13.35
C LEU I 8 -3.17 6.67 -14.72
N ARG I 9 -2.68 7.74 -15.34
CA ARG I 9 -2.04 7.62 -16.63
C ARG I 9 -0.84 6.68 -16.52
N ALA I 10 -0.08 6.84 -15.43
CA ALA I 10 1.08 6.01 -15.15
C ALA I 10 0.73 4.50 -15.02
N GLU I 11 -0.46 4.19 -14.53
CA GLU I 11 -0.87 2.82 -14.41
C GLU I 11 -1.29 2.26 -15.75
N ILE I 12 -1.90 3.11 -16.56
CA ILE I 12 -2.43 2.69 -17.84
C ILE I 12 -1.28 2.43 -18.80
N SER I 13 -0.36 3.37 -18.92
CA SER I 13 0.73 3.24 -19.88
C SER I 13 1.78 2.24 -19.40
N SER I 14 1.75 1.88 -18.11
CA SER I 14 2.56 0.76 -17.62
C SER I 14 1.90 -0.61 -17.81
N GLY I 15 0.68 -0.60 -18.36
CA GLY I 15 -0.05 -1.83 -18.67
C GLY I 15 -0.60 -2.59 -17.48
N ARG I 16 -0.58 -2.02 -16.29
CA ARG I 16 -1.13 -2.71 -15.12
C ARG I 16 -2.64 -2.53 -14.98
N LEU I 17 -3.13 -1.35 -15.33
CA LEU I 17 -4.54 -1.09 -15.39
C LEU I 17 -4.91 -1.06 -16.83
N GLY I 18 -5.80 -1.94 -17.22
CA GLY I 18 -6.23 -2.02 -18.61
C GLY I 18 -7.50 -1.24 -18.86
N ILE I 19 -7.46 -0.38 -19.88
CA ILE I 19 -8.64 0.25 -20.45
C ILE I 19 -8.57 0.12 -21.96
N ASP I 20 -9.62 -0.42 -22.57
CA ASP I 20 -9.62 -0.66 -24.02
C ASP I 20 -11.01 -0.49 -24.65
N PRO I 21 -11.16 0.49 -25.57
CA PRO I 21 -10.14 1.44 -26.03
C PRO I 21 -9.91 2.59 -25.05
N PHE I 22 -8.64 2.93 -24.86
CA PHE I 22 -8.28 4.05 -24.01
C PHE I 22 -8.24 5.36 -24.83
N ASP I 23 -8.67 6.44 -24.20
CA ASP I 23 -8.61 7.78 -24.78
C ASP I 23 -8.16 8.77 -23.71
N ASP I 24 -7.03 9.44 -23.95
CA ASP I 24 -6.39 10.30 -22.94
C ASP I 24 -7.23 11.49 -22.48
N THR I 25 -8.06 12.02 -23.39
CA THR I 25 -8.90 13.19 -23.10
C THR I 25 -10.05 12.89 -22.12
N LEU I 26 -10.19 11.61 -21.74
CA LEU I 26 -11.21 11.17 -20.82
C LEU I 26 -10.73 11.16 -19.40
N VAL I 27 -9.42 11.30 -19.21
CA VAL I 27 -8.86 11.38 -17.89
C VAL I 27 -9.17 12.72 -17.25
N GLN I 28 -9.79 12.66 -16.07
CA GLN I 28 -10.26 13.81 -15.25
C GLN I 28 -9.33 13.99 -14.06
N PRO I 29 -9.45 15.07 -13.28
CA PRO I 29 -8.57 15.26 -12.11
C PRO I 29 -8.37 14.03 -11.18
N SER I 30 -9.43 13.28 -10.95
CA SER I 30 -9.35 12.25 -9.94
C SER I 30 -9.89 10.90 -10.43
N SER I 31 -10.36 10.86 -11.68
CA SER I 31 -11.09 9.71 -12.20
C SER I 31 -10.99 9.65 -13.71
N ILE I 32 -11.60 8.62 -14.31
CA ILE I 32 -11.67 8.57 -15.78
C ILE I 32 -13.13 8.36 -16.29
N ASP I 33 -13.57 9.27 -17.17
CA ASP I 33 -14.92 9.24 -17.72
C ASP I 33 -15.09 7.97 -18.62
N VAL I 34 -16.26 7.32 -18.55
CA VAL I 34 -16.51 6.09 -19.32
C VAL I 34 -17.73 6.28 -20.16
N ARG I 35 -17.81 5.54 -21.27
CA ARG I 35 -18.84 5.77 -22.27
C ARG I 35 -19.84 4.63 -22.40
N LEU I 36 -21.05 4.96 -22.81
CA LEU I 36 -22.12 3.99 -22.97
C LEU I 36 -22.03 3.18 -24.26
N ASP I 37 -22.24 1.87 -24.14
CA ASP I 37 -22.22 0.93 -25.29
C ASP I 37 -23.51 1.07 -26.12
N CYS I 38 -23.74 0.18 -27.07
CA CYS I 38 -24.98 0.30 -27.88
C CYS I 38 -25.95 -0.86 -27.67
N LEU I 39 -25.69 -1.73 -26.69
CA LEU I 39 -26.61 -2.80 -26.33
C LEU I 39 -27.29 -2.58 -24.98
N PHE I 40 -28.59 -2.85 -24.93
CA PHE I 40 -29.41 -2.73 -23.72
C PHE I 40 -30.21 -4.00 -23.44
N ARG I 41 -30.57 -4.21 -22.19
CA ARG I 41 -31.57 -5.24 -21.84
C ARG I 41 -32.79 -4.64 -21.16
N VAL I 42 -33.97 -4.92 -21.72
CA VAL I 42 -35.25 -4.44 -21.19
C VAL I 42 -35.98 -5.58 -20.50
N PHE I 43 -36.75 -5.21 -19.49
CA PHE I 43 -37.52 -6.17 -18.75
C PHE I 43 -38.94 -6.21 -19.31
N ASN I 44 -39.15 -7.03 -20.32
CA ASN I 44 -40.44 -6.98 -20.99
C ASN I 44 -41.08 -8.35 -21.07
N ASN I 45 -40.65 -9.27 -20.19
CA ASN I 45 -41.25 -10.60 -20.09
C ASN I 45 -42.67 -10.54 -19.58
N THR I 46 -43.56 -11.37 -20.11
CA THR I 46 -44.95 -11.41 -19.63
C THR I 46 -45.39 -12.79 -19.12
N ARG I 47 -44.45 -13.68 -18.85
CA ARG I 47 -44.79 -15.02 -18.34
C ARG I 47 -44.56 -15.16 -16.85
N TYR I 48 -43.47 -14.62 -16.36
CA TYR I 48 -43.17 -14.68 -14.93
C TYR I 48 -44.07 -13.75 -14.12
N THR I 49 -44.34 -14.18 -12.89
CA THR I 49 -45.16 -13.45 -11.97
C THR I 49 -44.36 -12.72 -10.91
N HIS I 50 -43.10 -13.10 -10.72
CA HIS I 50 -42.27 -12.49 -9.70
C HIS I 50 -40.82 -12.80 -9.96
N ILE I 51 -39.91 -12.00 -9.39
CA ILE I 51 -38.49 -12.25 -9.44
C ILE I 51 -38.02 -12.96 -8.18
N ASP I 52 -37.43 -14.12 -8.37
CA ASP I 52 -36.83 -14.86 -7.28
C ASP I 52 -35.29 -14.92 -7.44
N PRO I 53 -34.54 -14.19 -6.59
CA PRO I 53 -33.09 -14.19 -6.76
C PRO I 53 -32.48 -15.59 -6.67
N ALA I 54 -33.22 -16.53 -6.08
CA ALA I 54 -32.76 -17.92 -5.86
C ALA I 54 -32.89 -18.85 -7.08
N LYS I 55 -33.65 -18.41 -8.09
CA LYS I 55 -33.85 -19.13 -9.33
C LYS I 55 -33.24 -18.37 -10.47
N GLN I 56 -32.75 -19.11 -11.45
CA GLN I 56 -32.32 -18.48 -12.70
C GLN I 56 -33.58 -18.22 -13.51
N GLN I 57 -33.71 -17.00 -14.03
CA GLN I 57 -34.90 -16.69 -14.80
C GLN I 57 -34.49 -16.17 -16.14
N ASP I 58 -34.30 -17.14 -17.03
CA ASP I 58 -33.73 -16.96 -18.36
C ASP I 58 -34.30 -15.84 -19.22
N GLU I 59 -35.61 -15.82 -19.39
CA GLU I 59 -36.23 -14.97 -20.38
C GLU I 59 -36.72 -13.69 -19.74
N LEU I 60 -36.06 -13.28 -18.67
CA LEU I 60 -36.47 -12.11 -17.90
C LEU I 60 -36.14 -10.83 -18.63
N THR I 61 -35.18 -10.89 -19.53
CA THR I 61 -34.74 -9.70 -20.25
C THR I 61 -34.68 -9.98 -21.74
N SER I 62 -34.73 -8.92 -22.54
CA SER I 62 -34.51 -9.00 -24.01
C SER I 62 -33.38 -8.08 -24.41
N LEU I 63 -32.59 -8.50 -25.38
CA LEU I 63 -31.56 -7.66 -25.93
C LEU I 63 -32.14 -6.68 -26.97
N VAL I 64 -31.73 -5.42 -26.87
CA VAL I 64 -32.20 -4.36 -27.75
C VAL I 64 -31.00 -3.54 -28.20
N GLN I 65 -31.00 -3.09 -29.45
CA GLN I 65 -29.97 -2.23 -29.96
C GLN I 65 -30.61 -1.14 -30.79
N PRO I 66 -30.37 0.12 -30.44
CA PRO I 66 -30.88 1.19 -31.25
C PRO I 66 -30.40 1.03 -32.67
N VAL I 67 -31.30 1.37 -33.61
CA VAL I 67 -30.96 1.59 -35.01
C VAL I 67 -29.87 2.65 -35.10
N ASP I 68 -28.85 2.42 -35.93
CA ASP I 68 -27.65 3.27 -35.94
C ASP I 68 -27.90 4.76 -36.23
N GLY I 69 -27.39 5.60 -35.32
CA GLY I 69 -27.63 7.04 -35.34
C GLY I 69 -28.81 7.45 -34.46
N GLU I 70 -29.69 6.50 -34.16
CA GLU I 70 -30.85 6.75 -33.32
C GLU I 70 -30.53 6.55 -31.84
N PRO I 71 -31.34 7.15 -30.96
CA PRO I 71 -31.12 7.02 -29.53
C PRO I 71 -31.95 5.91 -28.89
N PHE I 72 -31.51 5.41 -27.75
CA PHE I 72 -32.36 4.56 -26.95
C PHE I 72 -33.18 5.44 -26.01
N VAL I 73 -34.49 5.28 -26.00
CA VAL I 73 -35.36 6.15 -25.17
C VAL I 73 -35.71 5.46 -23.85
N LEU I 74 -35.21 6.06 -22.77
CA LEU I 74 -35.50 5.60 -21.42
C LEU I 74 -36.75 6.28 -20.84
N HIS I 75 -37.84 5.54 -20.68
CA HIS I 75 -39.07 6.12 -20.17
C HIS I 75 -39.04 6.41 -18.67
N PRO I 76 -39.80 7.41 -18.20
CA PRO I 76 -39.84 7.69 -16.76
C PRO I 76 -40.25 6.45 -15.96
N GLY I 77 -39.46 6.09 -14.95
CA GLY I 77 -39.73 4.96 -14.07
C GLY I 77 -39.36 3.61 -14.67
N GLU I 78 -38.74 3.62 -15.85
CA GLU I 78 -38.22 2.42 -16.49
C GLU I 78 -36.83 2.10 -15.92
N PHE I 79 -36.47 0.83 -16.02
CA PHE I 79 -35.22 0.28 -15.54
C PHE I 79 -34.65 -0.62 -16.66
N VAL I 80 -33.44 -0.31 -17.11
CA VAL I 80 -32.75 -1.11 -18.13
C VAL I 80 -31.29 -1.37 -17.74
N LEU I 81 -30.70 -2.36 -18.39
CA LEU I 81 -29.31 -2.63 -18.20
C LEU I 81 -28.55 -2.18 -19.46
N GLY I 82 -27.38 -1.59 -19.23
CA GLY I 82 -26.51 -1.12 -20.30
C GLY I 82 -25.11 -1.56 -19.99
N SER I 83 -24.17 -1.18 -20.85
CA SER I 83 -22.81 -1.70 -20.77
C SER I 83 -21.85 -0.57 -21.03
N THR I 84 -20.60 -0.75 -20.64
CA THR I 84 -19.57 0.19 -20.95
C THR I 84 -18.92 -0.15 -22.30
N LEU I 85 -18.54 0.90 -23.03
CA LEU I 85 -17.83 0.74 -24.29
C LEU I 85 -16.48 0.11 -24.03
N GLU I 86 -15.80 0.58 -22.98
CA GLU I 86 -14.48 0.10 -22.59
C GLU I 86 -14.49 -1.26 -21.87
N LEU I 87 -13.37 -1.99 -21.97
CA LEU I 87 -13.12 -3.21 -21.18
C LEU I 87 -12.07 -2.88 -20.14
N PHE I 88 -12.40 -3.18 -18.89
CA PHE I 88 -11.51 -2.90 -17.76
C PHE I 88 -10.82 -4.14 -17.21
N THR I 89 -9.51 -4.01 -16.97
CA THR I 89 -8.72 -5.03 -16.32
C THR I 89 -8.00 -4.36 -15.16
N LEU I 90 -8.38 -4.75 -13.95
CA LEU I 90 -7.78 -4.20 -12.72
C LEU I 90 -6.75 -5.17 -12.24
N PRO I 91 -5.62 -4.66 -11.71
CA PRO I 91 -4.60 -5.50 -11.08
C PRO I 91 -5.10 -6.03 -9.74
N ASP I 92 -4.30 -6.80 -9.03
CA ASP I 92 -4.79 -7.31 -7.74
C ASP I 92 -4.45 -6.43 -6.52
N ASN I 93 -3.98 -5.20 -6.79
CA ASN I 93 -3.65 -4.22 -5.75
C ASN I 93 -4.41 -2.91 -5.91
N LEU I 94 -5.41 -2.91 -6.76
CA LEU I 94 -6.22 -1.71 -6.97
C LEU I 94 -7.70 -2.09 -6.90
N ALA I 95 -8.51 -1.22 -6.33
CA ALA I 95 -9.95 -1.36 -6.39
C ALA I 95 -10.61 -0.16 -7.12
N GLY I 96 -11.74 -0.40 -7.77
CA GLY I 96 -12.37 0.65 -8.51
C GLY I 96 -13.69 1.03 -7.89
N ARG I 97 -14.10 2.28 -8.10
CA ARG I 97 -15.39 2.72 -7.68
C ARG I 97 -16.00 3.40 -8.91
N LEU I 98 -17.23 3.04 -9.22
CA LEU I 98 -17.96 3.60 -10.36
C LEU I 98 -19.03 4.56 -9.84
N GLU I 99 -19.05 5.79 -10.35
CA GLU I 99 -20.10 6.74 -10.01
C GLU I 99 -20.62 7.40 -11.26
N GLY I 100 -21.79 8.01 -11.15
CA GLY I 100 -22.43 8.65 -12.28
C GLY I 100 -21.73 9.94 -12.51
N LYS I 101 -22.22 10.73 -13.47
CA LYS I 101 -21.73 12.11 -13.69
C LYS I 101 -22.80 13.12 -13.28
N SER I 102 -22.36 14.18 -12.63
CA SER I 102 -23.24 15.25 -12.17
C SER I 102 -24.13 15.88 -13.26
N SER I 103 -23.61 16.04 -14.48
CA SER I 103 -24.45 16.56 -15.57
C SER I 103 -25.70 15.71 -15.90
N LEU I 104 -25.58 14.38 -15.75
CA LEU I 104 -26.71 13.48 -16.05
C LEU I 104 -27.64 13.28 -14.83
N GLY I 105 -27.04 13.26 -13.65
CA GLY I 105 -27.79 13.24 -12.41
C GLY I 105 -28.80 14.36 -12.38
N ARG I 106 -28.37 15.54 -12.83
CA ARG I 106 -29.19 16.76 -12.74
C ARG I 106 -30.31 16.73 -13.74
N LEU I 107 -30.27 15.78 -14.66
CA LEU I 107 -31.38 15.57 -15.60
C LEU I 107 -32.36 14.48 -15.16
N GLY I 108 -31.97 13.68 -14.17
CA GLY I 108 -32.88 12.68 -13.63
C GLY I 108 -32.49 11.29 -14.04
N LEU I 109 -31.24 11.14 -14.50
CA LEU I 109 -30.71 9.87 -14.98
C LEU I 109 -29.83 9.26 -13.94
N LEU I 110 -30.29 8.18 -13.36
CA LEU I 110 -29.48 7.40 -12.46
C LEU I 110 -28.75 6.36 -13.30
N THR I 111 -27.43 6.26 -13.12
CA THR I 111 -26.64 5.29 -13.88
C THR I 111 -26.38 4.04 -13.08
N HIS I 112 -25.41 4.08 -12.17
CA HIS I 112 -25.29 2.93 -11.31
C HIS I 112 -26.58 2.94 -10.47
N SER I 113 -27.00 1.78 -9.98
CA SER I 113 -28.01 1.87 -8.96
C SER I 113 -27.68 0.91 -7.84
N THR I 114 -27.46 1.48 -6.64
CA THR I 114 -27.23 0.79 -5.33
C THR I 114 -25.79 0.27 -5.10
N VAL I 115 -24.94 0.44 -6.10
CA VAL I 115 -23.65 -0.26 -6.16
C VAL I 115 -22.51 0.70 -6.54
N GLY I 116 -21.28 0.21 -6.40
CA GLY I 116 -20.09 1.04 -6.56
C GLY I 116 -18.85 0.24 -6.91
N PHE I 117 -18.57 -0.82 -6.11
CA PHE I 117 -17.28 -1.55 -6.10
C PHE I 117 -16.94 -2.35 -7.34
N ILE I 118 -15.67 -2.31 -7.74
CA ILE I 118 -15.09 -3.10 -8.84
C ILE I 118 -13.92 -3.86 -8.23
N ASP I 119 -14.00 -5.18 -8.21
CA ASP I 119 -13.07 -5.97 -7.39
C ASP I 119 -11.63 -6.07 -7.98
N PRO I 120 -10.60 -6.10 -7.11
CA PRO I 120 -9.25 -6.28 -7.63
C PRO I 120 -9.18 -7.55 -8.44
N GLY I 121 -8.56 -7.51 -9.62
CA GLY I 121 -8.49 -8.65 -10.53
C GLY I 121 -9.66 -8.78 -11.49
N PHE I 122 -10.63 -7.89 -11.40
CA PHE I 122 -11.78 -7.93 -12.31
C PHE I 122 -11.33 -7.61 -13.73
N SER I 123 -11.94 -8.27 -14.69
CA SER I 123 -11.66 -8.02 -16.07
C SER I 123 -12.93 -8.23 -16.86
N GLY I 124 -13.32 -7.21 -17.63
CA GLY I 124 -14.48 -7.29 -18.48
C GLY I 124 -15.11 -5.93 -18.63
N HIS I 125 -16.28 -5.91 -19.28
CA HIS I 125 -17.11 -4.71 -19.44
C HIS I 125 -17.91 -4.53 -18.16
N ILE I 126 -18.39 -3.31 -17.93
CA ILE I 126 -19.23 -3.08 -16.77
C ILE I 126 -20.69 -2.92 -17.14
N THR I 127 -21.55 -3.56 -16.37
CA THR I 127 -22.97 -3.57 -16.64
C THR I 127 -23.50 -2.41 -15.86
N LEU I 128 -24.38 -1.62 -16.49
CA LEU I 128 -24.93 -0.41 -15.89
C LEU I 128 -26.42 -0.50 -15.71
N GLU I 129 -26.89 -0.26 -14.49
CA GLU I 129 -28.33 -0.23 -14.21
C GLU I 129 -28.86 1.21 -14.43
N LEU I 130 -29.54 1.44 -15.55
CA LEU I 130 -29.95 2.78 -15.90
C LEU I 130 -31.42 3.03 -15.59
N SER I 131 -31.69 4.20 -15.03
CA SER I 131 -33.00 4.45 -14.45
C SER I 131 -33.38 5.91 -14.73
N ASN I 132 -34.67 6.18 -14.84
CA ASN I 132 -35.11 7.54 -15.10
C ASN I 132 -36.08 8.01 -13.99
N VAL I 133 -35.78 9.13 -13.34
CA VAL I 133 -36.63 9.57 -12.26
C VAL I 133 -37.26 10.90 -12.57
N ALA I 134 -36.95 11.46 -13.73
CA ALA I 134 -37.63 12.65 -14.26
C ALA I 134 -39.05 12.36 -14.77
N ASN I 135 -39.80 13.38 -15.13
CA ASN I 135 -41.13 13.09 -15.61
C ASN I 135 -41.20 13.05 -17.15
N LEU I 136 -40.07 13.21 -17.83
CA LEU I 136 -40.03 13.06 -19.25
C LEU I 136 -39.09 11.95 -19.61
N PRO I 137 -39.28 11.32 -20.77
CA PRO I 137 -38.30 10.35 -21.25
C PRO I 137 -36.96 10.99 -21.61
N ILE I 138 -35.88 10.23 -21.46
CA ILE I 138 -34.56 10.72 -21.73
C ILE I 138 -34.04 9.92 -22.91
N THR I 139 -33.43 10.60 -23.87
CA THR I 139 -32.76 9.92 -24.99
C THR I 139 -31.26 9.66 -24.68
N LEU I 140 -30.87 8.40 -24.64
CA LEU I 140 -29.45 8.06 -24.43
C LEU I 140 -28.82 7.79 -25.77
N TRP I 141 -27.67 8.40 -26.00
CA TRP I 141 -26.97 8.25 -27.27
C TRP I 141 -25.80 7.36 -27.02
N PRO I 142 -25.71 6.23 -27.76
CA PRO I 142 -24.53 5.37 -27.75
C PRO I 142 -23.20 6.12 -27.93
N GLY I 143 -22.24 5.83 -27.05
CA GLY I 143 -20.94 6.47 -27.15
C GLY I 143 -20.82 7.72 -26.30
N MET I 144 -21.92 8.15 -25.70
CA MET I 144 -21.91 9.28 -24.78
C MET I 144 -21.16 8.91 -23.48
N LYS I 145 -20.61 9.91 -22.79
CA LYS I 145 -20.09 9.67 -21.46
C LYS I 145 -21.27 9.43 -20.54
N ILE I 146 -21.17 8.40 -19.70
CA ILE I 146 -22.28 7.91 -18.90
C ILE I 146 -21.93 7.75 -17.44
N GLY I 147 -20.65 7.86 -17.12
CA GLY I 147 -20.19 7.70 -15.73
C GLY I 147 -18.72 7.93 -15.64
N GLN I 148 -18.15 7.60 -14.50
CA GLN I 148 -16.72 7.81 -14.24
C GLN I 148 -16.16 6.81 -13.20
N LEU I 149 -14.87 6.56 -13.29
CA LEU I 149 -14.27 5.50 -12.56
C LEU I 149 -13.01 5.96 -11.90
N CYS I 150 -12.92 5.77 -10.60
CA CYS I 150 -11.72 6.09 -9.87
C CYS I 150 -11.12 4.83 -9.21
N MET I 151 -9.86 4.94 -8.81
CA MET I 151 -9.12 3.82 -8.34
C MET I 151 -8.58 4.08 -6.93
N LEU I 152 -8.78 3.10 -6.05
CA LEU I 152 -8.29 3.14 -4.70
C LEU I 152 -7.14 2.18 -4.56
N ARG I 153 -6.04 2.57 -3.89
CA ARG I 153 -4.99 1.61 -3.50
C ARG I 153 -5.43 0.71 -2.36
N LEU I 154 -5.06 -0.55 -2.45
CA LEU I 154 -5.27 -1.49 -1.34
C LEU I 154 -4.08 -1.48 -0.40
N THR I 155 -4.33 -1.80 0.86
CA THR I 155 -3.28 -1.93 1.88
C THR I 155 -2.24 -2.95 1.49
N SER I 156 -2.65 -4.00 0.79
CA SER I 156 -1.75 -5.03 0.30
C SER I 156 -2.46 -5.75 -0.82
N PRO I 157 -1.72 -6.40 -1.75
CA PRO I 157 -2.40 -7.17 -2.81
C PRO I 157 -3.40 -8.20 -2.29
N SER I 158 -4.49 -8.33 -3.01
CA SER I 158 -5.51 -9.30 -2.74
C SER I 158 -4.90 -10.67 -2.81
N GLU I 159 -5.20 -11.46 -1.79
CA GLU I 159 -4.74 -12.82 -1.66
C GLU I 159 -5.45 -13.69 -2.68
N HIS I 160 -6.76 -13.56 -2.78
CA HIS I 160 -7.54 -14.32 -3.74
C HIS I 160 -8.39 -13.36 -4.53
N PRO I 161 -7.85 -12.85 -5.66
CA PRO I 161 -8.46 -11.80 -6.47
C PRO I 161 -9.75 -12.25 -7.13
N TYR I 162 -10.38 -11.36 -7.86
CA TYR I 162 -11.64 -11.68 -8.51
C TYR I 162 -11.38 -12.65 -9.67
N GLY I 163 -12.25 -13.62 -9.82
CA GLY I 163 -12.09 -14.57 -10.88
C GLY I 163 -11.34 -15.79 -10.41
N SER I 164 -10.55 -15.67 -9.34
CA SER I 164 -9.92 -16.82 -8.69
C SER I 164 -11.01 -17.73 -8.10
N SER I 165 -10.77 -19.04 -8.06
CA SER I 165 -11.84 -20.00 -7.74
C SER I 165 -12.28 -19.99 -6.25
N ARG I 166 -11.36 -19.53 -5.37
CA ARG I 166 -11.66 -19.32 -3.96
C ARG I 166 -12.75 -18.20 -3.72
N ALA I 167 -12.76 -17.18 -4.58
CA ALA I 167 -13.74 -16.09 -4.49
C ALA I 167 -15.14 -16.50 -5.00
N GLY I 168 -15.19 -17.44 -5.94
CA GLY I 168 -16.46 -17.93 -6.51
C GLY I 168 -17.18 -16.92 -7.38
N SER I 169 -16.42 -16.21 -8.20
CA SER I 169 -16.89 -15.03 -8.91
C SER I 169 -17.76 -15.40 -10.11
N LYS I 170 -18.82 -14.63 -10.32
CA LYS I 170 -19.87 -14.98 -11.30
C LYS I 170 -19.72 -14.30 -12.63
N TYR I 171 -18.90 -13.23 -12.69
CA TYR I 171 -18.93 -12.33 -13.88
C TYR I 171 -17.60 -12.10 -14.58
N GLN I 172 -16.58 -12.86 -14.25
CA GLN I 172 -15.28 -12.68 -14.87
C GLN I 172 -15.39 -12.74 -16.39
N GLY I 173 -14.75 -11.78 -17.05
CA GLY I 173 -14.77 -11.61 -18.51
C GLY I 173 -16.13 -11.35 -19.13
N GLN I 174 -16.96 -10.53 -18.54
CA GLN I 174 -18.29 -10.36 -19.08
C GLN I 174 -18.33 -9.35 -20.25
N ARG I 175 -19.26 -9.59 -21.18
CA ARG I 175 -19.27 -8.91 -22.47
C ARG I 175 -20.32 -7.83 -22.68
N GLY I 176 -21.58 -8.23 -22.78
CA GLY I 176 -22.65 -7.27 -23.03
C GLY I 176 -23.26 -6.82 -21.73
N PRO I 177 -24.50 -6.25 -21.79
CA PRO I 177 -25.33 -6.09 -20.59
C PRO I 177 -25.71 -7.47 -20.09
N THR I 178 -25.02 -7.93 -19.05
CA THR I 178 -25.14 -9.33 -18.58
C THR I 178 -26.25 -9.47 -17.56
N PRO I 179 -27.19 -10.40 -17.78
CA PRO I 179 -28.23 -10.57 -16.77
C PRO I 179 -27.70 -11.06 -15.40
N SER I 180 -28.48 -10.92 -14.36
CA SER I 180 -28.11 -11.41 -13.03
C SER I 180 -27.86 -12.91 -12.92
N ARG I 181 -26.83 -13.26 -12.16
CA ARG I 181 -26.46 -14.64 -11.93
C ARG I 181 -26.54 -15.04 -10.43
N SER I 182 -27.46 -14.45 -9.68
CA SER I 182 -27.41 -14.61 -8.24
C SER I 182 -27.77 -16.02 -7.81
N TYR I 183 -28.45 -16.76 -8.68
CA TYR I 183 -28.91 -18.09 -8.35
C TYR I 183 -27.73 -19.03 -8.14
N GLN I 184 -26.62 -18.71 -8.80
CA GLN I 184 -25.37 -19.45 -8.63
C GLN I 184 -24.88 -19.26 -7.21
N ASN I 185 -24.74 -20.39 -6.52
CA ASN I 185 -24.24 -20.43 -5.14
C ASN I 185 -25.13 -19.71 -4.12
N PHE I 186 -26.43 -19.67 -4.40
CA PHE I 186 -27.37 -18.93 -3.55
C PHE I 186 -27.53 -19.54 -2.14
N ILE I 187 -27.32 -18.72 -1.11
CA ILE I 187 -27.55 -19.15 0.30
C ILE I 187 -28.76 -18.45 0.96
N ARG I 188 -29.35 -19.11 1.96
CA ARG I 188 -30.51 -18.61 2.71
C ARG I 188 -30.68 -19.34 4.08
N SER I 189 -31.88 -19.23 4.69
CA SER I 189 -32.27 -20.02 5.91
C SER I 189 -32.78 -21.41 5.54
N MET J 1 -84.02 3.87 -21.98
CA MET J 1 -84.69 2.58 -21.66
C MET J 1 -83.73 1.43 -21.81
N LEU J 2 -83.55 0.64 -20.75
CA LEU J 2 -82.50 -0.36 -20.71
C LEU J 2 -83.03 -1.78 -20.87
N LEU J 3 -82.51 -2.56 -21.80
CA LEU J 3 -83.08 -3.88 -22.02
C LEU J 3 -82.74 -4.84 -20.90
N SER J 4 -83.73 -5.62 -20.49
CA SER J 4 -83.56 -6.64 -19.49
C SER J 4 -83.20 -7.91 -20.19
N ASP J 5 -82.91 -8.96 -19.40
CA ASP J 5 -82.55 -10.29 -19.89
C ASP J 5 -83.51 -10.90 -20.88
N ARG J 6 -84.80 -10.78 -20.56
CA ARG J 6 -85.90 -11.23 -21.40
C ARG J 6 -85.80 -10.60 -22.78
N ASP J 7 -85.58 -9.29 -22.83
CA ASP J 7 -85.63 -8.55 -24.09
C ASP J 7 -84.32 -8.64 -24.86
N LEU J 8 -83.25 -8.94 -24.14
CA LEU J 8 -81.95 -9.17 -24.74
C LEU J 8 -81.97 -10.45 -25.55
N ARG J 9 -82.44 -11.54 -24.92
CA ARG J 9 -82.52 -12.83 -25.60
C ARG J 9 -83.37 -12.71 -26.83
N ALA J 10 -84.46 -11.97 -26.70
CA ALA J 10 -85.39 -11.72 -27.79
C ALA J 10 -84.74 -11.00 -28.96
N GLU J 11 -83.78 -10.11 -28.69
CA GLU J 11 -83.06 -9.41 -29.75
C GLU J 11 -82.07 -10.32 -30.45
N ILE J 12 -81.45 -11.19 -29.66
CA ILE J 12 -80.42 -12.07 -30.17
C ILE J 12 -81.01 -13.13 -31.05
N SER J 13 -82.02 -13.85 -30.55
CA SER J 13 -82.62 -14.93 -31.33
C SER J 13 -83.49 -14.43 -32.52
N SER J 14 -83.86 -13.15 -32.52
CA SER J 14 -84.49 -12.55 -33.71
C SER J 14 -83.45 -12.09 -34.74
N GLY J 15 -82.16 -12.19 -34.38
CA GLY J 15 -81.06 -11.86 -35.27
C GLY J 15 -80.80 -10.38 -35.50
N ARG J 16 -81.40 -9.51 -34.69
CA ARG J 16 -81.17 -8.06 -34.80
C ARG J 16 -79.94 -7.55 -34.02
N LEU J 17 -79.65 -8.21 -32.91
CA LEU J 17 -78.43 -7.97 -32.20
C LEU J 17 -77.57 -9.18 -32.41
N GLY J 18 -76.36 -8.98 -32.90
CA GLY J 18 -75.45 -10.08 -33.19
C GLY J 18 -74.42 -10.27 -32.10
N ILE J 19 -74.35 -11.48 -31.57
CA ILE J 19 -73.25 -11.91 -30.73
C ILE J 19 -72.73 -13.24 -31.24
N ASP J 20 -71.43 -13.31 -31.48
CA ASP J 20 -70.84 -14.50 -32.07
C ASP J 20 -69.42 -14.76 -31.54
N PRO J 21 -69.21 -15.90 -30.85
CA PRO J 21 -70.21 -16.93 -30.50
C PRO J 21 -71.11 -16.55 -29.31
N PHE J 22 -72.40 -16.83 -29.42
CA PHE J 22 -73.30 -16.53 -28.35
C PHE J 22 -73.39 -17.73 -27.38
N ASP J 23 -73.49 -17.41 -26.09
CA ASP J 23 -73.69 -18.41 -25.06
C ASP J 23 -74.76 -17.95 -24.06
N ASP J 24 -75.87 -18.68 -23.98
CA ASP J 24 -77.02 -18.26 -23.17
C ASP J 24 -76.73 -18.05 -21.68
N THR J 25 -75.76 -18.79 -21.15
CA THR J 25 -75.45 -18.75 -19.71
C THR J 25 -74.67 -17.48 -19.34
N LEU J 26 -74.32 -16.70 -20.34
CA LEU J 26 -73.67 -15.42 -20.12
C LEU J 26 -74.63 -14.25 -19.94
N VAL J 27 -75.91 -14.48 -20.23
CA VAL J 27 -76.94 -13.48 -19.98
C VAL J 27 -77.23 -13.27 -18.50
N GLN J 28 -77.12 -12.02 -18.08
CA GLN J 28 -77.27 -11.58 -16.70
C GLN J 28 -78.56 -10.80 -16.61
N PRO J 29 -79.03 -10.44 -15.39
CA PRO J 29 -80.31 -9.74 -15.24
C PRO J 29 -80.53 -8.53 -16.16
N SER J 30 -79.47 -7.79 -16.43
CA SER J 30 -79.65 -6.54 -17.13
C SER J 30 -78.63 -6.38 -18.26
N SER J 31 -77.77 -7.37 -18.43
CA SER J 31 -76.60 -7.24 -19.29
C SER J 31 -76.13 -8.59 -19.79
N ILE J 32 -75.06 -8.60 -20.58
CA ILE J 32 -74.48 -9.86 -20.98
C ILE J 32 -72.97 -9.85 -20.77
N ASP J 33 -72.44 -10.84 -20.00
CA ASP J 33 -71.00 -11.00 -19.69
C ASP J 33 -70.18 -11.38 -20.96
N VAL J 34 -69.00 -10.76 -21.15
CA VAL J 34 -68.20 -10.92 -22.36
C VAL J 34 -66.82 -11.39 -21.99
N ARG J 35 -66.16 -12.05 -22.92
CA ARG J 35 -64.95 -12.81 -22.57
C ARG J 35 -63.71 -12.31 -23.27
N LEU J 36 -62.56 -12.45 -22.60
CA LEU J 36 -61.28 -12.00 -23.09
C LEU J 36 -60.69 -12.87 -24.19
N ASP J 37 -60.18 -12.22 -25.23
CA ASP J 37 -59.54 -12.92 -26.35
C ASP J 37 -58.14 -13.41 -25.95
N CYS J 38 -57.37 -13.94 -26.89
CA CYS J 38 -56.01 -14.36 -26.58
C CYS J 38 -54.90 -13.52 -27.19
N LEU J 39 -55.24 -12.38 -27.80
CA LEU J 39 -54.24 -11.47 -28.34
C LEU J 39 -54.18 -10.18 -27.55
N PHE J 40 -52.97 -9.67 -27.33
CA PHE J 40 -52.75 -8.41 -26.65
C PHE J 40 -51.78 -7.52 -27.43
N ARG J 41 -51.85 -6.20 -27.20
CA ARG J 41 -50.83 -5.27 -27.66
C ARG J 41 -50.13 -4.56 -26.54
N VAL J 42 -48.79 -4.60 -26.53
CA VAL J 42 -47.95 -3.99 -25.49
C VAL J 42 -47.26 -2.77 -26.05
N PHE J 43 -47.09 -1.78 -25.19
CA PHE J 43 -46.38 -0.59 -25.57
C PHE J 43 -44.92 -0.74 -25.21
N ASN J 44 -44.15 -1.30 -26.10
CA ASN J 44 -42.77 -1.57 -25.76
C ASN J 44 -41.78 -1.02 -26.81
N ASN J 45 -42.23 0.01 -27.54
CA ASN J 45 -41.37 0.74 -28.46
C ASN J 45 -40.28 1.52 -27.72
N THR J 46 -39.07 1.54 -28.28
CA THR J 46 -38.01 2.41 -27.71
C THR J 46 -37.46 3.52 -28.64
N ARG J 47 -38.14 3.80 -29.75
CA ARG J 47 -37.70 4.85 -30.69
C ARG J 47 -38.43 6.19 -30.47
N TYR J 48 -39.75 6.14 -30.33
CA TYR J 48 -40.54 7.33 -30.13
C TYR J 48 -40.26 8.00 -28.79
N THR J 49 -40.41 9.32 -28.77
CA THR J 49 -40.14 10.13 -27.61
C THR J 49 -41.43 10.65 -27.03
N HIS J 50 -42.53 10.53 -27.76
CA HIS J 50 -43.79 11.04 -27.24
C HIS J 50 -44.89 10.54 -28.12
N ILE J 51 -46.11 10.56 -27.60
CA ILE J 51 -47.31 10.23 -28.36
C ILE J 51 -47.99 11.49 -28.88
N ASP J 52 -48.17 11.53 -30.18
CA ASP J 52 -48.88 12.64 -30.78
C ASP J 52 -50.17 12.15 -31.43
N PRO J 53 -51.34 12.43 -30.82
CA PRO J 53 -52.60 11.92 -31.40
C PRO J 53 -52.81 12.34 -32.85
N ALA J 54 -52.10 13.37 -33.28
CA ALA J 54 -52.18 13.92 -34.64
C ALA J 54 -51.36 13.16 -35.73
N LYS J 55 -50.48 12.27 -35.30
CA LYS J 55 -49.66 11.49 -36.20
C LYS J 55 -49.96 10.03 -36.01
N GLN J 56 -49.92 9.28 -37.10
CA GLN J 56 -50.02 7.83 -37.00
C GLN J 56 -48.68 7.32 -36.48
N GLN J 57 -48.72 6.47 -35.46
CA GLN J 57 -47.46 6.01 -34.95
C GLN J 57 -47.42 4.50 -34.97
N ASP J 58 -46.99 3.99 -36.13
CA ASP J 58 -47.06 2.58 -36.52
C ASP J 58 -46.54 1.55 -35.55
N GLU J 59 -45.31 1.74 -35.10
CA GLU J 59 -44.65 0.74 -34.33
C GLU J 59 -44.75 1.02 -32.86
N LEU J 60 -45.85 1.64 -32.45
CA LEU J 60 -46.06 2.01 -31.06
C LEU J 60 -46.40 0.81 -30.19
N THR J 61 -46.96 -0.21 -30.83
CA THR J 61 -47.45 -1.39 -30.12
C THR J 61 -46.91 -2.67 -30.77
N SER J 62 -46.84 -3.77 -30.00
CA SER J 62 -46.46 -5.09 -30.50
C SER J 62 -47.53 -6.10 -30.14
N LEU J 63 -47.81 -7.01 -31.05
CA LEU J 63 -48.73 -8.11 -30.80
C LEU J 63 -48.08 -9.24 -30.02
N VAL J 64 -48.77 -9.70 -28.99
CA VAL J 64 -48.27 -10.74 -28.11
C VAL J 64 -49.40 -11.74 -27.89
N GLN J 65 -49.06 -13.02 -27.80
CA GLN J 65 -50.04 -14.04 -27.51
C GLN J 65 -49.49 -15.01 -26.53
N PRO J 66 -50.15 -15.16 -25.37
CA PRO J 66 -49.68 -16.15 -24.43
C PRO J 66 -49.55 -17.51 -25.10
N VAL J 67 -48.51 -18.24 -24.72
CA VAL J 67 -48.38 -19.67 -25.01
C VAL J 67 -49.60 -20.39 -24.46
N ASP J 68 -50.17 -21.32 -25.23
CA ASP J 68 -51.47 -21.93 -24.90
C ASP J 68 -51.57 -22.66 -23.55
N GLY J 69 -52.57 -22.25 -22.76
CA GLY J 69 -52.72 -22.68 -21.38
C GLY J 69 -52.07 -21.75 -20.36
N GLU J 70 -51.18 -20.88 -20.84
CA GLU J 70 -50.49 -19.94 -19.99
C GLU J 70 -51.28 -18.64 -19.88
N PRO J 71 -50.98 -17.84 -18.85
CA PRO J 71 -51.69 -16.60 -18.72
C PRO J 71 -50.88 -15.43 -19.27
N PHE J 72 -51.53 -14.31 -19.55
CA PHE J 72 -50.82 -13.11 -19.78
C PHE J 72 -50.68 -12.41 -18.44
N VAL J 73 -49.47 -11.93 -18.13
CA VAL J 73 -49.22 -11.24 -16.84
C VAL J 73 -49.20 -9.71 -16.99
N LEU J 74 -50.19 -9.09 -16.37
CA LEU J 74 -50.32 -7.65 -16.35
C LEU J 74 -49.61 -7.04 -15.14
N HIS J 75 -48.52 -6.31 -15.39
CA HIS J 75 -47.70 -5.76 -14.30
C HIS J 75 -48.33 -4.55 -13.70
N PRO J 76 -48.08 -4.27 -12.39
CA PRO J 76 -48.63 -3.05 -11.77
C PRO J 76 -48.25 -1.80 -12.54
N GLY J 77 -49.24 -1.03 -12.94
CA GLY J 77 -49.02 0.25 -13.61
C GLY J 77 -48.74 0.12 -15.09
N GLU J 78 -48.91 -1.09 -15.62
CA GLU J 78 -48.79 -1.37 -17.05
C GLU J 78 -50.12 -1.09 -17.70
N PHE J 79 -50.09 -0.83 -19.00
CA PHE J 79 -51.27 -0.57 -19.80
C PHE J 79 -51.17 -1.41 -21.10
N VAL J 80 -52.18 -2.23 -21.39
CA VAL J 80 -52.15 -3.05 -22.60
C VAL J 80 -53.49 -3.01 -23.31
N LEU J 81 -53.52 -3.47 -24.56
CA LEU J 81 -54.76 -3.54 -25.28
C LEU J 81 -55.16 -4.98 -25.44
N GLY J 82 -56.44 -5.27 -25.24
CA GLY J 82 -56.97 -6.59 -25.46
C GLY J 82 -58.20 -6.53 -26.33
N SER J 83 -58.84 -7.69 -26.52
CA SER J 83 -59.98 -7.81 -27.42
C SER J 83 -61.02 -8.71 -26.81
N THR J 84 -62.23 -8.60 -27.32
CA THR J 84 -63.28 -9.50 -26.90
C THR J 84 -63.27 -10.76 -27.76
N LEU J 85 -63.59 -11.89 -27.16
CA LEU J 85 -63.74 -13.12 -27.91
C LEU J 85 -64.88 -12.98 -28.94
N GLU J 86 -66.01 -12.46 -28.47
CA GLU J 86 -67.22 -12.26 -29.27
C GLU J 86 -67.11 -11.12 -30.30
N LEU J 87 -67.88 -11.27 -31.38
CA LEU J 87 -68.08 -10.19 -32.36
C LEU J 87 -69.51 -9.61 -32.20
N PHE J 88 -69.59 -8.28 -32.05
CA PHE J 88 -70.88 -7.60 -31.80
C PHE J 88 -71.39 -6.85 -33.02
N THR J 89 -72.66 -7.04 -33.34
CA THR J 89 -73.33 -6.29 -34.40
C THR J 89 -74.57 -5.69 -33.78
N LEU J 90 -74.57 -4.37 -33.65
CA LEU J 90 -75.72 -3.66 -33.14
C LEU J 90 -76.54 -3.15 -34.29
N PRO J 91 -77.87 -3.16 -34.13
CA PRO J 91 -78.80 -2.53 -35.09
C PRO J 91 -78.71 -1.01 -35.03
N ASP J 92 -79.48 -0.31 -35.85
CA ASP J 92 -79.38 1.15 -35.79
C ASP J 92 -80.37 1.82 -34.83
N ASN J 93 -80.98 1.03 -33.94
CA ASN J 93 -81.89 1.57 -32.92
C ASN J 93 -81.55 1.14 -31.51
N LEU J 94 -80.37 0.57 -31.34
CA LEU J 94 -79.85 0.24 -30.01
C LEU J 94 -78.44 0.83 -29.80
N ALA J 95 -78.14 1.25 -28.57
CA ALA J 95 -76.79 1.65 -28.22
C ALA J 95 -76.30 0.74 -27.10
N GLY J 96 -75.00 0.52 -27.04
CA GLY J 96 -74.44 -0.36 -26.04
C GLY J 96 -73.62 0.42 -25.05
N ARG J 97 -73.52 -0.10 -23.83
CA ARG J 97 -72.57 0.44 -22.87
C ARG J 97 -71.71 -0.73 -22.33
N LEU J 98 -70.39 -0.53 -22.33
CA LEU J 98 -69.47 -1.53 -21.87
C LEU J 98 -69.00 -1.15 -20.48
N GLU J 99 -69.02 -2.07 -19.51
CA GLU J 99 -68.49 -1.78 -18.17
C GLU J 99 -67.74 -2.97 -17.71
N GLY J 100 -66.91 -2.80 -16.68
CA GLY J 100 -66.14 -3.88 -16.11
C GLY J 100 -67.03 -4.77 -15.27
N LYS J 101 -66.43 -5.78 -14.62
CA LYS J 101 -67.11 -6.60 -13.62
C LYS J 101 -66.59 -6.27 -12.23
N SER J 102 -67.50 -6.22 -11.27
CA SER J 102 -67.14 -5.88 -9.92
C SER J 102 -66.15 -6.87 -9.29
N SER J 103 -66.18 -8.14 -9.69
CA SER J 103 -65.20 -9.11 -9.14
C SER J 103 -63.76 -8.77 -9.54
N LEU J 104 -63.59 -8.14 -10.67
CA LEU J 104 -62.23 -7.85 -11.15
C LEU J 104 -61.78 -6.47 -10.70
N GLY J 105 -62.74 -5.58 -10.57
CA GLY J 105 -62.47 -4.26 -10.08
C GLY J 105 -61.90 -4.34 -8.70
N ARG J 106 -62.41 -5.28 -7.93
CA ARG J 106 -62.04 -5.42 -6.52
C ARG J 106 -60.63 -5.96 -6.40
N LEU J 107 -60.11 -6.52 -7.47
CA LEU J 107 -58.74 -6.99 -7.47
C LEU J 107 -57.77 -5.92 -7.95
N GLY J 108 -58.27 -4.89 -8.61
CA GLY J 108 -57.44 -3.79 -9.07
C GLY J 108 -57.22 -3.83 -10.56
N LEU J 109 -58.11 -4.51 -11.27
CA LEU J 109 -58.05 -4.61 -12.71
C LEU J 109 -59.04 -3.68 -13.34
N LEU J 110 -58.51 -2.68 -14.02
CA LEU J 110 -59.29 -1.81 -14.91
C LEU J 110 -59.38 -2.42 -16.30
N THR J 111 -60.60 -2.58 -16.81
CA THR J 111 -60.82 -3.28 -18.07
C THR J 111 -60.99 -2.40 -19.33
N HIS J 112 -61.38 -1.14 -19.15
CA HIS J 112 -61.34 -0.22 -20.25
C HIS J 112 -61.13 1.03 -19.47
N SER J 113 -61.19 2.19 -20.11
CA SER J 113 -61.23 3.41 -19.33
C SER J 113 -61.61 4.66 -20.10
N THR J 114 -62.39 5.50 -19.42
CA THR J 114 -62.92 6.77 -19.93
C THR J 114 -63.58 6.62 -21.30
N VAL J 115 -64.13 5.44 -21.52
CA VAL J 115 -64.81 5.11 -22.76
C VAL J 115 -65.96 4.24 -22.35
N GLY J 116 -67.10 4.40 -23.02
CA GLY J 116 -68.29 3.67 -22.63
C GLY J 116 -69.09 3.15 -23.79
N PHE J 117 -69.38 4.04 -24.75
CA PHE J 117 -70.40 3.87 -25.78
C PHE J 117 -70.03 2.92 -26.90
N ILE J 118 -70.95 2.04 -27.30
CA ILE J 118 -70.86 1.28 -28.57
C ILE J 118 -71.93 1.86 -29.47
N ASP J 119 -71.53 2.47 -30.58
CA ASP J 119 -72.47 3.21 -31.45
C ASP J 119 -73.46 2.32 -32.20
N PRO J 120 -74.71 2.81 -32.41
CA PRO J 120 -75.67 2.06 -33.21
C PRO J 120 -75.08 1.74 -34.59
N GLY J 121 -75.24 0.51 -35.06
CA GLY J 121 -74.67 0.12 -36.34
C GLY J 121 -73.24 -0.40 -36.27
N PHE J 122 -72.61 -0.34 -35.10
CA PHE J 122 -71.25 -0.86 -34.95
C PHE J 122 -71.23 -2.36 -35.15
N SER J 123 -70.15 -2.83 -35.74
CA SER J 123 -69.95 -4.24 -36.00
C SER J 123 -68.48 -4.58 -35.93
N GLY J 124 -68.14 -5.53 -35.07
CA GLY J 124 -66.76 -5.96 -34.90
C GLY J 124 -66.46 -6.41 -33.48
N HIS J 125 -65.19 -6.67 -33.22
CA HIS J 125 -64.77 -7.05 -31.87
C HIS J 125 -64.62 -5.75 -31.06
N ILE J 126 -64.49 -5.86 -29.75
CA ILE J 126 -64.29 -4.68 -28.95
C ILE J 126 -62.88 -4.67 -28.43
N THR J 127 -62.21 -3.53 -28.52
CA THR J 127 -60.85 -3.36 -28.01
C THR J 127 -60.95 -2.93 -26.53
N LEU J 128 -60.08 -3.48 -25.69
CA LEU J 128 -60.17 -3.27 -24.26
C LEU J 128 -58.87 -2.71 -23.77
N GLU J 129 -58.95 -1.60 -23.04
CA GLU J 129 -57.76 -0.98 -22.44
C GLU J 129 -57.57 -1.54 -21.04
N LEU J 130 -56.65 -2.47 -20.88
CA LEU J 130 -56.45 -3.16 -19.60
C LEU J 130 -55.34 -2.56 -18.74
N SER J 131 -55.63 -2.36 -17.47
CA SER J 131 -54.79 -1.60 -16.60
C SER J 131 -54.75 -2.26 -15.22
N ASN J 132 -53.65 -2.12 -14.50
CA ASN J 132 -53.53 -2.75 -13.20
C ASN J 132 -53.18 -1.64 -12.22
N VAL J 133 -53.95 -1.51 -11.16
CA VAL J 133 -53.68 -0.50 -10.14
C VAL J 133 -53.36 -1.09 -8.75
N ALA J 134 -53.38 -2.43 -8.65
CA ALA J 134 -52.91 -3.11 -7.44
C ALA J 134 -51.37 -3.08 -7.35
N ASN J 135 -50.83 -3.57 -6.24
CA ASN J 135 -49.37 -3.61 -6.13
C ASN J 135 -48.80 -4.96 -6.49
N LEU J 136 -49.63 -5.89 -6.93
CA LEU J 136 -49.11 -7.13 -7.47
C LEU J 136 -49.51 -7.31 -8.92
N PRO J 137 -48.72 -8.11 -9.67
CA PRO J 137 -49.15 -8.43 -11.03
C PRO J 137 -50.39 -9.28 -11.02
N ILE J 138 -51.21 -9.17 -12.05
CA ILE J 138 -52.42 -9.98 -12.20
C ILE J 138 -52.25 -10.91 -13.39
N THR J 139 -52.64 -12.16 -13.23
CA THR J 139 -52.63 -13.09 -14.34
C THR J 139 -53.99 -13.14 -15.05
N LEU J 140 -54.04 -12.77 -16.32
CA LEU J 140 -55.27 -12.84 -17.09
C LEU J 140 -55.28 -14.15 -17.87
N TRP J 141 -56.39 -14.87 -17.82
CA TRP J 141 -56.52 -16.11 -18.54
C TRP J 141 -57.44 -15.90 -19.70
N PRO J 142 -56.96 -16.13 -20.94
CA PRO J 142 -57.77 -16.08 -22.16
C PRO J 142 -59.04 -16.87 -21.95
N GLY J 143 -60.17 -16.28 -22.35
CA GLY J 143 -61.45 -16.95 -22.24
C GLY J 143 -62.22 -16.62 -20.97
N MET J 144 -61.58 -15.89 -20.07
CA MET J 144 -62.22 -15.50 -18.82
C MET J 144 -63.23 -14.40 -19.09
N LYS J 145 -64.20 -14.26 -18.20
CA LYS J 145 -65.12 -13.14 -18.28
C LYS J 145 -64.36 -11.89 -17.90
N ILE J 146 -64.48 -10.85 -18.70
CA ILE J 146 -63.66 -9.66 -18.53
C ILE J 146 -64.46 -8.39 -18.39
N GLY J 147 -65.76 -8.46 -18.65
CA GLY J 147 -66.62 -7.27 -18.65
C GLY J 147 -68.03 -7.67 -19.00
N GLN J 148 -68.88 -6.67 -19.23
CA GLN J 148 -70.29 -6.90 -19.50
C GLN J 148 -70.85 -5.71 -20.31
N LEU J 149 -71.95 -5.96 -20.99
CA LEU J 149 -72.47 -5.10 -22.02
C LEU J 149 -73.97 -5.04 -21.88
N CYS J 150 -74.50 -3.84 -21.76
CA CYS J 150 -75.93 -3.68 -21.73
C CYS J 150 -76.35 -2.86 -22.95
N MET J 151 -77.65 -2.87 -23.24
CA MET J 151 -78.20 -2.18 -24.38
C MET J 151 -79.26 -1.16 -23.98
N LEU J 152 -79.17 0.03 -24.55
CA LEU J 152 -80.12 1.11 -24.37
C LEU J 152 -80.90 1.32 -25.63
N ARG J 153 -82.23 1.46 -25.53
CA ARG J 153 -83.08 1.92 -26.65
C ARG J 153 -82.87 3.39 -26.99
N LEU J 154 -82.82 3.68 -28.29
CA LEU J 154 -82.73 5.04 -28.76
C LEU J 154 -84.13 5.53 -28.94
N THR J 155 -84.30 6.85 -28.82
CA THR J 155 -85.55 7.54 -29.12
C THR J 155 -86.13 7.25 -30.51
N SER J 156 -85.25 7.06 -31.49
CA SER J 156 -85.61 6.79 -32.88
C SER J 156 -84.34 6.25 -33.54
N PRO J 157 -84.49 5.48 -34.64
CA PRO J 157 -83.31 4.95 -35.30
C PRO J 157 -82.33 6.02 -35.74
N SER J 158 -81.06 5.67 -35.66
CA SER J 158 -79.97 6.50 -36.09
C SER J 158 -80.10 6.80 -37.57
N GLU J 159 -80.00 8.09 -37.89
CA GLU J 159 -80.11 8.59 -39.25
C GLU J 159 -78.87 8.19 -40.04
N HIS J 160 -77.70 8.39 -39.43
CA HIS J 160 -76.46 8.00 -40.07
C HIS J 160 -75.64 7.13 -39.13
N PRO J 161 -75.88 5.81 -39.15
CA PRO J 161 -75.31 4.87 -38.20
C PRO J 161 -73.79 4.81 -38.28
N TYR J 162 -73.20 3.98 -37.43
CA TYR J 162 -71.77 3.82 -37.39
C TYR J 162 -71.35 3.05 -38.62
N GLY J 163 -70.22 3.44 -39.21
CA GLY J 163 -69.76 2.80 -40.42
C GLY J 163 -70.27 3.48 -41.67
N SER J 164 -71.40 4.20 -41.57
CA SER J 164 -71.88 5.03 -42.69
C SER J 164 -70.86 6.13 -42.95
N SER J 165 -70.78 6.59 -44.20
CA SER J 165 -69.69 7.50 -44.59
C SER J 165 -69.88 8.93 -44.07
N ARG J 166 -71.11 9.30 -43.76
CA ARG J 166 -71.42 10.59 -43.12
C ARG J 166 -70.90 10.69 -41.68
N ALA J 167 -70.80 9.55 -40.98
CA ALA J 167 -70.21 9.51 -39.63
C ALA J 167 -68.67 9.52 -39.60
N GLY J 168 -68.03 9.04 -40.67
CA GLY J 168 -66.56 9.04 -40.78
C GLY J 168 -65.86 8.12 -39.81
N SER J 169 -66.46 6.95 -39.59
CA SER J 169 -66.06 6.00 -38.59
C SER J 169 -64.73 5.28 -38.89
N LYS J 170 -63.89 5.16 -37.88
CA LYS J 170 -62.55 4.64 -38.03
C LYS J 170 -62.40 3.13 -37.79
N TYR J 171 -63.36 2.49 -37.13
CA TYR J 171 -63.12 1.12 -36.64
C TYR J 171 -64.08 0.07 -37.12
N GLN J 172 -64.90 0.37 -38.13
CA GLN J 172 -65.93 -0.59 -38.59
C GLN J 172 -65.30 -1.93 -38.99
N GLY J 173 -65.84 -3.03 -38.46
CA GLY J 173 -65.34 -4.38 -38.68
C GLY J 173 -63.95 -4.70 -38.13
N GLN J 174 -63.64 -4.23 -36.93
CA GLN J 174 -62.31 -4.46 -36.38
C GLN J 174 -62.15 -5.85 -35.76
N ARG J 175 -60.91 -6.36 -35.81
CA ARG J 175 -60.66 -7.78 -35.53
C ARG J 175 -59.94 -8.04 -34.22
N GLY J 176 -58.66 -7.66 -34.17
CA GLY J 176 -57.86 -7.92 -32.98
C GLY J 176 -57.88 -6.74 -32.04
N PRO J 177 -56.91 -6.71 -31.09
CA PRO J 177 -56.62 -5.45 -30.38
C PRO J 177 -56.10 -4.41 -31.38
N THR J 178 -56.99 -3.54 -31.81
CA THR J 178 -56.67 -2.55 -32.85
C THR J 178 -56.01 -1.29 -32.30
N PRO J 179 -54.83 -0.92 -32.82
CA PRO J 179 -54.24 0.33 -32.36
C PRO J 179 -55.08 1.57 -32.69
N SER J 180 -54.81 2.68 -32.03
CA SER J 180 -55.53 3.93 -32.29
C SER J 180 -55.37 4.45 -33.69
N ARG J 181 -56.43 5.05 -34.19
CA ARG J 181 -56.43 5.63 -35.51
C ARG J 181 -56.82 7.11 -35.46
N SER J 182 -56.49 7.80 -34.38
CA SER J 182 -56.97 9.19 -34.20
C SER J 182 -56.43 10.18 -35.23
N TYR J 183 -55.33 9.83 -35.87
CA TYR J 183 -54.68 10.70 -36.83
C TYR J 183 -55.58 10.92 -38.05
N GLN J 184 -56.40 9.91 -38.34
CA GLN J 184 -57.37 10.02 -39.40
C GLN J 184 -58.35 11.13 -39.04
N ASN J 185 -58.48 12.11 -39.94
CA ASN J 185 -59.45 13.23 -39.82
C ASN J 185 -59.22 14.10 -38.57
N PHE J 186 -57.97 14.15 -38.12
CA PHE J 186 -57.61 14.92 -36.93
C PHE J 186 -57.82 16.44 -37.11
N ILE J 187 -58.60 17.04 -36.20
CA ILE J 187 -58.81 18.50 -36.17
C ILE J 187 -58.15 19.17 -34.93
N ARG J 188 -57.80 20.45 -35.06
CA ARG J 188 -57.17 21.22 -33.98
C ARG J 188 -57.32 22.75 -34.15
N MET K 1 -6.85 7.14 1.46
CA MET K 1 -6.67 7.54 2.88
C MET K 1 -7.71 8.58 3.25
N LEU K 2 -8.44 8.33 4.32
CA LEU K 2 -9.59 9.13 4.66
C LEU K 2 -9.35 10.04 5.85
N LEU K 3 -9.56 11.35 5.70
CA LEU K 3 -9.28 12.27 6.81
C LEU K 3 -10.27 12.12 7.94
N SER K 4 -9.74 12.07 9.15
CA SER K 4 -10.51 12.03 10.38
C SER K 4 -10.85 13.44 10.79
N ASP K 5 -11.64 13.58 11.85
CA ASP K 5 -12.03 14.88 12.41
C ASP K 5 -10.87 15.78 12.73
N ARG K 6 -9.86 15.20 13.36
CA ARG K 6 -8.64 15.90 13.75
C ARG K 6 -7.96 16.57 12.57
N ASP K 7 -7.87 15.81 11.48
CA ASP K 7 -7.17 16.26 10.29
C ASP K 7 -8.01 17.15 9.36
N LEU K 8 -9.32 17.03 9.45
CA LEU K 8 -10.25 17.91 8.77
C LEU K 8 -10.18 19.32 9.34
N ARG K 9 -10.22 19.42 10.67
CA ARG K 9 -10.17 20.72 11.33
C ARG K 9 -8.86 21.39 11.01
N ALA K 10 -7.79 20.60 11.04
CA ALA K 10 -6.48 21.09 10.68
C ALA K 10 -6.42 21.67 9.26
N GLU K 11 -7.14 21.07 8.32
CA GLU K 11 -7.18 21.54 6.95
C GLU K 11 -7.98 22.82 6.82
N ILE K 12 -9.02 22.94 7.61
CA ILE K 12 -9.91 24.07 7.55
C ILE K 12 -9.26 25.29 8.16
N SER K 13 -8.68 25.14 9.33
CA SER K 13 -8.07 26.28 10.00
C SER K 13 -6.72 26.68 9.40
N SER K 14 -6.11 25.81 8.61
CA SER K 14 -4.91 26.20 7.84
C SER K 14 -5.27 26.89 6.52
N GLY K 15 -6.56 26.94 6.22
CA GLY K 15 -7.09 27.61 5.03
C GLY K 15 -6.94 26.88 3.72
N ARG K 16 -6.55 25.60 3.75
CA ARG K 16 -6.38 24.82 2.52
C ARG K 16 -7.68 24.20 2.00
N LEU K 17 -8.57 23.84 2.92
CA LEU K 17 -9.92 23.43 2.60
C LEU K 17 -10.84 24.54 3.04
N GLY K 18 -11.57 25.12 2.11
CA GLY K 18 -12.47 26.21 2.43
C GLY K 18 -13.88 25.69 2.62
N ILE K 19 -14.48 26.06 3.75
CA ILE K 19 -15.92 25.89 3.99
C ILE K 19 -16.45 27.23 4.50
N ASP K 20 -17.50 27.73 3.84
CA ASP K 20 -18.02 29.05 4.19
C ASP K 20 -19.55 29.12 4.04
N PRO K 21 -20.29 29.38 5.15
CA PRO K 21 -19.77 29.56 6.53
C PRO K 21 -19.42 28.23 7.23
N PHE K 22 -18.31 28.25 7.96
CA PHE K 22 -17.89 27.07 8.72
C PHE K 22 -18.48 27.10 10.14
N ASP K 23 -18.90 25.92 10.60
CA ASP K 23 -19.40 25.73 11.96
C ASP K 23 -18.78 24.46 12.57
N ASP K 24 -18.00 24.64 13.64
CA ASP K 24 -17.23 23.53 14.24
C ASP K 24 -18.05 22.34 14.75
N THR K 25 -19.29 22.60 15.15
CA THR K 25 -20.18 21.58 15.72
C THR K 25 -20.74 20.62 14.65
N LEU K 26 -20.48 20.95 13.38
CA LEU K 26 -20.88 20.11 12.28
C LEU K 26 -19.85 19.04 11.92
N VAL K 27 -18.65 19.15 12.48
CA VAL K 27 -17.62 18.16 12.27
C VAL K 27 -17.95 16.87 12.99
N GLN K 28 -17.98 15.77 12.24
CA GLN K 28 -18.35 14.42 12.69
C GLN K 28 -17.10 13.57 12.70
N PRO K 29 -17.14 12.34 13.28
CA PRO K 29 -15.93 11.51 13.41
C PRO K 29 -15.06 11.37 12.16
N SER K 30 -15.70 11.31 11.00
CA SER K 30 -15.00 11.00 9.78
C SER K 30 -15.38 11.98 8.64
N SER K 31 -16.25 12.93 8.93
CA SER K 31 -16.87 13.74 7.90
C SER K 31 -17.33 15.09 8.42
N ILE K 32 -17.94 15.88 7.57
CA ILE K 32 -18.58 17.11 8.04
C ILE K 32 -20.00 17.26 7.46
N ASP K 33 -20.99 17.41 8.36
CA ASP K 33 -22.42 17.56 8.00
C ASP K 33 -22.70 18.91 7.27
N VAL K 34 -23.48 18.87 6.19
CA VAL K 34 -23.75 20.07 5.38
C VAL K 34 -25.21 20.36 5.34
N ARG K 35 -25.56 21.63 5.09
CA ARG K 35 -26.93 22.09 5.29
C ARG K 35 -27.57 22.51 4.00
N LEU K 36 -28.89 22.32 3.91
CA LEU K 36 -29.69 22.72 2.77
C LEU K 36 -29.92 24.24 2.61
N ASP K 37 -29.75 24.74 1.40
CA ASP K 37 -30.02 26.13 1.08
C ASP K 37 -31.54 26.41 0.98
N CYS K 38 -31.93 27.62 0.58
CA CYS K 38 -33.36 27.92 0.48
C CYS K 38 -33.86 28.11 -0.94
N LEU K 39 -33.05 27.73 -1.92
CA LEU K 39 -33.49 27.74 -3.33
C LEU K 39 -33.60 26.35 -3.92
N PHE K 40 -34.66 26.13 -4.71
CA PHE K 40 -34.87 24.86 -5.40
C PHE K 40 -35.19 25.06 -6.88
N ARG K 41 -35.00 24.01 -7.68
CA ARG K 41 -35.48 23.97 -9.05
C ARG K 41 -36.41 22.83 -9.27
N VAL K 42 -37.60 23.14 -9.79
CA VAL K 42 -38.63 22.13 -10.09
C VAL K 42 -38.72 21.91 -11.59
N PHE K 43 -39.13 20.71 -11.97
CA PHE K 43 -39.27 20.39 -13.37
C PHE K 43 -40.74 20.48 -13.70
N ASN K 44 -41.16 21.68 -14.06
CA ASN K 44 -42.55 21.89 -14.31
C ASN K 44 -42.85 22.50 -15.70
N ASN K 45 -41.91 22.31 -16.64
CA ASN K 45 -42.12 22.75 -18.04
C ASN K 45 -43.20 21.92 -18.74
N THR K 46 -44.01 22.56 -19.57
CA THR K 46 -45.01 21.81 -20.32
C THR K 46 -44.88 21.95 -21.83
N ARG K 47 -43.74 22.46 -22.32
CA ARG K 47 -43.49 22.57 -23.78
C ARG K 47 -42.62 21.44 -24.36
N TYR K 48 -41.57 21.02 -23.65
CA TYR K 48 -40.71 19.97 -24.13
C TYR K 48 -41.36 18.60 -24.06
N THR K 49 -41.00 17.74 -24.99
CA THR K 49 -41.55 16.40 -25.06
C THR K 49 -40.56 15.34 -24.53
N HIS K 50 -39.30 15.72 -24.38
CA HIS K 50 -38.30 14.77 -23.95
C HIS K 50 -37.05 15.53 -23.53
N ILE K 51 -36.20 14.85 -22.75
CA ILE K 51 -34.91 15.41 -22.37
C ILE K 51 -33.82 14.85 -23.28
N ASP K 52 -33.10 15.74 -23.94
CA ASP K 52 -31.97 15.34 -24.75
C ASP K 52 -30.67 15.88 -24.16
N PRO K 53 -29.84 14.99 -23.57
CA PRO K 53 -28.63 15.51 -22.94
C PRO K 53 -27.74 16.31 -23.90
N ALA K 54 -27.96 16.15 -25.19
CA ALA K 54 -27.10 16.75 -26.22
C ALA K 54 -27.49 18.20 -26.58
N LYS K 55 -28.67 18.59 -26.16
CA LYS K 55 -29.19 19.94 -26.35
C LYS K 55 -29.32 20.66 -25.03
N GLN K 56 -29.09 21.96 -25.07
CA GLN K 56 -29.34 22.81 -23.91
C GLN K 56 -30.84 23.02 -23.83
N GLN K 57 -31.44 22.77 -22.69
CA GLN K 57 -32.87 22.96 -22.60
C GLN K 57 -33.19 23.92 -21.49
N ASP K 58 -33.17 25.19 -21.89
CA ASP K 58 -33.28 26.37 -21.03
C ASP K 58 -34.40 26.38 -20.00
N GLU K 59 -35.63 26.18 -20.46
CA GLU K 59 -36.76 26.42 -19.58
C GLU K 59 -37.25 25.14 -18.95
N LEU K 60 -36.32 24.21 -18.74
CA LEU K 60 -36.67 22.89 -18.25
C LEU K 60 -36.98 22.95 -16.78
N THR K 61 -36.44 23.94 -16.10
CA THR K 61 -36.56 24.07 -14.65
C THR K 61 -37.04 25.49 -14.28
N SER K 62 -37.64 25.60 -13.10
CA SER K 62 -38.06 26.90 -12.54
C SER K 62 -37.44 27.06 -11.18
N LEU K 63 -37.08 28.30 -10.85
CA LEU K 63 -36.58 28.61 -9.53
C LEU K 63 -37.72 28.84 -8.56
N VAL K 64 -37.66 28.18 -7.41
CA VAL K 64 -38.69 28.29 -6.37
C VAL K 64 -38.01 28.60 -5.05
N GLN K 65 -38.64 29.40 -4.20
CA GLN K 65 -38.12 29.67 -2.87
C GLN K 65 -39.23 29.63 -1.84
N PRO K 66 -39.15 28.72 -0.85
CA PRO K 66 -40.18 28.75 0.15
C PRO K 66 -40.32 30.13 0.77
N VAL K 67 -41.56 30.55 1.04
CA VAL K 67 -41.88 31.71 1.90
C VAL K 67 -41.18 31.52 3.26
N ASP K 68 -40.58 32.57 3.78
CA ASP K 68 -39.70 32.42 4.95
C ASP K 68 -40.37 31.83 6.21
N GLY K 69 -39.71 30.80 6.76
CA GLY K 69 -40.24 30.03 7.87
C GLY K 69 -41.03 28.81 7.43
N GLU K 70 -41.50 28.84 6.18
CA GLU K 70 -42.25 27.73 5.60
C GLU K 70 -41.33 26.67 4.99
N PRO K 71 -41.84 25.42 4.83
CA PRO K 71 -41.00 24.40 4.26
C PRO K 71 -41.24 24.26 2.78
N PHE K 72 -40.28 23.63 2.11
CA PHE K 72 -40.50 23.12 0.76
C PHE K 72 -41.09 21.69 0.84
N VAL K 73 -42.19 21.42 0.16
CA VAL K 73 -42.82 20.08 0.22
C VAL K 73 -42.45 19.23 -0.99
N LEU K 74 -41.75 18.15 -0.71
CA LEU K 74 -41.29 17.21 -1.73
C LEU K 74 -42.31 16.10 -1.84
N HIS K 75 -43.05 16.03 -2.94
CA HIS K 75 -44.11 15.01 -3.14
C HIS K 75 -43.52 13.66 -3.45
N PRO K 76 -44.26 12.57 -3.20
CA PRO K 76 -43.74 11.22 -3.49
C PRO K 76 -43.46 11.04 -4.99
N GLY K 77 -42.26 10.58 -5.33
CA GLY K 77 -41.86 10.36 -6.72
C GLY K 77 -41.52 11.64 -7.48
N GLU K 78 -41.40 12.76 -6.75
CA GLU K 78 -40.94 14.03 -7.33
C GLU K 78 -39.42 14.07 -7.28
N PHE K 79 -38.86 14.94 -8.10
CA PHE K 79 -37.41 15.08 -8.22
C PHE K 79 -37.14 16.59 -8.36
N VAL K 80 -36.31 17.14 -7.47
CA VAL K 80 -35.96 18.54 -7.51
C VAL K 80 -34.49 18.75 -7.33
N LEU K 81 -34.03 19.97 -7.57
CA LEU K 81 -32.63 20.32 -7.37
C LEU K 81 -32.53 21.31 -6.25
N GLY K 82 -31.52 21.12 -5.43
CA GLY K 82 -31.29 22.01 -4.32
C GLY K 82 -29.81 22.30 -4.23
N SER K 83 -29.44 23.09 -3.23
CA SER K 83 -28.08 23.58 -3.12
C SER K 83 -27.63 23.47 -1.67
N THR K 84 -26.32 23.56 -1.46
CA THR K 84 -25.77 23.59 -0.12
C THR K 84 -25.69 25.04 0.33
N LEU K 85 -25.91 25.25 1.63
CA LEU K 85 -25.71 26.54 2.26
C LEU K 85 -24.23 26.95 2.13
N GLU K 86 -23.34 26.01 2.43
CA GLU K 86 -21.90 26.24 2.41
C GLU K 86 -21.30 26.33 1.02
N LEU K 87 -20.19 27.05 0.89
CA LEU K 87 -19.34 27.06 -0.34
C LEU K 87 -18.02 26.33 -0.06
N PHE K 88 -17.74 25.34 -0.90
CA PHE K 88 -16.59 24.48 -0.71
C PHE K 88 -15.48 24.82 -1.67
N THR K 89 -14.26 24.97 -1.14
CA THR K 89 -13.05 25.11 -1.96
C THR K 89 -12.08 24.00 -1.58
N LEU K 90 -11.82 23.08 -2.51
CA LEU K 90 -10.92 21.97 -2.25
C LEU K 90 -9.59 22.30 -2.85
N PRO K 91 -8.49 21.89 -2.19
CA PRO K 91 -7.15 22.02 -2.73
C PRO K 91 -6.93 21.01 -3.85
N ASP K 92 -5.74 21.01 -4.45
CA ASP K 92 -5.53 20.07 -5.54
C ASP K 92 -4.95 18.72 -5.11
N ASN K 93 -4.94 18.44 -3.82
CA ASN K 93 -4.48 17.15 -3.33
C ASN K 93 -5.48 16.42 -2.47
N LEU K 94 -6.70 16.93 -2.45
CA LEU K 94 -7.79 16.28 -1.75
C LEU K 94 -8.95 16.01 -2.69
N ALA K 95 -9.67 14.91 -2.47
CA ALA K 95 -10.94 14.68 -3.17
C ALA K 95 -12.08 14.55 -2.16
N GLY K 96 -13.29 14.86 -2.58
CA GLY K 96 -14.44 14.85 -1.69
C GLY K 96 -15.43 13.81 -2.11
N ARG K 97 -16.07 13.23 -1.12
CA ARG K 97 -17.18 12.33 -1.37
C ARG K 97 -18.39 12.87 -0.61
N LEU K 98 -19.50 13.04 -1.32
CA LEU K 98 -20.78 13.48 -0.74
C LEU K 98 -21.72 12.27 -0.48
N GLU K 99 -22.25 12.13 0.73
CA GLU K 99 -23.24 11.06 0.99
C GLU K 99 -24.39 11.64 1.76
N GLY K 100 -25.54 10.97 1.72
CA GLY K 100 -26.70 11.46 2.47
C GLY K 100 -26.49 11.21 3.94
N LYS K 101 -27.53 11.47 4.73
CA LYS K 101 -27.53 11.08 6.16
C LYS K 101 -28.49 9.93 6.42
N SER K 102 -28.05 8.93 7.17
CA SER K 102 -28.88 7.82 7.60
C SER K 102 -30.26 8.21 8.20
N SER K 103 -30.33 9.22 9.07
CA SER K 103 -31.62 9.69 9.59
C SER K 103 -32.64 10.08 8.53
N LEU K 104 -32.18 10.63 7.41
CA LEU K 104 -33.09 11.04 6.33
C LEU K 104 -33.37 9.91 5.34
N GLY K 105 -32.37 9.04 5.12
CA GLY K 105 -32.49 7.89 4.27
C GLY K 105 -33.61 7.05 4.77
N ARG K 106 -33.74 6.96 6.10
CA ARG K 106 -34.72 6.06 6.74
C ARG K 106 -36.13 6.61 6.67
N LEU K 107 -36.23 7.88 6.27
CA LEU K 107 -37.53 8.53 6.00
C LEU K 107 -37.98 8.43 4.55
N GLY K 108 -37.07 8.01 3.66
CA GLY K 108 -37.37 7.87 2.25
C GLY K 108 -36.87 9.06 1.44
N LEU K 109 -35.98 9.85 2.01
CA LEU K 109 -35.41 10.98 1.31
C LEU K 109 -34.04 10.60 0.71
N LEU K 110 -33.99 10.47 -0.61
CA LEU K 110 -32.74 10.29 -1.35
C LEU K 110 -32.25 11.69 -1.62
N THR K 111 -30.95 11.91 -1.42
CA THR K 111 -30.48 13.29 -1.27
C THR K 111 -29.52 13.82 -2.35
N HIS K 112 -28.55 13.02 -2.74
CA HIS K 112 -28.01 13.18 -4.09
C HIS K 112 -28.69 12.02 -4.77
N SER K 113 -28.40 11.80 -6.04
CA SER K 113 -28.69 10.49 -6.59
C SER K 113 -27.73 10.22 -7.75
N THR K 114 -27.00 9.11 -7.57
CA THR K 114 -26.09 8.48 -8.55
C THR K 114 -24.66 9.08 -8.64
N VAL K 115 -24.46 10.29 -8.10
CA VAL K 115 -23.15 10.97 -8.13
C VAL K 115 -22.45 10.84 -6.80
N GLY K 116 -21.18 11.24 -6.75
CA GLY K 116 -20.46 11.19 -5.50
C GLY K 116 -19.29 12.12 -5.46
N PHE K 117 -18.56 12.22 -6.57
CA PHE K 117 -17.22 12.84 -6.60
C PHE K 117 -17.22 14.35 -6.66
N ILE K 118 -16.44 14.96 -5.76
CA ILE K 118 -16.13 16.39 -5.77
C ILE K 118 -14.69 16.40 -6.20
N ASP K 119 -14.39 17.08 -7.30
CA ASP K 119 -13.05 17.03 -7.89
C ASP K 119 -12.02 17.91 -7.16
N PRO K 120 -10.75 17.47 -7.12
CA PRO K 120 -9.75 18.35 -6.55
C PRO K 120 -9.73 19.70 -7.27
N GLY K 121 -9.67 20.78 -6.52
CA GLY K 121 -9.70 22.11 -7.13
C GLY K 121 -11.08 22.69 -7.33
N PHE K 122 -12.12 21.91 -7.06
CA PHE K 122 -13.47 22.42 -7.19
C PHE K 122 -13.69 23.54 -6.20
N SER K 123 -14.47 24.54 -6.63
CA SER K 123 -14.87 25.64 -5.78
C SER K 123 -16.29 26.09 -6.12
N GLY K 124 -17.18 26.08 -5.15
CA GLY K 124 -18.53 26.55 -5.36
C GLY K 124 -19.47 25.85 -4.41
N HIS K 125 -20.77 26.12 -4.59
CA HIS K 125 -21.84 25.42 -3.87
C HIS K 125 -22.06 24.05 -4.50
N ILE K 126 -22.64 23.14 -3.73
CA ILE K 126 -22.98 21.83 -4.28
C ILE K 126 -24.47 21.72 -4.61
N THR K 127 -24.76 21.21 -5.80
CA THR K 127 -26.14 21.03 -6.25
C THR K 127 -26.57 19.65 -5.80
N LEU K 128 -27.79 19.55 -5.30
CA LEU K 128 -28.28 18.30 -4.72
C LEU K 128 -29.50 17.82 -5.45
N GLU K 129 -29.48 16.57 -5.87
CA GLU K 129 -30.64 15.95 -6.51
C GLU K 129 -31.55 15.32 -5.43
N LEU K 130 -32.68 15.94 -5.16
CA LEU K 130 -33.49 15.51 -4.04
C LEU K 130 -34.69 14.75 -4.52
N SER K 131 -34.95 13.62 -3.86
CA SER K 131 -35.89 12.61 -4.34
C SER K 131 -36.68 12.04 -3.18
N ASN K 132 -37.94 11.69 -3.41
CA ASN K 132 -38.77 11.12 -2.34
C ASN K 132 -39.27 9.75 -2.74
N VAL K 133 -38.99 8.72 -1.96
CA VAL K 133 -39.42 7.36 -2.29
C VAL K 133 -40.41 6.78 -1.29
N ALA K 134 -40.74 7.55 -0.27
CA ALA K 134 -41.83 7.16 0.62
C ALA K 134 -43.21 7.37 -0.05
N ASN K 135 -44.28 7.05 0.66
CA ASN K 135 -45.60 7.24 0.09
C ASN K 135 -46.24 8.48 0.67
N LEU K 136 -45.54 9.18 1.57
CA LEU K 136 -45.98 10.50 2.00
C LEU K 136 -45.07 11.64 1.52
N PRO K 137 -45.62 12.86 1.36
CA PRO K 137 -44.73 13.99 1.07
C PRO K 137 -43.84 14.27 2.26
N ILE K 138 -42.68 14.85 1.99
CA ILE K 138 -41.71 15.22 3.02
C ILE K 138 -41.51 16.74 2.98
N THR K 139 -41.55 17.36 4.16
CA THR K 139 -41.26 18.77 4.34
C THR K 139 -39.76 19.02 4.59
N LEU K 140 -39.12 19.69 3.67
CA LEU K 140 -37.74 20.06 3.84
C LEU K 140 -37.66 21.47 4.39
N TRP K 141 -36.89 21.64 5.47
CA TRP K 141 -36.73 22.93 6.08
C TRP K 141 -35.37 23.47 5.69
N PRO K 142 -35.34 24.65 5.03
CA PRO K 142 -34.07 25.33 4.72
C PRO K 142 -33.18 25.49 5.95
N GLY K 143 -31.90 25.17 5.80
CA GLY K 143 -30.93 25.23 6.88
C GLY K 143 -30.73 23.92 7.63
N MET K 144 -31.51 22.89 7.29
CA MET K 144 -31.46 21.61 7.96
C MET K 144 -30.26 20.89 7.46
N LYS K 145 -29.69 20.01 8.26
CA LYS K 145 -28.64 19.12 7.77
C LYS K 145 -29.25 18.20 6.73
N ILE K 146 -28.53 18.05 5.61
CA ILE K 146 -29.05 17.35 4.45
C ILE K 146 -28.11 16.26 3.92
N GLY K 147 -26.87 16.29 4.38
CA GLY K 147 -25.85 15.42 3.86
C GLY K 147 -24.55 15.58 4.60
N GLN K 148 -23.53 14.90 4.13
CA GLN K 148 -22.23 14.89 4.77
C GLN K 148 -21.10 14.64 3.77
N LEU K 149 -19.93 15.19 4.08
CA LEU K 149 -18.85 15.27 3.13
C LEU K 149 -17.59 14.79 3.78
N CYS K 150 -16.92 13.83 3.16
CA CYS K 150 -15.67 13.37 3.69
C CYS K 150 -14.60 13.64 2.65
N MET K 151 -13.34 13.63 3.07
CA MET K 151 -12.20 13.95 2.24
C MET K 151 -11.17 12.82 2.15
N LEU K 152 -10.76 12.52 0.92
CA LEU K 152 -9.81 11.46 0.61
C LEU K 152 -8.52 12.08 0.18
N ARG K 153 -7.39 11.60 0.70
CA ARG K 153 -6.09 11.99 0.14
C ARG K 153 -5.86 11.39 -1.25
N LEU K 154 -5.24 12.16 -2.13
CA LEU K 154 -4.83 11.65 -3.41
C LEU K 154 -3.41 11.16 -3.25
N THR K 155 -3.00 10.28 -4.14
CA THR K 155 -1.64 9.78 -4.19
C THR K 155 -0.60 10.87 -4.47
N SER K 156 -1.00 11.89 -5.24
CA SER K 156 -0.18 13.05 -5.54
C SER K 156 -1.12 14.15 -6.02
N PRO K 157 -0.67 15.43 -5.96
CA PRO K 157 -1.52 16.51 -6.44
C PRO K 157 -1.93 16.30 -7.86
N SER K 158 -3.16 16.72 -8.14
CA SER K 158 -3.73 16.76 -9.47
C SER K 158 -2.89 17.65 -10.36
N GLU K 159 -2.55 17.11 -11.53
CA GLU K 159 -1.79 17.78 -12.56
C GLU K 159 -2.65 18.89 -13.17
N HIS K 160 -3.88 18.54 -13.53
CA HIS K 160 -4.81 19.49 -14.10
C HIS K 160 -6.11 19.47 -13.32
N PRO K 161 -6.19 20.28 -12.23
CA PRO K 161 -7.30 20.31 -11.30
C PRO K 161 -8.59 20.76 -11.95
N TYR K 162 -9.65 20.77 -11.17
CA TYR K 162 -10.95 21.15 -11.67
C TYR K 162 -10.97 22.65 -11.89
N GLY K 163 -11.58 23.07 -12.99
CA GLY K 163 -11.63 24.48 -13.34
C GLY K 163 -10.50 24.88 -14.27
N SER K 164 -9.38 24.16 -14.24
CA SER K 164 -8.31 24.34 -15.24
C SER K 164 -8.87 24.04 -16.65
N SER K 165 -8.33 24.69 -17.68
CA SER K 165 -8.93 24.60 -19.03
C SER K 165 -8.71 23.24 -19.75
N ARG K 166 -7.67 22.52 -19.33
CA ARG K 166 -7.39 21.16 -19.81
C ARG K 166 -8.46 20.13 -19.37
N ALA K 167 -9.02 20.32 -18.17
CA ALA K 167 -10.12 19.49 -17.70
C ALA K 167 -11.47 19.78 -18.38
N GLY K 168 -11.68 21.01 -18.88
CA GLY K 168 -12.94 21.42 -19.56
C GLY K 168 -14.18 21.45 -18.65
N SER K 169 -14.00 21.97 -17.44
CA SER K 169 -15.00 21.86 -16.37
C SER K 169 -16.17 22.79 -16.55
N LYS K 170 -17.38 22.27 -16.30
CA LYS K 170 -18.64 22.98 -16.57
C LYS K 170 -19.20 23.84 -15.40
N TYR K 171 -18.75 23.56 -14.18
CA TYR K 171 -19.46 24.09 -13.00
C TYR K 171 -18.62 24.92 -12.03
N GLN K 172 -17.40 25.29 -12.42
CA GLN K 172 -16.51 26.03 -11.52
C GLN K 172 -17.15 27.32 -11.04
N GLY K 173 -17.13 27.53 -9.71
CA GLY K 173 -17.80 28.67 -9.05
C GLY K 173 -19.32 28.74 -9.13
N GLN K 174 -20.02 27.62 -9.01
CA GLN K 174 -21.49 27.63 -9.15
C GLN K 174 -22.21 28.08 -7.88
N ARG K 175 -23.39 28.65 -8.06
CA ARG K 175 -24.03 29.42 -7.00
C ARG K 175 -25.29 28.79 -6.46
N GLY K 176 -26.34 28.78 -7.27
CA GLY K 176 -27.63 28.26 -6.84
C GLY K 176 -27.74 26.80 -7.21
N PRO K 177 -28.99 26.26 -7.20
CA PRO K 177 -29.25 24.94 -7.80
C PRO K 177 -29.04 25.11 -9.30
N THR K 178 -27.89 24.66 -9.80
CA THR K 178 -27.52 24.92 -11.18
C THR K 178 -28.05 23.86 -12.14
N PRO K 179 -28.76 24.27 -13.23
CA PRO K 179 -29.26 23.27 -14.18
C PRO K 179 -28.11 22.54 -14.88
N SER K 180 -28.37 21.34 -15.37
CA SER K 180 -27.41 20.60 -16.18
C SER K 180 -26.81 21.36 -17.37
N ARG K 181 -25.51 21.13 -17.58
CA ARG K 181 -24.78 21.73 -18.68
C ARG K 181 -24.14 20.66 -19.55
N SER K 182 -24.79 19.51 -19.71
CA SER K 182 -24.17 18.41 -20.43
C SER K 182 -23.97 18.65 -21.91
N TYR K 183 -24.75 19.57 -22.48
CA TYR K 183 -24.69 19.87 -23.91
C TYR K 183 -23.34 20.43 -24.30
N GLN K 184 -22.69 21.10 -23.35
CA GLN K 184 -21.35 21.65 -23.53
C GLN K 184 -20.38 20.51 -23.74
N ASN K 185 -19.67 20.54 -24.87
CA ASN K 185 -18.68 19.52 -25.23
C ASN K 185 -19.24 18.08 -25.32
N PHE K 186 -20.52 17.97 -25.70
CA PHE K 186 -21.18 16.66 -25.79
C PHE K 186 -20.59 15.80 -26.93
N ILE K 187 -20.17 14.57 -26.57
CA ILE K 187 -19.67 13.57 -27.55
C ILE K 187 -20.64 12.35 -27.69
N ARG K 188 -20.64 11.72 -28.88
CA ARG K 188 -21.47 10.53 -29.16
C ARG K 188 -20.94 9.66 -30.31
N MET L 1 -84.03 6.35 -21.97
CA MET L 1 -84.20 6.54 -23.43
C MET L 1 -83.15 7.50 -23.91
N LEU L 2 -82.39 7.07 -24.91
CA LEU L 2 -81.22 7.80 -25.40
C LEU L 2 -81.46 8.50 -26.73
N LEU L 3 -81.18 9.81 -26.80
CA LEU L 3 -81.43 10.53 -28.08
C LEU L 3 -80.44 10.16 -29.18
N SER L 4 -80.99 9.98 -30.37
CA SER L 4 -80.21 9.65 -31.55
C SER L 4 -79.86 10.96 -32.21
N ASP L 5 -79.06 10.88 -33.26
CA ASP L 5 -78.62 12.06 -34.02
C ASP L 5 -79.79 12.94 -34.47
N ARG L 6 -80.80 12.30 -35.04
CA ARG L 6 -82.00 12.97 -35.53
C ARG L 6 -82.62 13.85 -34.44
N ASP L 7 -82.72 13.30 -33.23
CA ASP L 7 -83.45 13.96 -32.16
C ASP L 7 -82.58 14.93 -31.40
N LEU L 8 -81.27 14.78 -31.55
CA LEU L 8 -80.32 15.69 -30.97
C LEU L 8 -80.31 17.00 -31.73
N ARG L 9 -80.23 16.93 -33.06
CA ARG L 9 -80.29 18.11 -33.91
C ARG L 9 -81.59 18.86 -33.69
N ALA L 10 -82.68 18.10 -33.60
CA ALA L 10 -83.99 18.65 -33.33
C ALA L 10 -84.04 19.46 -32.02
N GLU L 11 -83.30 19.02 -31.00
CA GLU L 11 -83.26 19.70 -29.71
C GLU L 11 -82.44 20.97 -29.79
N ILE L 12 -81.40 20.92 -30.61
CA ILE L 12 -80.47 22.02 -30.73
C ILE L 12 -81.08 23.16 -31.54
N SER L 13 -81.68 22.82 -32.68
CA SER L 13 -82.24 23.84 -33.54
C SER L 13 -83.59 24.37 -33.00
N SER L 14 -84.18 23.67 -32.04
CA SER L 14 -85.36 24.18 -31.35
C SER L 14 -84.98 25.07 -30.15
N GLY L 15 -83.67 25.17 -29.88
CA GLY L 15 -83.13 26.02 -28.80
C GLY L 15 -83.26 25.48 -27.37
N ARG L 16 -83.72 24.25 -27.21
CA ARG L 16 -83.92 23.67 -25.85
C ARG L 16 -82.64 23.08 -25.25
N LEU L 17 -81.79 22.54 -26.12
CA LEU L 17 -80.45 22.14 -25.74
C LEU L 17 -79.49 23.15 -26.37
N GLY L 18 -78.72 23.82 -25.52
CA GLY L 18 -77.75 24.79 -25.98
C GLY L 18 -76.36 24.20 -26.14
N ILE L 19 -75.76 24.41 -27.31
CA ILE L 19 -74.34 24.16 -27.53
C ILE L 19 -73.79 25.37 -28.26
N ASP L 20 -72.72 25.94 -27.71
CA ASP L 20 -72.18 27.16 -28.25
C ASP L 20 -70.65 27.22 -28.12
N PRO L 21 -69.91 27.27 -29.26
CA PRO L 21 -70.43 27.23 -30.63
C PRO L 21 -70.84 25.81 -31.08
N PHE L 22 -71.97 25.72 -31.75
CA PHE L 22 -72.40 24.47 -32.35
C PHE L 22 -71.80 24.26 -33.77
N ASP L 23 -71.46 23.01 -34.06
CA ASP L 23 -70.99 22.62 -35.39
C ASP L 23 -71.63 21.29 -35.80
N ASP L 24 -72.41 21.31 -36.88
CA ASP L 24 -73.23 20.15 -37.29
C ASP L 24 -72.42 18.86 -37.56
N THR L 25 -71.18 19.03 -37.99
CA THR L 25 -70.34 17.90 -38.40
C THR L 25 -69.80 17.12 -37.21
N LEU L 26 -70.05 17.65 -36.03
CA LEU L 26 -69.68 17.00 -34.79
C LEU L 26 -70.73 16.01 -34.31
N VAL L 27 -71.94 16.08 -34.86
CA VAL L 27 -72.98 15.15 -34.49
C VAL L 27 -72.70 13.74 -34.99
N GLN L 28 -72.74 12.77 -34.08
CA GLN L 28 -72.39 11.38 -34.32
C GLN L 28 -73.66 10.61 -34.18
N PRO L 29 -73.67 9.28 -34.50
CA PRO L 29 -74.90 8.47 -34.47
C PRO L 29 -75.76 8.55 -33.19
N SER L 30 -75.10 8.73 -32.06
CA SER L 30 -75.81 8.62 -30.80
C SER L 30 -75.39 9.71 -29.84
N SER L 31 -74.43 10.54 -30.25
CA SER L 31 -73.83 11.52 -29.36
C SER L 31 -73.32 12.74 -30.12
N ILE L 32 -72.67 13.65 -29.43
CA ILE L 32 -72.02 14.76 -30.10
C ILE L 32 -70.60 14.97 -29.57
N ASP L 33 -69.61 14.88 -30.47
CA ASP L 33 -68.18 15.07 -30.14
C ASP L 33 -67.89 16.51 -29.62
N VAL L 34 -67.07 16.63 -28.56
CA VAL L 34 -66.75 17.93 -27.97
C VAL L 34 -65.27 18.21 -28.00
N ARG L 35 -64.91 19.49 -28.02
CA ARG L 35 -63.53 19.87 -28.26
C ARG L 35 -62.82 20.48 -27.05
N LEU L 36 -61.51 20.32 -27.00
CA LEU L 36 -60.68 20.85 -25.92
C LEU L 36 -60.40 22.35 -25.99
N ASP L 37 -60.57 23.02 -24.87
CA ASP L 37 -60.28 24.43 -24.78
C ASP L 37 -58.76 24.69 -24.75
N CYS L 38 -58.33 25.92 -24.50
CA CYS L 38 -56.89 26.21 -24.42
C CYS L 38 -56.37 26.62 -23.03
N LEU L 39 -57.17 26.44 -21.98
CA LEU L 39 -56.70 26.65 -20.63
C LEU L 39 -56.68 25.38 -19.81
N PHE L 40 -55.63 25.24 -18.99
CA PHE L 40 -55.43 24.10 -18.14
C PHE L 40 -55.10 24.54 -16.73
N ARG L 41 -55.33 23.66 -15.77
CA ARG L 41 -54.80 23.81 -14.40
C ARG L 41 -53.90 22.67 -13.96
N VAL L 42 -52.70 23.04 -13.52
CA VAL L 42 -51.69 22.08 -13.06
C VAL L 42 -51.52 22.13 -11.54
N PHE L 43 -51.21 20.97 -10.97
CA PHE L 43 -51.09 20.83 -9.53
C PHE L 43 -49.63 20.95 -9.17
N ASN L 44 -49.17 22.18 -9.03
CA ASN L 44 -47.75 22.39 -8.85
C ASN L 44 -47.44 23.21 -7.60
N ASN L 45 -48.36 23.20 -6.64
CA ASN L 45 -48.14 23.82 -5.35
C ASN L 45 -47.08 23.08 -4.55
N THR L 46 -46.28 23.81 -3.79
CA THR L 46 -45.28 23.20 -2.93
C THR L 46 -45.41 23.55 -1.44
N ARG L 47 -46.53 24.18 -1.05
CA ARG L 47 -46.76 24.55 0.36
C ARG L 47 -47.64 23.55 1.11
N TYR L 48 -48.74 23.11 0.50
CA TYR L 48 -49.62 22.11 1.11
C TYR L 48 -48.98 20.74 1.25
N THR L 49 -49.40 20.04 2.30
CA THR L 49 -48.86 18.74 2.62
C THR L 49 -49.87 17.66 2.33
N HIS L 50 -51.12 18.03 2.11
CA HIS L 50 -52.15 17.06 1.82
C HIS L 50 -53.39 17.76 1.29
N ILE L 51 -54.26 17.01 0.64
CA ILE L 51 -55.55 17.51 0.19
C ILE L 51 -56.64 17.12 1.14
N ASP L 52 -57.34 18.12 1.64
CA ASP L 52 -58.49 17.89 2.48
C ASP L 52 -59.75 18.40 1.77
N PRO L 53 -60.58 17.47 1.27
CA PRO L 53 -61.82 17.90 0.62
C PRO L 53 -62.69 18.87 1.45
N ALA L 54 -62.45 18.95 2.76
CA ALA L 54 -63.27 19.70 3.70
C ALA L 54 -62.82 21.16 3.81
N LYS L 55 -61.63 21.44 3.31
CA LYS L 55 -61.06 22.77 3.31
C LYS L 55 -60.93 23.28 1.89
N GLN L 56 -61.13 24.59 1.71
CA GLN L 56 -60.86 25.22 0.43
C GLN L 56 -59.37 25.38 0.37
N GLN L 57 -58.77 24.92 -0.72
CA GLN L 57 -57.34 25.07 -0.85
C GLN L 57 -57.01 25.85 -2.10
N ASP L 58 -56.98 27.16 -1.91
CA ASP L 58 -56.89 28.16 -2.96
C ASP L 58 -55.79 27.99 -3.98
N GLU L 59 -54.56 27.84 -3.50
CA GLU L 59 -53.41 27.88 -4.37
C GLU L 59 -52.96 26.50 -4.80
N LEU L 60 -53.90 25.56 -4.85
CA LEU L 60 -53.61 24.18 -5.16
C LEU L 60 -53.27 24.01 -6.61
N THR L 61 -53.79 24.89 -7.46
CA THR L 61 -53.66 24.78 -8.90
C THR L 61 -53.16 26.09 -9.51
N SER L 62 -52.49 26.00 -10.65
CA SER L 62 -52.08 27.15 -11.45
C SER L 62 -52.69 27.08 -12.83
N LEU L 63 -53.04 28.25 -13.37
CA LEU L 63 -53.56 28.37 -14.71
C LEU L 63 -52.41 28.42 -15.68
N VAL L 64 -52.52 27.64 -16.73
CA VAL L 64 -51.47 27.53 -17.76
C VAL L 64 -52.14 27.62 -19.14
N GLN L 65 -51.48 28.28 -20.09
CA GLN L 65 -52.04 28.34 -21.46
C GLN L 65 -50.97 28.13 -22.49
N PRO L 66 -51.07 27.06 -23.31
CA PRO L 66 -50.05 26.86 -24.30
C PRO L 66 -49.90 28.13 -25.13
N VAL L 67 -48.65 28.47 -25.43
CA VAL L 67 -48.28 29.44 -26.48
C VAL L 67 -49.03 29.04 -27.78
N ASP L 68 -49.58 30.02 -28.49
CA ASP L 68 -50.45 29.71 -29.64
C ASP L 68 -49.82 28.94 -30.80
N GLY L 69 -50.46 27.82 -31.15
CA GLY L 69 -49.96 26.88 -32.14
C GLY L 69 -49.24 25.71 -31.50
N GLU L 70 -48.80 25.89 -30.24
CA GLU L 70 -48.03 24.88 -29.49
C GLU L 70 -48.97 23.99 -28.72
N PRO L 71 -48.52 22.77 -28.37
CA PRO L 71 -49.37 21.88 -27.63
C PRO L 71 -49.10 21.97 -26.13
N PHE L 72 -50.05 21.46 -25.35
CA PHE L 72 -49.82 21.20 -23.95
C PHE L 72 -49.31 19.76 -23.82
N VAL L 73 -48.24 19.57 -23.06
CA VAL L 73 -47.66 18.24 -22.91
C VAL L 73 -48.05 17.64 -21.60
N LEU L 74 -48.81 16.56 -21.68
CA LEU L 74 -49.26 15.80 -20.53
C LEU L 74 -48.28 14.67 -20.23
N HIS L 75 -47.57 14.76 -19.13
CA HIS L 75 -46.57 13.75 -18.75
C HIS L 75 -47.18 12.47 -18.21
N PRO L 76 -46.49 11.32 -18.37
CA PRO L 76 -47.02 10.05 -17.83
C PRO L 76 -47.29 10.15 -16.35
N GLY L 77 -48.53 9.89 -15.97
CA GLY L 77 -48.90 9.84 -14.55
C GLY L 77 -49.18 11.21 -13.95
N GLU L 78 -49.23 12.22 -14.80
CA GLU L 78 -49.64 13.55 -14.41
C GLU L 78 -51.16 13.61 -14.49
N PHE L 79 -51.72 14.57 -13.75
CA PHE L 79 -53.15 14.82 -13.68
C PHE L 79 -53.38 16.33 -13.86
N VAL L 80 -54.17 16.75 -14.84
CA VAL L 80 -54.46 18.17 -15.05
C VAL L 80 -55.95 18.37 -15.27
N LEU L 81 -56.38 19.63 -15.22
CA LEU L 81 -57.76 19.98 -15.46
C LEU L 81 -57.82 20.79 -16.74
N GLY L 82 -58.81 20.45 -17.56
CA GLY L 82 -59.05 21.22 -18.79
C GLY L 82 -60.51 21.56 -18.90
N SER L 83 -60.87 22.15 -20.02
CA SER L 83 -62.23 22.65 -20.20
C SER L 83 -62.71 22.30 -21.58
N THR L 84 -64.02 22.34 -21.79
CA THR L 84 -64.61 22.24 -23.12
C THR L 84 -64.66 23.61 -23.83
N LEU L 85 -64.48 23.59 -25.14
CA LEU L 85 -64.59 24.80 -25.94
C LEU L 85 -66.04 25.28 -25.87
N GLU L 86 -66.96 24.35 -26.03
CA GLU L 86 -68.38 24.64 -26.05
C GLU L 86 -68.96 24.96 -24.64
N LEU L 87 -70.07 25.71 -24.60
CA LEU L 87 -70.87 25.92 -23.41
C LEU L 87 -72.20 25.20 -23.62
N PHE L 88 -72.52 24.34 -22.65
CA PHE L 88 -73.72 23.50 -22.68
C PHE L 88 -74.80 24.06 -21.78
N THR L 89 -76.05 24.04 -22.25
CA THR L 89 -77.21 24.42 -21.45
C THR L 89 -78.16 23.29 -21.68
N LEU L 90 -78.44 22.54 -20.63
CA LEU L 90 -79.42 21.47 -20.70
C LEU L 90 -80.77 21.98 -20.17
N PRO L 91 -81.87 21.48 -20.75
CA PRO L 91 -83.20 21.70 -20.20
C PRO L 91 -83.42 20.90 -18.92
N ASP L 92 -84.60 21.02 -18.33
CA ASP L 92 -84.85 20.28 -17.09
C ASP L 92 -85.49 18.92 -17.28
N ASN L 93 -85.56 18.44 -18.52
CA ASN L 93 -86.06 17.11 -18.82
C ASN L 93 -85.07 16.25 -19.60
N LEU L 94 -83.81 16.68 -19.64
CA LEU L 94 -82.76 15.89 -20.25
C LEU L 94 -81.58 15.73 -19.27
N ALA L 95 -80.86 14.62 -19.34
CA ALA L 95 -79.62 14.43 -18.61
C ALA L 95 -78.51 14.10 -19.60
N GLY L 96 -77.29 14.42 -19.24
CA GLY L 96 -76.21 14.22 -20.17
C GLY L 96 -75.24 13.27 -19.57
N ARG L 97 -74.52 12.56 -20.42
CA ARG L 97 -73.45 11.65 -19.98
C ARG L 97 -72.22 11.94 -20.81
N LEU L 98 -71.13 12.20 -20.14
CA LEU L 98 -69.90 12.53 -20.81
C LEU L 98 -68.96 11.29 -20.87
N GLU L 99 -68.48 10.90 -22.04
CA GLU L 99 -67.49 9.83 -22.14
C GLU L 99 -66.32 10.22 -23.03
N GLY L 100 -65.20 9.53 -22.92
CA GLY L 100 -64.04 9.87 -23.72
C GLY L 100 -64.26 9.31 -25.10
N LYS L 101 -63.24 9.40 -25.96
CA LYS L 101 -63.28 8.82 -27.29
C LYS L 101 -62.34 7.59 -27.35
N SER L 102 -62.78 6.54 -28.03
CA SER L 102 -62.01 5.34 -28.21
C SER L 102 -60.63 5.54 -28.85
N SER L 103 -60.51 6.45 -29.81
CA SER L 103 -59.21 6.81 -30.41
C SER L 103 -58.18 7.35 -29.40
N LEU L 104 -58.64 8.07 -28.39
CA LEU L 104 -57.74 8.62 -27.41
C LEU L 104 -57.47 7.64 -26.25
N GLY L 105 -58.48 6.87 -25.89
CA GLY L 105 -58.34 5.84 -24.90
C GLY L 105 -57.27 4.85 -25.31
N ARG L 106 -57.19 4.56 -26.59
CA ARG L 106 -56.23 3.56 -27.04
C ARG L 106 -54.80 4.08 -27.02
N LEU L 107 -54.65 5.40 -26.86
CA LEU L 107 -53.33 6.00 -26.74
C LEU L 107 -52.89 6.11 -25.30
N GLY L 108 -53.81 5.96 -24.36
CA GLY L 108 -53.48 6.02 -22.94
C GLY L 108 -53.90 7.31 -22.28
N LEU L 109 -54.78 8.06 -22.94
CA LEU L 109 -55.31 9.31 -22.46
C LEU L 109 -56.67 9.11 -21.81
N LEU L 110 -56.72 9.39 -20.50
CA LEU L 110 -57.97 9.43 -19.76
C LEU L 110 -58.45 10.87 -19.79
N THR L 111 -59.72 11.06 -20.12
CA THR L 111 -60.21 12.40 -20.37
C THR L 111 -61.07 12.88 -19.20
N HIS L 112 -61.35 11.99 -18.26
CA HIS L 112 -62.11 12.39 -17.09
C HIS L 112 -62.01 11.37 -15.94
N SER L 113 -62.55 11.70 -14.78
CA SER L 113 -62.07 11.00 -13.61
C SER L 113 -63.05 10.13 -12.82
N THR L 114 -63.79 9.25 -13.50
CA THR L 114 -64.75 8.36 -12.81
C THR L 114 -66.09 9.05 -12.58
N VAL L 115 -66.31 10.12 -13.34
CA VAL L 115 -67.49 10.97 -13.24
C VAL L 115 -68.28 10.81 -14.54
N GLY L 116 -69.56 11.17 -14.54
CA GLY L 116 -70.37 10.88 -15.70
C GLY L 116 -71.42 11.93 -15.83
N PHE L 117 -72.31 11.94 -14.86
CA PHE L 117 -73.54 12.72 -14.91
C PHE L 117 -73.34 14.21 -15.16
N ILE L 118 -74.09 14.79 -16.09
CA ILE L 118 -74.33 16.25 -16.25
C ILE L 118 -75.80 16.52 -15.91
N ASP L 119 -76.06 17.35 -14.91
CA ASP L 119 -77.41 17.46 -14.35
C ASP L 119 -78.45 18.24 -15.17
N PRO L 120 -79.73 17.81 -15.18
CA PRO L 120 -80.71 18.63 -15.85
C PRO L 120 -80.65 20.11 -15.39
N GLY L 121 -80.73 21.04 -16.35
CA GLY L 121 -80.65 22.47 -16.03
C GLY L 121 -79.24 23.01 -15.84
N PHE L 122 -78.22 22.16 -15.98
CA PHE L 122 -76.85 22.64 -15.95
C PHE L 122 -76.55 23.57 -17.13
N SER L 123 -75.77 24.61 -16.87
CA SER L 123 -75.38 25.60 -17.88
C SER L 123 -73.94 26.10 -17.68
N GLY L 124 -73.06 25.82 -18.62
CA GLY L 124 -71.71 26.21 -18.44
C GLY L 124 -70.82 25.36 -19.30
N HIS L 125 -69.50 25.57 -19.15
CA HIS L 125 -68.46 24.75 -19.75
C HIS L 125 -68.24 23.46 -18.88
N ILE L 126 -67.62 22.46 -19.44
CA ILE L 126 -67.40 21.29 -18.67
C ILE L 126 -65.93 21.18 -18.33
N THR L 127 -65.64 20.84 -17.08
CA THR L 127 -64.26 20.72 -16.63
C THR L 127 -63.88 19.26 -16.84
N LEU L 128 -62.67 19.05 -17.38
CA LEU L 128 -62.20 17.74 -17.74
C LEU L 128 -60.99 17.38 -16.94
N GLU L 129 -61.02 16.20 -16.35
CA GLU L 129 -59.89 15.69 -15.60
C GLU L 129 -59.03 14.87 -16.55
N LEU L 130 -57.88 15.40 -16.95
CA LEU L 130 -57.08 14.71 -17.95
C LEU L 130 -55.90 13.96 -17.34
N SER L 131 -55.65 12.77 -17.83
CA SER L 131 -54.73 11.84 -17.17
C SER L 131 -54.02 10.99 -18.22
N ASN L 132 -52.74 10.71 -18.00
CA ASN L 132 -51.97 9.94 -18.95
C ASN L 132 -51.56 8.64 -18.28
N VAL L 133 -51.85 7.49 -18.89
CA VAL L 133 -51.41 6.20 -18.32
C VAL L 133 -50.43 5.42 -19.21
N ALA L 134 -50.06 6.01 -20.34
CA ALA L 134 -49.01 5.46 -21.18
C ALA L 134 -47.60 5.75 -20.62
N ASN L 135 -46.57 5.18 -21.22
CA ASN L 135 -45.24 5.50 -20.72
C ASN L 135 -44.57 6.66 -21.48
N LEU L 136 -45.23 7.23 -22.46
CA LEU L 136 -44.73 8.43 -23.07
C LEU L 136 -45.66 9.60 -22.78
N PRO L 137 -45.13 10.85 -22.83
CA PRO L 137 -45.97 12.03 -22.77
C PRO L 137 -46.83 12.15 -23.98
N ILE L 138 -48.02 12.70 -23.81
CA ILE L 138 -48.94 12.95 -24.90
C ILE L 138 -49.06 14.45 -25.15
N THR L 139 -49.02 14.88 -26.41
CA THR L 139 -49.25 16.29 -26.75
C THR L 139 -50.75 16.55 -27.04
N LEU L 140 -51.39 17.35 -26.22
CA LEU L 140 -52.77 17.76 -26.48
C LEU L 140 -52.82 19.06 -27.26
N TRP L 141 -53.58 19.07 -28.34
CA TRP L 141 -53.71 20.25 -29.17
C TRP L 141 -55.06 20.90 -28.82
N PRO L 142 -55.03 22.17 -28.35
CA PRO L 142 -56.26 22.95 -28.21
C PRO L 142 -57.12 22.88 -29.47
N GLY L 143 -58.43 22.68 -29.27
CA GLY L 143 -59.42 22.57 -30.36
C GLY L 143 -59.66 21.17 -30.89
N MET L 144 -58.89 20.21 -30.36
CA MET L 144 -58.99 18.83 -30.77
C MET L 144 -60.23 18.23 -30.17
N LYS L 145 -60.80 17.22 -30.83
CA LYS L 145 -61.87 16.47 -30.19
C LYS L 145 -61.29 15.70 -28.98
N ILE L 146 -62.01 15.75 -27.87
CA ILE L 146 -61.49 15.26 -26.62
C ILE L 146 -62.49 14.35 -25.93
N GLY L 147 -63.72 14.32 -26.41
CA GLY L 147 -64.73 13.52 -25.76
C GLY L 147 -66.05 13.67 -26.46
N GLN L 148 -67.10 13.14 -25.85
CA GLN L 148 -68.41 13.06 -26.47
C GLN L 148 -69.51 13.04 -25.43
N LEU L 149 -70.70 13.48 -25.83
CA LEU L 149 -71.76 13.75 -24.92
C LEU L 149 -73.03 13.24 -25.52
N CYS L 150 -73.73 12.38 -24.78
CA CYS L 150 -75.02 11.90 -25.22
C CYS L 150 -76.09 12.37 -24.24
N MET L 151 -77.34 12.33 -24.66
CA MET L 151 -78.46 12.82 -23.84
C MET L 151 -79.49 11.72 -23.52
N LEU L 152 -79.87 11.65 -22.25
CA LEU L 152 -80.88 10.74 -21.80
C LEU L 152 -82.16 11.49 -21.48
N ARG L 153 -83.32 10.98 -21.91
CA ARG L 153 -84.63 11.47 -21.43
C ARG L 153 -84.90 11.09 -19.99
N LEU L 154 -85.41 12.03 -19.21
CA LEU L 154 -85.89 11.75 -17.90
C LEU L 154 -87.34 11.30 -17.94
N THR L 155 -87.75 10.57 -16.92
CA THR L 155 -89.12 10.09 -16.79
C THR L 155 -90.12 11.24 -16.71
N SER L 156 -89.68 12.35 -16.12
CA SER L 156 -90.50 13.57 -15.99
C SER L 156 -89.53 14.70 -15.70
N PRO L 157 -89.92 15.95 -16.00
CA PRO L 157 -89.01 17.06 -15.71
C PRO L 157 -88.57 17.13 -14.26
N SER L 158 -87.32 17.50 -14.08
CA SER L 158 -86.74 17.74 -12.77
C SER L 158 -87.51 18.80 -12.00
N GLU L 159 -87.88 18.45 -10.78
CA GLU L 159 -88.62 19.31 -9.86
C GLU L 159 -87.75 20.50 -9.44
N HIS L 160 -86.52 20.19 -9.02
CA HIS L 160 -85.56 21.21 -8.59
C HIS L 160 -84.28 21.01 -9.36
N PRO L 161 -84.18 21.63 -10.57
CA PRO L 161 -83.09 21.44 -11.50
C PRO L 161 -81.77 21.94 -10.96
N TYR L 162 -80.70 21.76 -11.73
CA TYR L 162 -79.39 22.17 -11.30
C TYR L 162 -79.32 23.69 -11.30
N GLY L 163 -78.68 24.24 -10.27
CA GLY L 163 -78.57 25.67 -10.11
C GLY L 163 -79.66 26.24 -9.22
N SER L 164 -80.80 25.56 -9.14
CA SER L 164 -81.87 25.99 -8.27
C SER L 164 -81.32 25.90 -6.85
N SER L 165 -81.84 26.73 -5.95
CA SER L 165 -81.23 26.86 -4.63
C SER L 165 -81.48 25.65 -3.72
N ARG L 166 -82.56 24.90 -4.00
CA ARG L 166 -82.88 23.65 -3.28
C ARG L 166 -81.84 22.54 -3.54
N ALA L 167 -81.24 22.53 -4.73
CA ALA L 167 -80.19 21.56 -5.07
C ALA L 167 -78.85 21.88 -4.41
N GLY L 168 -78.58 23.16 -4.15
CA GLY L 168 -77.31 23.63 -3.55
C GLY L 168 -76.10 23.49 -4.45
N SER L 169 -76.25 23.81 -5.74
CA SER L 169 -75.28 23.51 -6.78
C SER L 169 -74.07 24.41 -6.76
N LYS L 170 -72.89 23.85 -6.97
CA LYS L 170 -71.63 24.57 -6.77
C LYS L 170 -71.04 25.18 -8.04
N TYR L 171 -71.49 24.68 -9.20
CA TYR L 171 -70.80 24.99 -10.47
C TYR L 171 -71.60 25.70 -11.55
N GLN L 172 -72.82 26.18 -11.24
CA GLN L 172 -73.65 26.86 -12.24
C GLN L 172 -72.95 28.05 -12.92
N GLY L 173 -73.03 28.07 -14.26
CA GLY L 173 -72.32 29.02 -15.10
C GLY L 173 -70.79 29.06 -15.01
N GLN L 174 -70.13 27.92 -14.96
CA GLN L 174 -68.68 27.89 -14.81
C GLN L 174 -67.95 28.14 -16.14
N ARG L 175 -66.75 28.70 -16.04
CA ARG L 175 -66.08 29.24 -17.21
C ARG L 175 -64.85 28.48 -17.72
N GLY L 176 -63.76 28.59 -16.96
CA GLY L 176 -62.54 27.88 -17.32
C GLY L 176 -62.49 26.48 -16.72
N PRO L 177 -61.26 25.90 -16.66
CA PRO L 177 -61.02 24.75 -15.78
C PRO L 177 -61.21 25.19 -14.32
N THR L 178 -62.35 24.85 -13.75
CA THR L 178 -62.69 25.34 -12.41
C THR L 178 -62.18 24.41 -11.32
N PRO L 179 -61.47 24.95 -10.32
CA PRO L 179 -61.01 24.08 -9.24
C PRO L 179 -62.19 23.52 -8.45
N SER L 180 -61.95 22.45 -7.70
CA SER L 180 -62.96 21.85 -6.82
C SER L 180 -63.51 22.81 -5.76
N ARG L 181 -64.81 22.68 -5.53
CA ARG L 181 -65.48 23.48 -4.52
C ARG L 181 -66.17 22.60 -3.51
N SER L 182 -65.56 21.46 -3.15
CA SER L 182 -66.21 20.50 -2.25
C SER L 182 -66.36 20.97 -0.82
N TYR L 183 -65.55 21.93 -0.39
CA TYR L 183 -65.60 22.48 0.96
C TYR L 183 -66.93 23.16 1.25
N GLN L 184 -67.55 23.74 0.20
CA GLN L 184 -68.89 24.30 0.29
C GLN L 184 -69.86 23.20 0.65
N ASN L 185 -70.57 23.43 1.74
CA ASN L 185 -71.61 22.51 2.24
C ASN L 185 -71.12 21.11 2.63
N PHE L 186 -69.83 20.99 2.97
CA PHE L 186 -69.24 19.69 3.29
C PHE L 186 -69.84 19.05 4.55
N ILE L 187 -70.25 17.78 4.41
CA ILE L 187 -70.75 17.01 5.55
C ILE L 187 -69.84 15.83 5.89
N ARG L 188 -69.86 15.40 7.15
CA ARG L 188 -69.08 14.26 7.62
C ARG L 188 -69.71 13.56 8.86
N SER L 189 -69.12 12.47 9.31
CA SER L 189 -69.65 11.80 10.49
C SER L 189 -68.96 12.33 11.75
#